data_4RSK
# 
_entry.id   4RSK 
# 
_audit_conform.dict_name       mmcif_pdbx.dic 
_audit_conform.dict_version    5.397 
_audit_conform.dict_location   http://mmcif.pdb.org/dictionaries/ascii/mmcif_pdbx.dic 
# 
loop_
_database_2.database_id 
_database_2.database_code 
_database_2.pdbx_database_accession 
_database_2.pdbx_DOI 
PDB   4RSK         pdb_00004rsk 10.2210/pdb4rsk/pdb 
WWPDB D_1000179414 ?            ?                   
# 
loop_
_pdbx_audit_revision_history.ordinal 
_pdbx_audit_revision_history.data_content_type 
_pdbx_audit_revision_history.major_revision 
_pdbx_audit_revision_history.minor_revision 
_pdbx_audit_revision_history.revision_date 
1 'Structure model' 1 0 1998-12-09 
2 'Structure model' 1 1 2008-03-25 
3 'Structure model' 1 2 2011-07-13 
4 'Structure model' 1 3 2021-11-03 
5 'Structure model' 1 4 2023-08-09 
6 'Structure model' 1 5 2024-10-23 
# 
_pdbx_audit_revision_details.ordinal             1 
_pdbx_audit_revision_details.revision_ordinal    1 
_pdbx_audit_revision_details.data_content_type   'Structure model' 
_pdbx_audit_revision_details.provider            repository 
_pdbx_audit_revision_details.type                'Initial release' 
_pdbx_audit_revision_details.description         ? 
_pdbx_audit_revision_details.details             ? 
# 
loop_
_pdbx_audit_revision_group.ordinal 
_pdbx_audit_revision_group.revision_ordinal 
_pdbx_audit_revision_group.data_content_type 
_pdbx_audit_revision_group.group 
1 2 'Structure model' 'Version format compliance' 
2 3 'Structure model' 'Version format compliance' 
3 4 'Structure model' 'Database references'       
4 4 'Structure model' 'Derived calculations'      
5 5 'Structure model' 'Refinement description'    
6 6 'Structure model' 'Data collection'           
7 6 'Structure model' 'Structure summary'         
# 
loop_
_pdbx_audit_revision_category.ordinal 
_pdbx_audit_revision_category.revision_ordinal 
_pdbx_audit_revision_category.data_content_type 
_pdbx_audit_revision_category.category 
1 4 'Structure model' database_2                    
2 4 'Structure model' struct_ref_seq_dif            
3 4 'Structure model' struct_site                   
4 5 'Structure model' pdbx_initial_refinement_model 
5 6 'Structure model' chem_comp_atom                
6 6 'Structure model' chem_comp_bond                
7 6 'Structure model' pdbx_entry_details            
8 6 'Structure model' pdbx_modification_feature     
# 
loop_
_pdbx_audit_revision_item.ordinal 
_pdbx_audit_revision_item.revision_ordinal 
_pdbx_audit_revision_item.data_content_type 
_pdbx_audit_revision_item.item 
1 4 'Structure model' '_database_2.pdbx_DOI'                
2 4 'Structure model' '_database_2.pdbx_database_accession' 
3 4 'Structure model' '_struct_ref_seq_dif.details'         
4 4 'Structure model' '_struct_site.pdbx_auth_asym_id'      
5 4 'Structure model' '_struct_site.pdbx_auth_comp_id'      
6 4 'Structure model' '_struct_site.pdbx_auth_seq_id'       
# 
_pdbx_database_status.status_code                     REL 
_pdbx_database_status.entry_id                        4RSK 
_pdbx_database_status.recvd_initial_deposition_date   1998-04-09 
_pdbx_database_status.deposit_site                    ? 
_pdbx_database_status.process_site                    BNL 
_pdbx_database_status.SG_entry                        . 
_pdbx_database_status.pdb_format_compatible           Y 
_pdbx_database_status.status_code_mr                  ? 
_pdbx_database_status.status_code_sf                  ? 
_pdbx_database_status.status_code_cs                  ? 
_pdbx_database_status.status_code_nmr_data            ? 
_pdbx_database_status.methods_development_category    ? 
# 
loop_
_audit_author.name 
_audit_author.pdbx_ordinal 
'Schultz, L.W.' 1 
'Fisher, B.M.'  2 
'Raines, R.T.'  3 
# 
_citation.id                        primary 
_citation.title                     'Coulombic Effects of Remote Subsites on the Active Site of Ribonuclease A' 
_citation.journal_abbrev            Biochemistry 
_citation.journal_volume            37 
_citation.page_first                17386 
_citation.page_last                 17401 
_citation.year                      1998 
_citation.journal_id_ASTM           BICHAW 
_citation.country                   US 
_citation.journal_id_ISSN           0006-2960 
_citation.journal_id_CSD            0033 
_citation.book_publisher            ? 
_citation.pdbx_database_id_PubMed   9860854 
_citation.pdbx_database_id_DOI      10.1021/bi981369s 
# 
loop_
_citation_author.citation_id 
_citation_author.name 
_citation_author.ordinal 
_citation_author.identifier_ORCID 
primary 'Fisher, B.M.'  1 ? 
primary 'Schultz, L.W.' 2 ? 
primary 'Raines, R.T.'  3 ? 
# 
loop_
_entity.id 
_entity.type 
_entity.src_method 
_entity.pdbx_description 
_entity.formula_weight 
_entity.pdbx_number_of_molecules 
_entity.pdbx_ec 
_entity.pdbx_mutation 
_entity.pdbx_fragment 
_entity.details 
1 polymer     man 'RIBONUCLEASE A'          13506.006 1  3.1.27.5 'K7A, R10A, K66A' ? ? 
2 non-polymer syn "3'-URIDINEMONOPHOSPHATE" 324.181   1  ?        ?                 ? ? 
3 water       nat water                     18.015    94 ?        ?                 ? ? 
# 
_entity_poly.entity_id                      1 
_entity_poly.type                           'polypeptide(L)' 
_entity_poly.nstd_linkage                   no 
_entity_poly.nstd_monomer                   no 
_entity_poly.pdbx_seq_one_letter_code       
;KETAAAAFEAQHMDSSTSAASSSNYCNQMMKSRNLTKDRCKPVNTFVHESLADVQAVCSQKNVACANGQTNCYQSYSTMS
ITDCRETGSSKYPNCAYKTTQANKHIIVACEGNPYVPVHFDASV
;
_entity_poly.pdbx_seq_one_letter_code_can   
;KETAAAAFEAQHMDSSTSAASSSNYCNQMMKSRNLTKDRCKPVNTFVHESLADVQAVCSQKNVACANGQTNCYQSYSTMS
ITDCRETGSSKYPNCAYKTTQANKHIIVACEGNPYVPVHFDASV
;
_entity_poly.pdbx_strand_id                 A 
_entity_poly.pdbx_target_identifier         ? 
# 
loop_
_pdbx_entity_nonpoly.entity_id 
_pdbx_entity_nonpoly.name 
_pdbx_entity_nonpoly.comp_id 
2 "3'-URIDINEMONOPHOSPHATE" U3P 
3 water                     HOH 
# 
loop_
_entity_poly_seq.entity_id 
_entity_poly_seq.num 
_entity_poly_seq.mon_id 
_entity_poly_seq.hetero 
1 1   LYS n 
1 2   GLU n 
1 3   THR n 
1 4   ALA n 
1 5   ALA n 
1 6   ALA n 
1 7   ALA n 
1 8   PHE n 
1 9   GLU n 
1 10  ALA n 
1 11  GLN n 
1 12  HIS n 
1 13  MET n 
1 14  ASP n 
1 15  SER n 
1 16  SER n 
1 17  THR n 
1 18  SER n 
1 19  ALA n 
1 20  ALA n 
1 21  SER n 
1 22  SER n 
1 23  SER n 
1 24  ASN n 
1 25  TYR n 
1 26  CYS n 
1 27  ASN n 
1 28  GLN n 
1 29  MET n 
1 30  MET n 
1 31  LYS n 
1 32  SER n 
1 33  ARG n 
1 34  ASN n 
1 35  LEU n 
1 36  THR n 
1 37  LYS n 
1 38  ASP n 
1 39  ARG n 
1 40  CYS n 
1 41  LYS n 
1 42  PRO n 
1 43  VAL n 
1 44  ASN n 
1 45  THR n 
1 46  PHE n 
1 47  VAL n 
1 48  HIS n 
1 49  GLU n 
1 50  SER n 
1 51  LEU n 
1 52  ALA n 
1 53  ASP n 
1 54  VAL n 
1 55  GLN n 
1 56  ALA n 
1 57  VAL n 
1 58  CYS n 
1 59  SER n 
1 60  GLN n 
1 61  LYS n 
1 62  ASN n 
1 63  VAL n 
1 64  ALA n 
1 65  CYS n 
1 66  ALA n 
1 67  ASN n 
1 68  GLY n 
1 69  GLN n 
1 70  THR n 
1 71  ASN n 
1 72  CYS n 
1 73  TYR n 
1 74  GLN n 
1 75  SER n 
1 76  TYR n 
1 77  SER n 
1 78  THR n 
1 79  MET n 
1 80  SER n 
1 81  ILE n 
1 82  THR n 
1 83  ASP n 
1 84  CYS n 
1 85  ARG n 
1 86  GLU n 
1 87  THR n 
1 88  GLY n 
1 89  SER n 
1 90  SER n 
1 91  LYS n 
1 92  TYR n 
1 93  PRO n 
1 94  ASN n 
1 95  CYS n 
1 96  ALA n 
1 97  TYR n 
1 98  LYS n 
1 99  THR n 
1 100 THR n 
1 101 GLN n 
1 102 ALA n 
1 103 ASN n 
1 104 LYS n 
1 105 HIS n 
1 106 ILE n 
1 107 ILE n 
1 108 VAL n 
1 109 ALA n 
1 110 CYS n 
1 111 GLU n 
1 112 GLY n 
1 113 ASN n 
1 114 PRO n 
1 115 TYR n 
1 116 VAL n 
1 117 PRO n 
1 118 VAL n 
1 119 HIS n 
1 120 PHE n 
1 121 ASP n 
1 122 ALA n 
1 123 SER n 
1 124 VAL n 
# 
_entity_src_gen.entity_id                          1 
_entity_src_gen.pdbx_src_id                        1 
_entity_src_gen.pdbx_alt_source_flag               sample 
_entity_src_gen.pdbx_seq_type                      ? 
_entity_src_gen.pdbx_beg_seq_num                   ? 
_entity_src_gen.pdbx_end_seq_num                   ? 
_entity_src_gen.gene_src_common_name               cattle 
_entity_src_gen.gene_src_genus                     Bos 
_entity_src_gen.pdbx_gene_src_gene                 ? 
_entity_src_gen.gene_src_species                   ? 
_entity_src_gen.gene_src_strain                    ? 
_entity_src_gen.gene_src_tissue                    ? 
_entity_src_gen.gene_src_tissue_fraction           ? 
_entity_src_gen.gene_src_details                   ? 
_entity_src_gen.pdbx_gene_src_fragment             ? 
_entity_src_gen.pdbx_gene_src_scientific_name      'Bos taurus' 
_entity_src_gen.pdbx_gene_src_ncbi_taxonomy_id     9913 
_entity_src_gen.pdbx_gene_src_variant              ? 
_entity_src_gen.pdbx_gene_src_cell_line            BL21 
_entity_src_gen.pdbx_gene_src_atcc                 ? 
_entity_src_gen.pdbx_gene_src_organ                PANCREAS 
_entity_src_gen.pdbx_gene_src_organelle            ? 
_entity_src_gen.pdbx_gene_src_cell                 ? 
_entity_src_gen.pdbx_gene_src_cellular_location    ? 
_entity_src_gen.host_org_common_name               ? 
_entity_src_gen.pdbx_host_org_scientific_name      'Escherichia coli BL21(DE3)' 
_entity_src_gen.pdbx_host_org_ncbi_taxonomy_id     469008 
_entity_src_gen.host_org_genus                     Escherichia 
_entity_src_gen.pdbx_host_org_gene                 ? 
_entity_src_gen.pdbx_host_org_organ                ? 
_entity_src_gen.host_org_species                   'Escherichia coli' 
_entity_src_gen.pdbx_host_org_tissue               ? 
_entity_src_gen.pdbx_host_org_tissue_fraction      ? 
_entity_src_gen.pdbx_host_org_strain               'BL21 (DE3)' 
_entity_src_gen.pdbx_host_org_variant              ? 
_entity_src_gen.pdbx_host_org_cell_line            ? 
_entity_src_gen.pdbx_host_org_atcc                 ? 
_entity_src_gen.pdbx_host_org_culture_collection   ? 
_entity_src_gen.pdbx_host_org_cell                 ? 
_entity_src_gen.pdbx_host_org_organelle            ? 
_entity_src_gen.pdbx_host_org_cellular_location    'INCLUSION BODIES' 
_entity_src_gen.pdbx_host_org_vector_type          ? 
_entity_src_gen.pdbx_host_org_vector               PET-22 
_entity_src_gen.host_org_details                   ? 
_entity_src_gen.expression_system_id               ? 
_entity_src_gen.plasmid_name                       PBXR 
_entity_src_gen.plasmid_details                    ? 
_entity_src_gen.pdbx_description                   ? 
# 
loop_
_chem_comp.id 
_chem_comp.type 
_chem_comp.mon_nstd_flag 
_chem_comp.name 
_chem_comp.pdbx_synonyms 
_chem_comp.formula 
_chem_comp.formula_weight 
ALA 'L-peptide linking' y ALANINE                   ? 'C3 H7 N O2'     89.093  
ARG 'L-peptide linking' y ARGININE                  ? 'C6 H15 N4 O2 1' 175.209 
ASN 'L-peptide linking' y ASPARAGINE                ? 'C4 H8 N2 O3'    132.118 
ASP 'L-peptide linking' y 'ASPARTIC ACID'           ? 'C4 H7 N O4'     133.103 
CYS 'L-peptide linking' y CYSTEINE                  ? 'C3 H7 N O2 S'   121.158 
GLN 'L-peptide linking' y GLUTAMINE                 ? 'C5 H10 N2 O3'   146.144 
GLU 'L-peptide linking' y 'GLUTAMIC ACID'           ? 'C5 H9 N O4'     147.129 
GLY 'peptide linking'   y GLYCINE                   ? 'C2 H5 N O2'     75.067  
HIS 'L-peptide linking' y HISTIDINE                 ? 'C6 H10 N3 O2 1' 156.162 
HOH non-polymer         . WATER                     ? 'H2 O'           18.015  
ILE 'L-peptide linking' y ISOLEUCINE                ? 'C6 H13 N O2'    131.173 
LEU 'L-peptide linking' y LEUCINE                   ? 'C6 H13 N O2'    131.173 
LYS 'L-peptide linking' y LYSINE                    ? 'C6 H15 N2 O2 1' 147.195 
MET 'L-peptide linking' y METHIONINE                ? 'C5 H11 N O2 S'  149.211 
PHE 'L-peptide linking' y PHENYLALANINE             ? 'C9 H11 N O2'    165.189 
PRO 'L-peptide linking' y PROLINE                   ? 'C5 H9 N O2'     115.130 
SER 'L-peptide linking' y SERINE                    ? 'C3 H7 N O3'     105.093 
THR 'L-peptide linking' y THREONINE                 ? 'C4 H9 N O3'     119.119 
TYR 'L-peptide linking' y TYROSINE                  ? 'C9 H11 N O3'    181.189 
U3P non-polymer         . "3'-URIDINEMONOPHOSPHATE" ? 'C9 H13 N2 O9 P' 324.181 
VAL 'L-peptide linking' y VALINE                    ? 'C5 H11 N O2'    117.146 
# 
loop_
_pdbx_poly_seq_scheme.asym_id 
_pdbx_poly_seq_scheme.entity_id 
_pdbx_poly_seq_scheme.seq_id 
_pdbx_poly_seq_scheme.mon_id 
_pdbx_poly_seq_scheme.ndb_seq_num 
_pdbx_poly_seq_scheme.pdb_seq_num 
_pdbx_poly_seq_scheme.auth_seq_num 
_pdbx_poly_seq_scheme.pdb_mon_id 
_pdbx_poly_seq_scheme.auth_mon_id 
_pdbx_poly_seq_scheme.pdb_strand_id 
_pdbx_poly_seq_scheme.pdb_ins_code 
_pdbx_poly_seq_scheme.hetero 
A 1 1   LYS 1   1   1   LYS LYS A . n 
A 1 2   GLU 2   2   2   GLU GLU A . n 
A 1 3   THR 3   3   3   THR THR A . n 
A 1 4   ALA 4   4   4   ALA ALA A . n 
A 1 5   ALA 5   5   5   ALA ALA A . n 
A 1 6   ALA 6   6   6   ALA ALA A . n 
A 1 7   ALA 7   7   7   ALA ALA A . n 
A 1 8   PHE 8   8   8   PHE PHE A . n 
A 1 9   GLU 9   9   9   GLU GLU A . n 
A 1 10  ALA 10  10  10  ALA ALA A . n 
A 1 11  GLN 11  11  11  GLN GLN A . n 
A 1 12  HIS 12  12  12  HIS HIS A . n 
A 1 13  MET 13  13  13  MET MET A . n 
A 1 14  ASP 14  14  14  ASP ASP A . n 
A 1 15  SER 15  15  15  SER SER A . n 
A 1 16  SER 16  16  16  SER SER A . n 
A 1 17  THR 17  17  17  THR THR A . n 
A 1 18  SER 18  18  18  SER SER A . n 
A 1 19  ALA 19  19  19  ALA ALA A . n 
A 1 20  ALA 20  20  20  ALA ALA A . n 
A 1 21  SER 21  21  21  SER SER A . n 
A 1 22  SER 22  22  22  SER SER A . n 
A 1 23  SER 23  23  23  SER SER A . n 
A 1 24  ASN 24  24  24  ASN ASN A . n 
A 1 25  TYR 25  25  25  TYR TYR A . n 
A 1 26  CYS 26  26  26  CYS CYS A . n 
A 1 27  ASN 27  27  27  ASN ASN A . n 
A 1 28  GLN 28  28  28  GLN GLN A . n 
A 1 29  MET 29  29  29  MET MET A . n 
A 1 30  MET 30  30  30  MET MET A . n 
A 1 31  LYS 31  31  31  LYS LYS A . n 
A 1 32  SER 32  32  32  SER SER A . n 
A 1 33  ARG 33  33  33  ARG ARG A . n 
A 1 34  ASN 34  34  34  ASN ASN A . n 
A 1 35  LEU 35  35  35  LEU LEU A . n 
A 1 36  THR 36  36  36  THR THR A . n 
A 1 37  LYS 37  37  37  LYS LYS A . n 
A 1 38  ASP 38  38  38  ASP ASP A . n 
A 1 39  ARG 39  39  39  ARG ARG A . n 
A 1 40  CYS 40  40  40  CYS CYS A . n 
A 1 41  LYS 41  41  41  LYS LYS A . n 
A 1 42  PRO 42  42  42  PRO PRO A . n 
A 1 43  VAL 43  43  43  VAL VAL A . n 
A 1 44  ASN 44  44  44  ASN ASN A . n 
A 1 45  THR 45  45  45  THR THR A . n 
A 1 46  PHE 46  46  46  PHE PHE A . n 
A 1 47  VAL 47  47  47  VAL VAL A . n 
A 1 48  HIS 48  48  48  HIS HIS A . n 
A 1 49  GLU 49  49  49  GLU GLU A . n 
A 1 50  SER 50  50  50  SER SER A . n 
A 1 51  LEU 51  51  51  LEU LEU A . n 
A 1 52  ALA 52  52  52  ALA ALA A . n 
A 1 53  ASP 53  53  53  ASP ASP A . n 
A 1 54  VAL 54  54  54  VAL VAL A . n 
A 1 55  GLN 55  55  55  GLN GLN A . n 
A 1 56  ALA 56  56  56  ALA ALA A . n 
A 1 57  VAL 57  57  57  VAL VAL A . n 
A 1 58  CYS 58  58  58  CYS CYS A . n 
A 1 59  SER 59  59  59  SER SER A . n 
A 1 60  GLN 60  60  60  GLN GLN A . n 
A 1 61  LYS 61  61  61  LYS LYS A . n 
A 1 62  ASN 62  62  62  ASN ASN A . n 
A 1 63  VAL 63  63  63  VAL VAL A . n 
A 1 64  ALA 64  64  64  ALA ALA A . n 
A 1 65  CYS 65  65  65  CYS CYS A . n 
A 1 66  ALA 66  66  66  ALA ALA A . n 
A 1 67  ASN 67  67  67  ASN ASN A . n 
A 1 68  GLY 68  68  68  GLY GLY A . n 
A 1 69  GLN 69  69  69  GLN GLN A . n 
A 1 70  THR 70  70  70  THR THR A . n 
A 1 71  ASN 71  71  71  ASN ASN A . n 
A 1 72  CYS 72  72  72  CYS CYS A . n 
A 1 73  TYR 73  73  73  TYR TYR A . n 
A 1 74  GLN 74  74  74  GLN GLN A . n 
A 1 75  SER 75  75  75  SER SER A . n 
A 1 76  TYR 76  76  76  TYR TYR A . n 
A 1 77  SER 77  77  77  SER SER A . n 
A 1 78  THR 78  78  78  THR THR A . n 
A 1 79  MET 79  79  79  MET MET A . n 
A 1 80  SER 80  80  80  SER SER A . n 
A 1 81  ILE 81  81  81  ILE ILE A . n 
A 1 82  THR 82  82  82  THR THR A . n 
A 1 83  ASP 83  83  83  ASP ASP A . n 
A 1 84  CYS 84  84  84  CYS CYS A . n 
A 1 85  ARG 85  85  85  ARG ARG A . n 
A 1 86  GLU 86  86  86  GLU GLU A . n 
A 1 87  THR 87  87  87  THR THR A . n 
A 1 88  GLY 88  88  88  GLY GLY A . n 
A 1 89  SER 89  89  89  SER SER A . n 
A 1 90  SER 90  90  90  SER SER A . n 
A 1 91  LYS 91  91  91  LYS LYS A . n 
A 1 92  TYR 92  92  92  TYR TYR A . n 
A 1 93  PRO 93  93  93  PRO PRO A . n 
A 1 94  ASN 94  94  94  ASN ASN A . n 
A 1 95  CYS 95  95  95  CYS CYS A . n 
A 1 96  ALA 96  96  96  ALA ALA A . n 
A 1 97  TYR 97  97  97  TYR TYR A . n 
A 1 98  LYS 98  98  98  LYS LYS A . n 
A 1 99  THR 99  99  99  THR THR A . n 
A 1 100 THR 100 100 100 THR THR A . n 
A 1 101 GLN 101 101 101 GLN GLN A . n 
A 1 102 ALA 102 102 102 ALA ALA A . n 
A 1 103 ASN 103 103 103 ASN ASN A . n 
A 1 104 LYS 104 104 104 LYS LYS A . n 
A 1 105 HIS 105 105 105 HIS HIS A . n 
A 1 106 ILE 106 106 106 ILE ILE A . n 
A 1 107 ILE 107 107 107 ILE ILE A . n 
A 1 108 VAL 108 108 108 VAL VAL A . n 
A 1 109 ALA 109 109 109 ALA ALA A . n 
A 1 110 CYS 110 110 110 CYS CYS A . n 
A 1 111 GLU 111 111 111 GLU GLU A . n 
A 1 112 GLY 112 112 112 GLY GLY A . n 
A 1 113 ASN 113 113 113 ASN ASN A . n 
A 1 114 PRO 114 114 114 PRO PRO A . n 
A 1 115 TYR 115 115 115 TYR TYR A . n 
A 1 116 VAL 116 116 116 VAL VAL A . n 
A 1 117 PRO 117 117 117 PRO PRO A . n 
A 1 118 VAL 118 118 118 VAL VAL A . n 
A 1 119 HIS 119 119 119 HIS HIS A . n 
A 1 120 PHE 120 120 120 PHE PHE A . n 
A 1 121 ASP 121 121 121 ASP ASP A . n 
A 1 122 ALA 122 122 122 ALA ALA A . n 
A 1 123 SER 123 123 123 SER SER A . n 
A 1 124 VAL 124 124 124 VAL VAL A . n 
# 
loop_
_pdbx_nonpoly_scheme.asym_id 
_pdbx_nonpoly_scheme.entity_id 
_pdbx_nonpoly_scheme.mon_id 
_pdbx_nonpoly_scheme.ndb_seq_num 
_pdbx_nonpoly_scheme.pdb_seq_num 
_pdbx_nonpoly_scheme.auth_seq_num 
_pdbx_nonpoly_scheme.pdb_mon_id 
_pdbx_nonpoly_scheme.auth_mon_id 
_pdbx_nonpoly_scheme.pdb_strand_id 
_pdbx_nonpoly_scheme.pdb_ins_code 
B 2 U3P 1  125 125 U3P U3P A . 
C 3 HOH 1  201 201 HOH HOH A . 
C 3 HOH 2  202 202 HOH HOH A . 
C 3 HOH 3  203 203 HOH HOH A . 
C 3 HOH 4  204 204 HOH HOH A . 
C 3 HOH 5  205 205 HOH HOH A . 
C 3 HOH 6  206 206 HOH HOH A . 
C 3 HOH 7  207 207 HOH HOH A . 
C 3 HOH 8  208 208 HOH HOH A . 
C 3 HOH 9  209 209 HOH HOH A . 
C 3 HOH 10 210 210 HOH HOH A . 
C 3 HOH 11 211 211 HOH HOH A . 
C 3 HOH 12 212 212 HOH HOH A . 
C 3 HOH 13 213 213 HOH HOH A . 
C 3 HOH 14 214 214 HOH HOH A . 
C 3 HOH 15 215 215 HOH HOH A . 
C 3 HOH 16 216 216 HOH HOH A . 
C 3 HOH 17 217 217 HOH HOH A . 
C 3 HOH 18 218 218 HOH HOH A . 
C 3 HOH 19 219 219 HOH HOH A . 
C 3 HOH 20 220 220 HOH HOH A . 
C 3 HOH 21 221 221 HOH HOH A . 
C 3 HOH 22 222 222 HOH HOH A . 
C 3 HOH 23 223 223 HOH HOH A . 
C 3 HOH 24 224 224 HOH HOH A . 
C 3 HOH 25 225 225 HOH HOH A . 
C 3 HOH 26 226 226 HOH HOH A . 
C 3 HOH 27 227 227 HOH HOH A . 
C 3 HOH 28 228 228 HOH HOH A . 
C 3 HOH 29 229 229 HOH HOH A . 
C 3 HOH 30 230 230 HOH HOH A . 
C 3 HOH 31 231 231 HOH HOH A . 
C 3 HOH 32 232 232 HOH HOH A . 
C 3 HOH 33 233 233 HOH HOH A . 
C 3 HOH 34 234 234 HOH HOH A . 
C 3 HOH 35 235 235 HOH HOH A . 
C 3 HOH 36 236 236 HOH HOH A . 
C 3 HOH 37 237 237 HOH HOH A . 
C 3 HOH 38 238 238 HOH HOH A . 
C 3 HOH 39 239 239 HOH HOH A . 
C 3 HOH 40 240 240 HOH HOH A . 
C 3 HOH 41 241 241 HOH HOH A . 
C 3 HOH 42 242 242 HOH HOH A . 
C 3 HOH 43 243 243 HOH HOH A . 
C 3 HOH 44 244 244 HOH HOH A . 
C 3 HOH 45 245 245 HOH HOH A . 
C 3 HOH 46 246 246 HOH HOH A . 
C 3 HOH 47 247 247 HOH HOH A . 
C 3 HOH 48 248 248 HOH HOH A . 
C 3 HOH 49 249 249 HOH HOH A . 
C 3 HOH 50 250 250 HOH HOH A . 
C 3 HOH 51 251 251 HOH HOH A . 
C 3 HOH 52 252 252 HOH HOH A . 
C 3 HOH 53 253 253 HOH HOH A . 
C 3 HOH 54 254 254 HOH HOH A . 
C 3 HOH 55 255 255 HOH HOH A . 
C 3 HOH 56 256 256 HOH HOH A . 
C 3 HOH 57 257 257 HOH HOH A . 
C 3 HOH 58 258 258 HOH HOH A . 
C 3 HOH 59 259 259 HOH HOH A . 
C 3 HOH 60 260 260 HOH HOH A . 
C 3 HOH 61 261 261 HOH HOH A . 
C 3 HOH 62 262 262 HOH HOH A . 
C 3 HOH 63 263 263 HOH HOH A . 
C 3 HOH 64 264 264 HOH HOH A . 
C 3 HOH 65 265 265 HOH HOH A . 
C 3 HOH 66 266 266 HOH HOH A . 
C 3 HOH 67 267 267 HOH HOH A . 
C 3 HOH 68 268 268 HOH HOH A . 
C 3 HOH 69 269 269 HOH HOH A . 
C 3 HOH 70 270 270 HOH HOH A . 
C 3 HOH 71 271 271 HOH HOH A . 
C 3 HOH 72 272 272 HOH HOH A . 
C 3 HOH 73 273 273 HOH HOH A . 
C 3 HOH 74 274 274 HOH HOH A . 
C 3 HOH 75 275 275 HOH HOH A . 
C 3 HOH 76 276 276 HOH HOH A . 
C 3 HOH 77 277 277 HOH HOH A . 
C 3 HOH 78 278 278 HOH HOH A . 
C 3 HOH 79 279 279 HOH HOH A . 
C 3 HOH 80 280 280 HOH HOH A . 
C 3 HOH 81 281 281 HOH HOH A . 
C 3 HOH 82 282 282 HOH HOH A . 
C 3 HOH 83 283 283 HOH HOH A . 
C 3 HOH 84 284 284 HOH HOH A . 
C 3 HOH 85 285 285 HOH HOH A . 
C 3 HOH 86 286 286 HOH HOH A . 
C 3 HOH 87 287 287 HOH HOH A . 
C 3 HOH 88 288 288 HOH HOH A . 
C 3 HOH 89 289 289 HOH HOH A . 
C 3 HOH 90 290 290 HOH HOH A . 
C 3 HOH 91 291 291 HOH HOH A . 
C 3 HOH 92 292 292 HOH HOH A . 
C 3 HOH 93 293 293 HOH HOH A . 
C 3 HOH 94 294 294 HOH HOH A . 
# 
loop_
_software.name 
_software.classification 
_software.version 
_software.citation_id 
_software.pdbx_ordinal 
XDS      'data scaling'   . ? 1 
XCALIBRE 'data reduction' . ? 2 
TNT      refinement       . ? 3 
XDS      'data reduction' . ? 4 
XCALIBRE 'data scaling'   . ? 5 
TNT      phasing          . ? 6 
# 
_cell.entry_id           4RSK 
_cell.length_a           69.620 
_cell.length_b           69.620 
_cell.length_c           66.980 
_cell.angle_alpha        90.00 
_cell.angle_beta         90.00 
_cell.angle_gamma        120.00 
_cell.Z_PDB              6 
_cell.pdbx_unique_axis   ? 
# 
_symmetry.entry_id                         4RSK 
_symmetry.space_group_name_H-M             'P 32 2 1' 
_symmetry.pdbx_full_space_group_name_H-M   ? 
_symmetry.cell_setting                     ? 
_symmetry.Int_Tables_number                154 
# 
_exptl.entry_id          4RSK 
_exptl.method            'X-RAY DIFFRACTION' 
_exptl.crystals_number   1 
# 
_exptl_crystal.id                    1 
_exptl_crystal.density_meas          ? 
_exptl_crystal.density_Matthews      3.47 
_exptl_crystal.density_percent_sol   60 
_exptl_crystal.description           ? 
# 
_exptl_crystal_grow.crystal_id      1 
_exptl_crystal_grow.method          'VAPOR DIFFUSION, HANGING DROP' 
_exptl_crystal_grow.temp            ? 
_exptl_crystal_grow.temp_details    ? 
_exptl_crystal_grow.pH              4.5 
_exptl_crystal_grow.pdbx_pH_range   ? 
_exptl_crystal_grow.pdbx_details    
;CRYSTALS WERE PREPARED USING THE HANGING DROP METHOD. LYOPHILIZED K7A/R10A/K66A RNASE A WAS DISSOLVED IN UNBUFFERED WATER TO A CONCENTRATION OF 60MG/ML. DROPS CONSISTING OF PROTEIN SOLUTION (1.5MICROLITER), WATER (1.5MICROLITER), AND RESERVOIR SOLUTION (3.0MICROLITER) WERE SUSPENDED OVER 0.5 ML OF RESERVOIR SOLUTION (0.1M SODIUM ACETATE BUFFER, PH 4.5, CONTAINING 36% PEG 4000). THE COMPLEX WITH 3'-UMP WAS PREPARED BY SOAKING CRYSTALS IN MOTHER LIQUOR CONTAINING 5MM 3'-UMP FOR 2 DAYS., vapor diffusion - hanging drop
;
# 
_diffrn.id                     1 
_diffrn.ambient_temp           273 
_diffrn.ambient_temp_details   ? 
_diffrn.crystal_id             1 
# 
_diffrn_detector.diffrn_id              1 
_diffrn_detector.detector               'AREA DETECTOR' 
_diffrn_detector.type                   SIEMENS 
_diffrn_detector.pdbx_collection_date   1997-09-12 
_diffrn_detector.details                'LONG MIRRORS' 
# 
_diffrn_radiation.diffrn_id                        1 
_diffrn_radiation.wavelength_id                    1 
_diffrn_radiation.pdbx_monochromatic_or_laue_m_l   M 
_diffrn_radiation.monochromator                    'NI FILTER' 
_diffrn_radiation.pdbx_diffrn_protocol             ? 
_diffrn_radiation.pdbx_scattering_type             x-ray 
# 
_diffrn_radiation_wavelength.id           1 
_diffrn_radiation_wavelength.wavelength   1.5418 
_diffrn_radiation_wavelength.wt           1.0 
# 
_diffrn_source.diffrn_id                   1 
_diffrn_source.source                      'ROTATING ANODE' 
_diffrn_source.type                        'RIGAKU RUH2R' 
_diffrn_source.pdbx_synchrotron_site       ? 
_diffrn_source.pdbx_synchrotron_beamline   ? 
_diffrn_source.pdbx_wavelength             1.5418 
_diffrn_source.pdbx_wavelength_list        ? 
# 
_reflns.entry_id                     4RSK 
_reflns.observed_criterion_sigma_I   0.33 
_reflns.observed_criterion_sigma_F   ? 
_reflns.d_resolution_low             30.0 
_reflns.d_resolution_high            2.1 
_reflns.number_obs                   33552 
_reflns.number_all                   ? 
_reflns.percent_possible_obs         88 
_reflns.pdbx_Rmerge_I_obs            ? 
_reflns.pdbx_Rsym_value              0.026 
_reflns.pdbx_netI_over_sigmaI        19.8 
_reflns.B_iso_Wilson_estimate        ? 
_reflns.pdbx_redundancy              2.4 
_reflns.pdbx_diffrn_id               1 
_reflns.pdbx_ordinal                 1 
# 
_reflns_shell.d_res_high             2.1 
_reflns_shell.d_res_low              2.2 
_reflns_shell.percent_possible_all   88 
_reflns_shell.Rmerge_I_obs           ? 
_reflns_shell.pdbx_Rsym_value        0.12 
_reflns_shell.meanI_over_sigI_obs    ? 
_reflns_shell.pdbx_redundancy        ? 
_reflns_shell.pdbx_diffrn_id         ? 
_reflns_shell.pdbx_ordinal           1 
# 
_refine.entry_id                                 4RSK 
_refine.ls_number_reflns_obs                     14210 
_refine.ls_number_reflns_all                     14210 
_refine.pdbx_ls_sigma_I                          ? 
_refine.pdbx_ls_sigma_F                          0.0 
_refine.pdbx_data_cutoff_high_absF               ? 
_refine.pdbx_data_cutoff_low_absF                ? 
_refine.pdbx_data_cutoff_high_rms_absF           ? 
_refine.ls_d_res_low                             30.0 
_refine.ls_d_res_high                            2.1 
_refine.ls_percent_reflns_obs                    88.0 
_refine.ls_R_factor_obs                          ? 
_refine.ls_R_factor_all                          0.168 
_refine.ls_R_factor_R_work                       ? 
_refine.ls_R_factor_R_free                       ? 
_refine.ls_R_factor_R_free_error                 ? 
_refine.ls_R_factor_R_free_error_details         ? 
_refine.ls_percent_reflns_R_free                 ? 
_refine.ls_number_reflns_R_free                  ? 
_refine.ls_number_parameters                     ? 
_refine.ls_number_restraints                     ? 
_refine.occupancy_min                            ? 
_refine.occupancy_max                            ? 
_refine.B_iso_mean                               ? 
_refine.aniso_B[1][1]                            ? 
_refine.aniso_B[2][2]                            ? 
_refine.aniso_B[3][3]                            ? 
_refine.aniso_B[1][2]                            ? 
_refine.aniso_B[1][3]                            ? 
_refine.aniso_B[2][3]                            ? 
_refine.solvent_model_details                    'BABINET SCALING' 
_refine.solvent_model_param_ksol                 0.56 
_refine.solvent_model_param_bsol                 135 
_refine.pdbx_ls_cross_valid_method               ? 
_refine.details                                  ? 
_refine.pdbx_starting_model                      'PDB ENTRY 3RSK' 
_refine.pdbx_method_to_determine_struct          'DIFFERENCE FOURIER' 
_refine.pdbx_isotropic_thermal_model             'TNT BCORREL' 
_refine.pdbx_stereochemistry_target_values       'TNT PROTGEO' 
_refine.pdbx_stereochem_target_val_spec_case     ? 
_refine.pdbx_R_Free_selection_details            ? 
_refine.pdbx_overall_ESU_R                       ? 
_refine.pdbx_overall_ESU_R_Free                  ? 
_refine.overall_SU_ML                            ? 
_refine.overall_SU_B                             ? 
_refine.pdbx_refine_id                           'X-RAY DIFFRACTION' 
_refine.pdbx_diffrn_id                           1 
_refine.pdbx_TLS_residual_ADP_flag               ? 
_refine.correlation_coeff_Fo_to_Fc               ? 
_refine.correlation_coeff_Fo_to_Fc_free          ? 
_refine.pdbx_solvent_vdw_probe_radii             ? 
_refine.pdbx_solvent_ion_probe_radii             ? 
_refine.pdbx_solvent_shrinkage_radii             ? 
_refine.pdbx_overall_phase_error                 ? 
_refine.overall_SU_R_Cruickshank_DPI             ? 
_refine.pdbx_overall_SU_R_free_Cruickshank_DPI   ? 
_refine.pdbx_overall_SU_R_Blow_DPI               ? 
_refine.pdbx_overall_SU_R_free_Blow_DPI          ? 
# 
_refine_hist.pdbx_refine_id                   'X-RAY DIFFRACTION' 
_refine_hist.cycle_id                         LAST 
_refine_hist.pdbx_number_atoms_protein        937 
_refine_hist.pdbx_number_atoms_nucleic_acid   0 
_refine_hist.pdbx_number_atoms_ligand         21 
_refine_hist.number_atoms_solvent             94 
_refine_hist.number_atoms_total               1052 
_refine_hist.d_res_high                       2.1 
_refine_hist.d_res_low                        30.0 
# 
loop_
_refine_ls_restr.type 
_refine_ls_restr.dev_ideal 
_refine_ls_restr.dev_ideal_target 
_refine_ls_restr.weight 
_refine_ls_restr.number 
_refine_ls_restr.pdbx_refine_id 
_refine_ls_restr.pdbx_restraint_function 
t_bond_d           0.011  ? 8.0  983  'X-RAY DIFFRACTION' ? 
t_angle_deg        2.208  ? 12.0 1334 'X-RAY DIFFRACTION' ? 
t_dihedral_angle_d 17.475 ? 0.00 589  'X-RAY DIFFRACTION' ? 
t_incorr_chiral_ct 0      ? ?    ?    'X-RAY DIFFRACTION' ? 
t_pseud_angle      ?      ? ?    ?    'X-RAY DIFFRACTION' ? 
t_trig_c_planes    0.006  ? 25.0 28   'X-RAY DIFFRACTION' ? 
t_gen_planes       0.011  ? 50.0 140  'X-RAY DIFFRACTION' ? 
t_it               1.0    ? ?    ?    'X-RAY DIFFRACTION' ? 
t_nbd              0.018  ? 50.0 6    'X-RAY DIFFRACTION' ? 
# 
_pdbx_refine.entry_id                                    4RSK 
_pdbx_refine.R_factor_all_no_cutoff                      0.168 
_pdbx_refine.R_factor_obs_no_cutoff                      ? 
_pdbx_refine.free_R_factor_no_cutoff                     ? 
_pdbx_refine.free_R_val_test_set_size_perc_no_cutoff     ? 
_pdbx_refine.free_R_val_test_set_ct_no_cutoff            ? 
_pdbx_refine.R_factor_all_4sig_cutoff                    ? 
_pdbx_refine.R_factor_obs_4sig_cutoff                    ? 
_pdbx_refine.free_R_factor_4sig_cutoff                   ? 
_pdbx_refine.free_R_val_test_set_size_perc_4sig_cutoff   ? 
_pdbx_refine.free_R_val_test_set_ct_4sig_cutoff          ? 
_pdbx_refine.number_reflns_obs_4sig_cutoff               ? 
_pdbx_refine.pdbx_refine_id                              'X-RAY DIFFRACTION' 
_pdbx_refine.free_R_error_no_cutoff                      ? 
# 
_struct.entry_id                  4RSK 
_struct.title                     
;STRUCTURE OF THE K7A/R10A/K66A VARIANT OF RIBONUCLEASE A COMPLEXED WITH 3'-UMP
;
_struct.pdbx_model_details        ? 
_struct.pdbx_CASP_flag            ? 
_struct.pdbx_model_type_details   ? 
# 
_struct_keywords.entry_id        4RSK 
_struct_keywords.pdbx_keywords   HYDROLASE 
_struct_keywords.text            'HYDROLASE, ENDONUCLEASE, RIBONUCLEASE A, SITE-DIRECTED MUTAGENESIS' 
# 
loop_
_struct_asym.id 
_struct_asym.pdbx_blank_PDB_chainid_flag 
_struct_asym.pdbx_modified 
_struct_asym.entity_id 
_struct_asym.details 
A N N 1 ? 
B N N 2 ? 
C N N 3 ? 
# 
_struct_ref.id                         1 
_struct_ref.db_name                    UNP 
_struct_ref.db_code                    RNAS1_BOVIN 
_struct_ref.entity_id                  1 
_struct_ref.pdbx_db_accession          P61823 
_struct_ref.pdbx_align_begin           1 
_struct_ref.pdbx_seq_one_letter_code   
;MALKSLVLLSLLVLVLLLVRVQPSLGKETAAAKFERQHMDSSTSAASSSNYCNQMMKSRNLTKDRCKPVNTFVHESLADV
QAVCSQKNVACKNGQTNCYQSYSTMSITDCRETGSSKYPNCAYKTTQANKHIIVACEGNPYVPVHFDASV
;
_struct_ref.pdbx_db_isoform            ? 
# 
_struct_ref_seq.align_id                      1 
_struct_ref_seq.ref_id                        1 
_struct_ref_seq.pdbx_PDB_id_code              4RSK 
_struct_ref_seq.pdbx_strand_id                A 
_struct_ref_seq.seq_align_beg                 1 
_struct_ref_seq.pdbx_seq_align_beg_ins_code   ? 
_struct_ref_seq.seq_align_end                 124 
_struct_ref_seq.pdbx_seq_align_end_ins_code   ? 
_struct_ref_seq.pdbx_db_accession             P61823 
_struct_ref_seq.db_align_beg                  27 
_struct_ref_seq.pdbx_db_align_beg_ins_code    ? 
_struct_ref_seq.db_align_end                  150 
_struct_ref_seq.pdbx_db_align_end_ins_code    ? 
_struct_ref_seq.pdbx_auth_seq_align_beg       1 
_struct_ref_seq.pdbx_auth_seq_align_end       124 
# 
loop_
_struct_ref_seq_dif.align_id 
_struct_ref_seq_dif.pdbx_pdb_id_code 
_struct_ref_seq_dif.mon_id 
_struct_ref_seq_dif.pdbx_pdb_strand_id 
_struct_ref_seq_dif.seq_num 
_struct_ref_seq_dif.pdbx_pdb_ins_code 
_struct_ref_seq_dif.pdbx_seq_db_name 
_struct_ref_seq_dif.pdbx_seq_db_accession_code 
_struct_ref_seq_dif.db_mon_id 
_struct_ref_seq_dif.pdbx_seq_db_seq_num 
_struct_ref_seq_dif.details 
_struct_ref_seq_dif.pdbx_auth_seq_num 
_struct_ref_seq_dif.pdbx_ordinal 
1 4RSK ALA A 7  ? UNP P61823 LYS 33 'engineered mutation' 7  1 
1 4RSK ALA A 10 ? UNP P61823 ARG 36 'engineered mutation' 10 2 
1 4RSK ALA A 66 ? UNP P61823 LYS 92 'engineered mutation' 66 3 
# 
_pdbx_struct_assembly.id                   1 
_pdbx_struct_assembly.details              author_defined_assembly 
_pdbx_struct_assembly.method_details       ? 
_pdbx_struct_assembly.oligomeric_details   monomeric 
_pdbx_struct_assembly.oligomeric_count     1 
# 
_pdbx_struct_assembly_gen.assembly_id       1 
_pdbx_struct_assembly_gen.oper_expression   1 
_pdbx_struct_assembly_gen.asym_id_list      A,B,C 
# 
_pdbx_struct_oper_list.id                   1 
_pdbx_struct_oper_list.type                 'identity operation' 
_pdbx_struct_oper_list.name                 1_555 
_pdbx_struct_oper_list.symmetry_operation   x,y,z 
_pdbx_struct_oper_list.matrix[1][1]         1.0000000000 
_pdbx_struct_oper_list.matrix[1][2]         0.0000000000 
_pdbx_struct_oper_list.matrix[1][3]         0.0000000000 
_pdbx_struct_oper_list.vector[1]            0.0000000000 
_pdbx_struct_oper_list.matrix[2][1]         0.0000000000 
_pdbx_struct_oper_list.matrix[2][2]         1.0000000000 
_pdbx_struct_oper_list.matrix[2][3]         0.0000000000 
_pdbx_struct_oper_list.vector[2]            0.0000000000 
_pdbx_struct_oper_list.matrix[3][1]         0.0000000000 
_pdbx_struct_oper_list.matrix[3][2]         0.0000000000 
_pdbx_struct_oper_list.matrix[3][3]         1.0000000000 
_pdbx_struct_oper_list.vector[3]            0.0000000000 
# 
_struct_biol.id   1 
# 
loop_
_struct_conf.conf_type_id 
_struct_conf.id 
_struct_conf.pdbx_PDB_helix_id 
_struct_conf.beg_label_comp_id 
_struct_conf.beg_label_asym_id 
_struct_conf.beg_label_seq_id 
_struct_conf.pdbx_beg_PDB_ins_code 
_struct_conf.end_label_comp_id 
_struct_conf.end_label_asym_id 
_struct_conf.end_label_seq_id 
_struct_conf.pdbx_end_PDB_ins_code 
_struct_conf.beg_auth_comp_id 
_struct_conf.beg_auth_asym_id 
_struct_conf.beg_auth_seq_id 
_struct_conf.end_auth_comp_id 
_struct_conf.end_auth_asym_id 
_struct_conf.end_auth_seq_id 
_struct_conf.pdbx_PDB_helix_class 
_struct_conf.details 
_struct_conf.pdbx_PDB_helix_length 
HELX_P HELX_P1 1 ALA A 4  ? HIS A 12 ? ALA A 4  HIS A 12 1 ? 9 
HELX_P HELX_P2 2 TYR A 25 ? SER A 32 ? TYR A 25 SER A 32 1 ? 8 
HELX_P HELX_P3 3 LEU A 51 ? SER A 59 ? LEU A 51 SER A 59 1 ? 9 
# 
_struct_conf_type.id          HELX_P 
_struct_conf_type.criteria    ? 
_struct_conf_type.reference   ? 
# 
loop_
_struct_conn.id 
_struct_conn.conn_type_id 
_struct_conn.pdbx_leaving_atom_flag 
_struct_conn.pdbx_PDB_id 
_struct_conn.ptnr1_label_asym_id 
_struct_conn.ptnr1_label_comp_id 
_struct_conn.ptnr1_label_seq_id 
_struct_conn.ptnr1_label_atom_id 
_struct_conn.pdbx_ptnr1_label_alt_id 
_struct_conn.pdbx_ptnr1_PDB_ins_code 
_struct_conn.pdbx_ptnr1_standard_comp_id 
_struct_conn.ptnr1_symmetry 
_struct_conn.ptnr2_label_asym_id 
_struct_conn.ptnr2_label_comp_id 
_struct_conn.ptnr2_label_seq_id 
_struct_conn.ptnr2_label_atom_id 
_struct_conn.pdbx_ptnr2_label_alt_id 
_struct_conn.pdbx_ptnr2_PDB_ins_code 
_struct_conn.ptnr1_auth_asym_id 
_struct_conn.ptnr1_auth_comp_id 
_struct_conn.ptnr1_auth_seq_id 
_struct_conn.ptnr2_auth_asym_id 
_struct_conn.ptnr2_auth_comp_id 
_struct_conn.ptnr2_auth_seq_id 
_struct_conn.ptnr2_symmetry 
_struct_conn.pdbx_ptnr3_label_atom_id 
_struct_conn.pdbx_ptnr3_label_seq_id 
_struct_conn.pdbx_ptnr3_label_comp_id 
_struct_conn.pdbx_ptnr3_label_asym_id 
_struct_conn.pdbx_ptnr3_label_alt_id 
_struct_conn.pdbx_ptnr3_PDB_ins_code 
_struct_conn.details 
_struct_conn.pdbx_dist_value 
_struct_conn.pdbx_value_order 
_struct_conn.pdbx_role 
disulf1 disulf ? ? A CYS 26 SG ? ? ? 1_555 A CYS 84  SG ? ? A CYS 26 A CYS 84  1_555 ? ? ? ? ? ? ? 2.018 ? ? 
disulf2 disulf ? ? A CYS 40 SG ? ? ? 1_555 A CYS 95  SG ? ? A CYS 40 A CYS 95  1_555 ? ? ? ? ? ? ? 2.016 ? ? 
disulf3 disulf ? ? A CYS 58 SG ? ? ? 1_555 A CYS 110 SG ? ? A CYS 58 A CYS 110 1_555 ? ? ? ? ? ? ? 2.026 ? ? 
disulf4 disulf ? ? A CYS 65 SG ? ? ? 1_555 A CYS 72  SG ? ? A CYS 65 A CYS 72  1_555 ? ? ? ? ? ? ? 2.039 ? ? 
# 
_struct_conn_type.id          disulf 
_struct_conn_type.criteria    ? 
_struct_conn_type.reference   ? 
# 
loop_
_pdbx_modification_feature.ordinal 
_pdbx_modification_feature.label_comp_id 
_pdbx_modification_feature.label_asym_id 
_pdbx_modification_feature.label_seq_id 
_pdbx_modification_feature.label_alt_id 
_pdbx_modification_feature.modified_residue_label_comp_id 
_pdbx_modification_feature.modified_residue_label_asym_id 
_pdbx_modification_feature.modified_residue_label_seq_id 
_pdbx_modification_feature.modified_residue_label_alt_id 
_pdbx_modification_feature.auth_comp_id 
_pdbx_modification_feature.auth_asym_id 
_pdbx_modification_feature.auth_seq_id 
_pdbx_modification_feature.PDB_ins_code 
_pdbx_modification_feature.symmetry 
_pdbx_modification_feature.modified_residue_auth_comp_id 
_pdbx_modification_feature.modified_residue_auth_asym_id 
_pdbx_modification_feature.modified_residue_auth_seq_id 
_pdbx_modification_feature.modified_residue_PDB_ins_code 
_pdbx_modification_feature.modified_residue_symmetry 
_pdbx_modification_feature.comp_id_linking_atom 
_pdbx_modification_feature.modified_residue_id_linking_atom 
_pdbx_modification_feature.modified_residue_id 
_pdbx_modification_feature.ref_pcm_id 
_pdbx_modification_feature.ref_comp_id 
_pdbx_modification_feature.type 
_pdbx_modification_feature.category 
1 CYS A 26 ? CYS A 84  ? CYS A 26 ? 1_555 CYS A 84  ? 1_555 SG SG . . . None 'Disulfide bridge' 
2 CYS A 40 ? CYS A 95  ? CYS A 40 ? 1_555 CYS A 95  ? 1_555 SG SG . . . None 'Disulfide bridge' 
3 CYS A 58 ? CYS A 110 ? CYS A 58 ? 1_555 CYS A 110 ? 1_555 SG SG . . . None 'Disulfide bridge' 
4 CYS A 65 ? CYS A 72  ? CYS A 65 ? 1_555 CYS A 72  ? 1_555 SG SG . . . None 'Disulfide bridge' 
# 
loop_
_struct_mon_prot_cis.pdbx_id 
_struct_mon_prot_cis.label_comp_id 
_struct_mon_prot_cis.label_seq_id 
_struct_mon_prot_cis.label_asym_id 
_struct_mon_prot_cis.label_alt_id 
_struct_mon_prot_cis.pdbx_PDB_ins_code 
_struct_mon_prot_cis.auth_comp_id 
_struct_mon_prot_cis.auth_seq_id 
_struct_mon_prot_cis.auth_asym_id 
_struct_mon_prot_cis.pdbx_label_comp_id_2 
_struct_mon_prot_cis.pdbx_label_seq_id_2 
_struct_mon_prot_cis.pdbx_label_asym_id_2 
_struct_mon_prot_cis.pdbx_PDB_ins_code_2 
_struct_mon_prot_cis.pdbx_auth_comp_id_2 
_struct_mon_prot_cis.pdbx_auth_seq_id_2 
_struct_mon_prot_cis.pdbx_auth_asym_id_2 
_struct_mon_prot_cis.pdbx_PDB_model_num 
_struct_mon_prot_cis.pdbx_omega_angle 
1 TYR 92  A . ? TYR 92  A PRO 93  A ? PRO 93  A 1 3.37 
2 ASN 113 A . ? ASN 113 A PRO 114 A ? PRO 114 A 1 3.60 
# 
loop_
_struct_sheet.id 
_struct_sheet.type 
_struct_sheet.number_strands 
_struct_sheet.details 
A ? 3 ? 
B ? 4 ? 
# 
loop_
_struct_sheet_order.sheet_id 
_struct_sheet_order.range_id_1 
_struct_sheet_order.range_id_2 
_struct_sheet_order.offset 
_struct_sheet_order.sense 
A 1 2 ? anti-parallel 
A 2 3 ? anti-parallel 
B 1 2 ? anti-parallel 
B 2 3 ? anti-parallel 
B 3 4 ? anti-parallel 
# 
loop_
_struct_sheet_range.sheet_id 
_struct_sheet_range.id 
_struct_sheet_range.beg_label_comp_id 
_struct_sheet_range.beg_label_asym_id 
_struct_sheet_range.beg_label_seq_id 
_struct_sheet_range.pdbx_beg_PDB_ins_code 
_struct_sheet_range.end_label_comp_id 
_struct_sheet_range.end_label_asym_id 
_struct_sheet_range.end_label_seq_id 
_struct_sheet_range.pdbx_end_PDB_ins_code 
_struct_sheet_range.beg_auth_comp_id 
_struct_sheet_range.beg_auth_asym_id 
_struct_sheet_range.beg_auth_seq_id 
_struct_sheet_range.end_auth_comp_id 
_struct_sheet_range.end_auth_asym_id 
_struct_sheet_range.end_auth_seq_id 
A 1 VAL A 43  ? VAL A 47  ? VAL A 43  VAL A 47  
A 2 MET A 79  ? GLU A 86  ? MET A 79  GLU A 86  
A 3 TYR A 97  ? LYS A 104 ? TYR A 97  LYS A 104 
B 1 LYS A 61  ? VAL A 63  ? LYS A 61  VAL A 63  
B 2 CYS A 72  ? GLN A 74  ? CYS A 72  GLN A 74  
B 3 HIS A 105 ? ALA A 109 ? HIS A 105 ALA A 109 
B 4 HIS A 119 ? VAL A 124 ? HIS A 119 VAL A 124 
# 
loop_
_pdbx_struct_sheet_hbond.sheet_id 
_pdbx_struct_sheet_hbond.range_id_1 
_pdbx_struct_sheet_hbond.range_id_2 
_pdbx_struct_sheet_hbond.range_1_label_atom_id 
_pdbx_struct_sheet_hbond.range_1_label_comp_id 
_pdbx_struct_sheet_hbond.range_1_label_asym_id 
_pdbx_struct_sheet_hbond.range_1_label_seq_id 
_pdbx_struct_sheet_hbond.range_1_PDB_ins_code 
_pdbx_struct_sheet_hbond.range_1_auth_atom_id 
_pdbx_struct_sheet_hbond.range_1_auth_comp_id 
_pdbx_struct_sheet_hbond.range_1_auth_asym_id 
_pdbx_struct_sheet_hbond.range_1_auth_seq_id 
_pdbx_struct_sheet_hbond.range_2_label_atom_id 
_pdbx_struct_sheet_hbond.range_2_label_comp_id 
_pdbx_struct_sheet_hbond.range_2_label_asym_id 
_pdbx_struct_sheet_hbond.range_2_label_seq_id 
_pdbx_struct_sheet_hbond.range_2_PDB_ins_code 
_pdbx_struct_sheet_hbond.range_2_auth_atom_id 
_pdbx_struct_sheet_hbond.range_2_auth_comp_id 
_pdbx_struct_sheet_hbond.range_2_auth_asym_id 
_pdbx_struct_sheet_hbond.range_2_auth_seq_id 
A 1 2 O ASN A 44  ? O ASN A 44  N CYS A 84  ? N CYS A 84  
A 2 3 O MET A 79  ? O MET A 79  N LYS A 104 ? N LYS A 104 
B 1 2 O LYS A 61  ? O LYS A 61  N GLN A 74  ? N GLN A 74  
B 2 3 O TYR A 73  ? O TYR A 73  N VAL A 108 ? N VAL A 108 
B 3 4 O HIS A 105 ? O HIS A 105 N VAL A 124 ? N VAL A 124 
# 
_struct_site.id                   AC1 
_struct_site.pdbx_evidence_code   Software 
_struct_site.pdbx_auth_asym_id    A 
_struct_site.pdbx_auth_comp_id    U3P 
_struct_site.pdbx_auth_seq_id     125 
_struct_site.pdbx_auth_ins_code   ? 
_struct_site.pdbx_num_residues    14 
_struct_site.details              'BINDING SITE FOR RESIDUE U3P A 125' 
# 
loop_
_struct_site_gen.id 
_struct_site_gen.site_id 
_struct_site_gen.pdbx_num_res 
_struct_site_gen.label_comp_id 
_struct_site_gen.label_asym_id 
_struct_site_gen.label_seq_id 
_struct_site_gen.pdbx_auth_ins_code 
_struct_site_gen.auth_comp_id 
_struct_site_gen.auth_asym_id 
_struct_site_gen.auth_seq_id 
_struct_site_gen.label_atom_id 
_struct_site_gen.label_alt_id 
_struct_site_gen.symmetry 
_struct_site_gen.details 
1  AC1 14 GLN A 11  ? GLN A 11  . ? 1_555 ? 
2  AC1 14 HIS A 12  ? HIS A 12  . ? 1_555 ? 
3  AC1 14 LYS A 41  ? LYS A 41  . ? 1_555 ? 
4  AC1 14 VAL A 43  ? VAL A 43  . ? 1_555 ? 
5  AC1 14 ASN A 44  ? ASN A 44  . ? 1_555 ? 
6  AC1 14 THR A 45  ? THR A 45  . ? 1_555 ? 
7  AC1 14 HIS A 119 ? HIS A 119 . ? 1_555 ? 
8  AC1 14 PHE A 120 ? PHE A 120 . ? 1_555 ? 
9  AC1 14 HOH C .   ? HOH A 206 . ? 1_555 ? 
10 AC1 14 HOH C .   ? HOH A 207 . ? 1_555 ? 
11 AC1 14 HOH C .   ? HOH A 216 . ? 1_555 ? 
12 AC1 14 HOH C .   ? HOH A 229 . ? 1_555 ? 
13 AC1 14 HOH C .   ? HOH A 238 . ? 1_555 ? 
14 AC1 14 HOH C .   ? HOH A 242 . ? 1_555 ? 
# 
_pdbx_entry_details.entry_id                   4RSK 
_pdbx_entry_details.compound_details           ? 
_pdbx_entry_details.source_details             ? 
_pdbx_entry_details.nonpolymer_details         ? 
_pdbx_entry_details.sequence_details           ? 
_pdbx_entry_details.has_ligand_of_interest     ? 
_pdbx_entry_details.has_protein_modification   Y 
# 
_pdbx_validate_rmsd_bond.id                        1 
_pdbx_validate_rmsd_bond.PDB_model_num             1 
_pdbx_validate_rmsd_bond.auth_atom_id_1            CD 
_pdbx_validate_rmsd_bond.auth_asym_id_1            A 
_pdbx_validate_rmsd_bond.auth_comp_id_1            GLU 
_pdbx_validate_rmsd_bond.auth_seq_id_1             2 
_pdbx_validate_rmsd_bond.PDB_ins_code_1            ? 
_pdbx_validate_rmsd_bond.label_alt_id_1            ? 
_pdbx_validate_rmsd_bond.auth_atom_id_2            OE2 
_pdbx_validate_rmsd_bond.auth_asym_id_2            A 
_pdbx_validate_rmsd_bond.auth_comp_id_2            GLU 
_pdbx_validate_rmsd_bond.auth_seq_id_2             2 
_pdbx_validate_rmsd_bond.PDB_ins_code_2            ? 
_pdbx_validate_rmsd_bond.label_alt_id_2            ? 
_pdbx_validate_rmsd_bond.bond_value                1.336 
_pdbx_validate_rmsd_bond.bond_target_value         1.252 
_pdbx_validate_rmsd_bond.bond_deviation            0.084 
_pdbx_validate_rmsd_bond.bond_standard_deviation   0.011 
_pdbx_validate_rmsd_bond.linker_flag               N 
# 
loop_
_pdbx_validate_rmsd_angle.id 
_pdbx_validate_rmsd_angle.PDB_model_num 
_pdbx_validate_rmsd_angle.auth_atom_id_1 
_pdbx_validate_rmsd_angle.auth_asym_id_1 
_pdbx_validate_rmsd_angle.auth_comp_id_1 
_pdbx_validate_rmsd_angle.auth_seq_id_1 
_pdbx_validate_rmsd_angle.PDB_ins_code_1 
_pdbx_validate_rmsd_angle.label_alt_id_1 
_pdbx_validate_rmsd_angle.auth_atom_id_2 
_pdbx_validate_rmsd_angle.auth_asym_id_2 
_pdbx_validate_rmsd_angle.auth_comp_id_2 
_pdbx_validate_rmsd_angle.auth_seq_id_2 
_pdbx_validate_rmsd_angle.PDB_ins_code_2 
_pdbx_validate_rmsd_angle.label_alt_id_2 
_pdbx_validate_rmsd_angle.auth_atom_id_3 
_pdbx_validate_rmsd_angle.auth_asym_id_3 
_pdbx_validate_rmsd_angle.auth_comp_id_3 
_pdbx_validate_rmsd_angle.auth_seq_id_3 
_pdbx_validate_rmsd_angle.PDB_ins_code_3 
_pdbx_validate_rmsd_angle.label_alt_id_3 
_pdbx_validate_rmsd_angle.angle_value 
_pdbx_validate_rmsd_angle.angle_target_value 
_pdbx_validate_rmsd_angle.angle_deviation 
_pdbx_validate_rmsd_angle.angle_standard_deviation 
_pdbx_validate_rmsd_angle.linker_flag 
1 1 CB A ASP 38  ? ? CG A ASP 38  ? ? OD2 A ASP 38  ? ? 112.53 118.30 -5.77 0.90 N 
2 1 NE A ARG 85  ? ? CZ A ARG 85  ? ? NH1 A ARG 85  ? ? 124.35 120.30 4.05  0.50 N 
3 1 CB A ASP 121 ? ? CG A ASP 121 ? ? OD2 A ASP 121 ? ? 125.57 118.30 7.27  0.90 N 
# 
loop_
_pdbx_validate_torsion.id 
_pdbx_validate_torsion.PDB_model_num 
_pdbx_validate_torsion.auth_comp_id 
_pdbx_validate_torsion.auth_asym_id 
_pdbx_validate_torsion.auth_seq_id 
_pdbx_validate_torsion.PDB_ins_code 
_pdbx_validate_torsion.label_alt_id 
_pdbx_validate_torsion.phi 
_pdbx_validate_torsion.psi 
1 1 HIS A 48  ? ? -102.62 67.91   
2 1 GLN A 60  ? ? -96.18  -131.19 
3 1 ASN A 71  ? ? -98.15  32.97   
4 1 ALA A 122 ? ? 179.87  175.73  
# 
loop_
_pdbx_struct_special_symmetry.id 
_pdbx_struct_special_symmetry.PDB_model_num 
_pdbx_struct_special_symmetry.auth_asym_id 
_pdbx_struct_special_symmetry.auth_comp_id 
_pdbx_struct_special_symmetry.auth_seq_id 
_pdbx_struct_special_symmetry.PDB_ins_code 
_pdbx_struct_special_symmetry.label_asym_id 
_pdbx_struct_special_symmetry.label_comp_id 
_pdbx_struct_special_symmetry.label_seq_id 
1 1 A HOH 264 ? C HOH . 
2 1 A HOH 275 ? C HOH . 
# 
loop_
_chem_comp_atom.comp_id 
_chem_comp_atom.atom_id 
_chem_comp_atom.type_symbol 
_chem_comp_atom.pdbx_aromatic_flag 
_chem_comp_atom.pdbx_stereo_config 
_chem_comp_atom.pdbx_ordinal 
ALA N      N N N 1   
ALA CA     C N S 2   
ALA C      C N N 3   
ALA O      O N N 4   
ALA CB     C N N 5   
ALA OXT    O N N 6   
ALA H      H N N 7   
ALA H2     H N N 8   
ALA HA     H N N 9   
ALA HB1    H N N 10  
ALA HB2    H N N 11  
ALA HB3    H N N 12  
ALA HXT    H N N 13  
ARG N      N N N 14  
ARG CA     C N S 15  
ARG C      C N N 16  
ARG O      O N N 17  
ARG CB     C N N 18  
ARG CG     C N N 19  
ARG CD     C N N 20  
ARG NE     N N N 21  
ARG CZ     C N N 22  
ARG NH1    N N N 23  
ARG NH2    N N N 24  
ARG OXT    O N N 25  
ARG H      H N N 26  
ARG H2     H N N 27  
ARG HA     H N N 28  
ARG HB2    H N N 29  
ARG HB3    H N N 30  
ARG HG2    H N N 31  
ARG HG3    H N N 32  
ARG HD2    H N N 33  
ARG HD3    H N N 34  
ARG HE     H N N 35  
ARG HH11   H N N 36  
ARG HH12   H N N 37  
ARG HH21   H N N 38  
ARG HH22   H N N 39  
ARG HXT    H N N 40  
ASN N      N N N 41  
ASN CA     C N S 42  
ASN C      C N N 43  
ASN O      O N N 44  
ASN CB     C N N 45  
ASN CG     C N N 46  
ASN OD1    O N N 47  
ASN ND2    N N N 48  
ASN OXT    O N N 49  
ASN H      H N N 50  
ASN H2     H N N 51  
ASN HA     H N N 52  
ASN HB2    H N N 53  
ASN HB3    H N N 54  
ASN HD21   H N N 55  
ASN HD22   H N N 56  
ASN HXT    H N N 57  
ASP N      N N N 58  
ASP CA     C N S 59  
ASP C      C N N 60  
ASP O      O N N 61  
ASP CB     C N N 62  
ASP CG     C N N 63  
ASP OD1    O N N 64  
ASP OD2    O N N 65  
ASP OXT    O N N 66  
ASP H      H N N 67  
ASP H2     H N N 68  
ASP HA     H N N 69  
ASP HB2    H N N 70  
ASP HB3    H N N 71  
ASP HD2    H N N 72  
ASP HXT    H N N 73  
CYS N      N N N 74  
CYS CA     C N R 75  
CYS C      C N N 76  
CYS O      O N N 77  
CYS CB     C N N 78  
CYS SG     S N N 79  
CYS OXT    O N N 80  
CYS H      H N N 81  
CYS H2     H N N 82  
CYS HA     H N N 83  
CYS HB2    H N N 84  
CYS HB3    H N N 85  
CYS HG     H N N 86  
CYS HXT    H N N 87  
GLN N      N N N 88  
GLN CA     C N S 89  
GLN C      C N N 90  
GLN O      O N N 91  
GLN CB     C N N 92  
GLN CG     C N N 93  
GLN CD     C N N 94  
GLN OE1    O N N 95  
GLN NE2    N N N 96  
GLN OXT    O N N 97  
GLN H      H N N 98  
GLN H2     H N N 99  
GLN HA     H N N 100 
GLN HB2    H N N 101 
GLN HB3    H N N 102 
GLN HG2    H N N 103 
GLN HG3    H N N 104 
GLN HE21   H N N 105 
GLN HE22   H N N 106 
GLN HXT    H N N 107 
GLU N      N N N 108 
GLU CA     C N S 109 
GLU C      C N N 110 
GLU O      O N N 111 
GLU CB     C N N 112 
GLU CG     C N N 113 
GLU CD     C N N 114 
GLU OE1    O N N 115 
GLU OE2    O N N 116 
GLU OXT    O N N 117 
GLU H      H N N 118 
GLU H2     H N N 119 
GLU HA     H N N 120 
GLU HB2    H N N 121 
GLU HB3    H N N 122 
GLU HG2    H N N 123 
GLU HG3    H N N 124 
GLU HE2    H N N 125 
GLU HXT    H N N 126 
GLY N      N N N 127 
GLY CA     C N N 128 
GLY C      C N N 129 
GLY O      O N N 130 
GLY OXT    O N N 131 
GLY H      H N N 132 
GLY H2     H N N 133 
GLY HA2    H N N 134 
GLY HA3    H N N 135 
GLY HXT    H N N 136 
HIS N      N N N 137 
HIS CA     C N S 138 
HIS C      C N N 139 
HIS O      O N N 140 
HIS CB     C N N 141 
HIS CG     C Y N 142 
HIS ND1    N Y N 143 
HIS CD2    C Y N 144 
HIS CE1    C Y N 145 
HIS NE2    N Y N 146 
HIS OXT    O N N 147 
HIS H      H N N 148 
HIS H2     H N N 149 
HIS HA     H N N 150 
HIS HB2    H N N 151 
HIS HB3    H N N 152 
HIS HD1    H N N 153 
HIS HD2    H N N 154 
HIS HE1    H N N 155 
HIS HE2    H N N 156 
HIS HXT    H N N 157 
HOH O      O N N 158 
HOH H1     H N N 159 
HOH H2     H N N 160 
ILE N      N N N 161 
ILE CA     C N S 162 
ILE C      C N N 163 
ILE O      O N N 164 
ILE CB     C N S 165 
ILE CG1    C N N 166 
ILE CG2    C N N 167 
ILE CD1    C N N 168 
ILE OXT    O N N 169 
ILE H      H N N 170 
ILE H2     H N N 171 
ILE HA     H N N 172 
ILE HB     H N N 173 
ILE HG12   H N N 174 
ILE HG13   H N N 175 
ILE HG21   H N N 176 
ILE HG22   H N N 177 
ILE HG23   H N N 178 
ILE HD11   H N N 179 
ILE HD12   H N N 180 
ILE HD13   H N N 181 
ILE HXT    H N N 182 
LEU N      N N N 183 
LEU CA     C N S 184 
LEU C      C N N 185 
LEU O      O N N 186 
LEU CB     C N N 187 
LEU CG     C N N 188 
LEU CD1    C N N 189 
LEU CD2    C N N 190 
LEU OXT    O N N 191 
LEU H      H N N 192 
LEU H2     H N N 193 
LEU HA     H N N 194 
LEU HB2    H N N 195 
LEU HB3    H N N 196 
LEU HG     H N N 197 
LEU HD11   H N N 198 
LEU HD12   H N N 199 
LEU HD13   H N N 200 
LEU HD21   H N N 201 
LEU HD22   H N N 202 
LEU HD23   H N N 203 
LEU HXT    H N N 204 
LYS N      N N N 205 
LYS CA     C N S 206 
LYS C      C N N 207 
LYS O      O N N 208 
LYS CB     C N N 209 
LYS CG     C N N 210 
LYS CD     C N N 211 
LYS CE     C N N 212 
LYS NZ     N N N 213 
LYS OXT    O N N 214 
LYS H      H N N 215 
LYS H2     H N N 216 
LYS HA     H N N 217 
LYS HB2    H N N 218 
LYS HB3    H N N 219 
LYS HG2    H N N 220 
LYS HG3    H N N 221 
LYS HD2    H N N 222 
LYS HD3    H N N 223 
LYS HE2    H N N 224 
LYS HE3    H N N 225 
LYS HZ1    H N N 226 
LYS HZ2    H N N 227 
LYS HZ3    H N N 228 
LYS HXT    H N N 229 
MET N      N N N 230 
MET CA     C N S 231 
MET C      C N N 232 
MET O      O N N 233 
MET CB     C N N 234 
MET CG     C N N 235 
MET SD     S N N 236 
MET CE     C N N 237 
MET OXT    O N N 238 
MET H      H N N 239 
MET H2     H N N 240 
MET HA     H N N 241 
MET HB2    H N N 242 
MET HB3    H N N 243 
MET HG2    H N N 244 
MET HG3    H N N 245 
MET HE1    H N N 246 
MET HE2    H N N 247 
MET HE3    H N N 248 
MET HXT    H N N 249 
PHE N      N N N 250 
PHE CA     C N S 251 
PHE C      C N N 252 
PHE O      O N N 253 
PHE CB     C N N 254 
PHE CG     C Y N 255 
PHE CD1    C Y N 256 
PHE CD2    C Y N 257 
PHE CE1    C Y N 258 
PHE CE2    C Y N 259 
PHE CZ     C Y N 260 
PHE OXT    O N N 261 
PHE H      H N N 262 
PHE H2     H N N 263 
PHE HA     H N N 264 
PHE HB2    H N N 265 
PHE HB3    H N N 266 
PHE HD1    H N N 267 
PHE HD2    H N N 268 
PHE HE1    H N N 269 
PHE HE2    H N N 270 
PHE HZ     H N N 271 
PHE HXT    H N N 272 
PRO N      N N N 273 
PRO CA     C N S 274 
PRO C      C N N 275 
PRO O      O N N 276 
PRO CB     C N N 277 
PRO CG     C N N 278 
PRO CD     C N N 279 
PRO OXT    O N N 280 
PRO H      H N N 281 
PRO HA     H N N 282 
PRO HB2    H N N 283 
PRO HB3    H N N 284 
PRO HG2    H N N 285 
PRO HG3    H N N 286 
PRO HD2    H N N 287 
PRO HD3    H N N 288 
PRO HXT    H N N 289 
SER N      N N N 290 
SER CA     C N S 291 
SER C      C N N 292 
SER O      O N N 293 
SER CB     C N N 294 
SER OG     O N N 295 
SER OXT    O N N 296 
SER H      H N N 297 
SER H2     H N N 298 
SER HA     H N N 299 
SER HB2    H N N 300 
SER HB3    H N N 301 
SER HG     H N N 302 
SER HXT    H N N 303 
THR N      N N N 304 
THR CA     C N S 305 
THR C      C N N 306 
THR O      O N N 307 
THR CB     C N R 308 
THR OG1    O N N 309 
THR CG2    C N N 310 
THR OXT    O N N 311 
THR H      H N N 312 
THR H2     H N N 313 
THR HA     H N N 314 
THR HB     H N N 315 
THR HG1    H N N 316 
THR HG21   H N N 317 
THR HG22   H N N 318 
THR HG23   H N N 319 
THR HXT    H N N 320 
TYR N      N N N 321 
TYR CA     C N S 322 
TYR C      C N N 323 
TYR O      O N N 324 
TYR CB     C N N 325 
TYR CG     C Y N 326 
TYR CD1    C Y N 327 
TYR CD2    C Y N 328 
TYR CE1    C Y N 329 
TYR CE2    C Y N 330 
TYR CZ     C Y N 331 
TYR OH     O N N 332 
TYR OXT    O N N 333 
TYR H      H N N 334 
TYR H2     H N N 335 
TYR HA     H N N 336 
TYR HB2    H N N 337 
TYR HB3    H N N 338 
TYR HD1    H N N 339 
TYR HD2    H N N 340 
TYR HE1    H N N 341 
TYR HE2    H N N 342 
TYR HH     H N N 343 
TYR HXT    H N N 344 
U3P N1     N N N 345 
U3P C2     C N N 346 
U3P N3     N N N 347 
U3P C4     C N N 348 
U3P C5     C N N 349 
U3P C6     C N N 350 
U3P O2     O N N 351 
U3P O4     O N N 352 
U3P P      P N N 353 
U3P O1P    O N N 354 
U3P O2P    O N N 355 
U3P O3P    O N N 356 
U3P "O5'"  O N N 357 
U3P "C5'"  C N N 358 
U3P "C4'"  C N R 359 
U3P "O4'"  O N N 360 
U3P "C3'"  C N S 361 
U3P "O3'"  O N N 362 
U3P "C2'"  C N R 363 
U3P "O2'"  O N N 364 
U3P "C1'"  C N R 365 
U3P HN3    H N N 366 
U3P H5     H N N 367 
U3P H6     H N N 368 
U3P HOP1   H N N 369 
U3P HOP3   H N N 370 
U3P "HO5'" H N N 371 
U3P "H5'1" H N N 372 
U3P "H5'2" H N N 373 
U3P "H4'"  H N N 374 
U3P "H3'"  H N N 375 
U3P "H2'"  H N N 376 
U3P "HO2'" H N N 377 
U3P "H1'"  H N N 378 
VAL N      N N N 379 
VAL CA     C N S 380 
VAL C      C N N 381 
VAL O      O N N 382 
VAL CB     C N N 383 
VAL CG1    C N N 384 
VAL CG2    C N N 385 
VAL OXT    O N N 386 
VAL H      H N N 387 
VAL H2     H N N 388 
VAL HA     H N N 389 
VAL HB     H N N 390 
VAL HG11   H N N 391 
VAL HG12   H N N 392 
VAL HG13   H N N 393 
VAL HG21   H N N 394 
VAL HG22   H N N 395 
VAL HG23   H N N 396 
VAL HXT    H N N 397 
# 
loop_
_chem_comp_bond.comp_id 
_chem_comp_bond.atom_id_1 
_chem_comp_bond.atom_id_2 
_chem_comp_bond.value_order 
_chem_comp_bond.pdbx_aromatic_flag 
_chem_comp_bond.pdbx_stereo_config 
_chem_comp_bond.pdbx_ordinal 
ALA N     CA     sing N N 1   
ALA N     H      sing N N 2   
ALA N     H2     sing N N 3   
ALA CA    C      sing N N 4   
ALA CA    CB     sing N N 5   
ALA CA    HA     sing N N 6   
ALA C     O      doub N N 7   
ALA C     OXT    sing N N 8   
ALA CB    HB1    sing N N 9   
ALA CB    HB2    sing N N 10  
ALA CB    HB3    sing N N 11  
ALA OXT   HXT    sing N N 12  
ARG N     CA     sing N N 13  
ARG N     H      sing N N 14  
ARG N     H2     sing N N 15  
ARG CA    C      sing N N 16  
ARG CA    CB     sing N N 17  
ARG CA    HA     sing N N 18  
ARG C     O      doub N N 19  
ARG C     OXT    sing N N 20  
ARG CB    CG     sing N N 21  
ARG CB    HB2    sing N N 22  
ARG CB    HB3    sing N N 23  
ARG CG    CD     sing N N 24  
ARG CG    HG2    sing N N 25  
ARG CG    HG3    sing N N 26  
ARG CD    NE     sing N N 27  
ARG CD    HD2    sing N N 28  
ARG CD    HD3    sing N N 29  
ARG NE    CZ     sing N N 30  
ARG NE    HE     sing N N 31  
ARG CZ    NH1    sing N N 32  
ARG CZ    NH2    doub N N 33  
ARG NH1   HH11   sing N N 34  
ARG NH1   HH12   sing N N 35  
ARG NH2   HH21   sing N N 36  
ARG NH2   HH22   sing N N 37  
ARG OXT   HXT    sing N N 38  
ASN N     CA     sing N N 39  
ASN N     H      sing N N 40  
ASN N     H2     sing N N 41  
ASN CA    C      sing N N 42  
ASN CA    CB     sing N N 43  
ASN CA    HA     sing N N 44  
ASN C     O      doub N N 45  
ASN C     OXT    sing N N 46  
ASN CB    CG     sing N N 47  
ASN CB    HB2    sing N N 48  
ASN CB    HB3    sing N N 49  
ASN CG    OD1    doub N N 50  
ASN CG    ND2    sing N N 51  
ASN ND2   HD21   sing N N 52  
ASN ND2   HD22   sing N N 53  
ASN OXT   HXT    sing N N 54  
ASP N     CA     sing N N 55  
ASP N     H      sing N N 56  
ASP N     H2     sing N N 57  
ASP CA    C      sing N N 58  
ASP CA    CB     sing N N 59  
ASP CA    HA     sing N N 60  
ASP C     O      doub N N 61  
ASP C     OXT    sing N N 62  
ASP CB    CG     sing N N 63  
ASP CB    HB2    sing N N 64  
ASP CB    HB3    sing N N 65  
ASP CG    OD1    doub N N 66  
ASP CG    OD2    sing N N 67  
ASP OD2   HD2    sing N N 68  
ASP OXT   HXT    sing N N 69  
CYS N     CA     sing N N 70  
CYS N     H      sing N N 71  
CYS N     H2     sing N N 72  
CYS CA    C      sing N N 73  
CYS CA    CB     sing N N 74  
CYS CA    HA     sing N N 75  
CYS C     O      doub N N 76  
CYS C     OXT    sing N N 77  
CYS CB    SG     sing N N 78  
CYS CB    HB2    sing N N 79  
CYS CB    HB3    sing N N 80  
CYS SG    HG     sing N N 81  
CYS OXT   HXT    sing N N 82  
GLN N     CA     sing N N 83  
GLN N     H      sing N N 84  
GLN N     H2     sing N N 85  
GLN CA    C      sing N N 86  
GLN CA    CB     sing N N 87  
GLN CA    HA     sing N N 88  
GLN C     O      doub N N 89  
GLN C     OXT    sing N N 90  
GLN CB    CG     sing N N 91  
GLN CB    HB2    sing N N 92  
GLN CB    HB3    sing N N 93  
GLN CG    CD     sing N N 94  
GLN CG    HG2    sing N N 95  
GLN CG    HG3    sing N N 96  
GLN CD    OE1    doub N N 97  
GLN CD    NE2    sing N N 98  
GLN NE2   HE21   sing N N 99  
GLN NE2   HE22   sing N N 100 
GLN OXT   HXT    sing N N 101 
GLU N     CA     sing N N 102 
GLU N     H      sing N N 103 
GLU N     H2     sing N N 104 
GLU CA    C      sing N N 105 
GLU CA    CB     sing N N 106 
GLU CA    HA     sing N N 107 
GLU C     O      doub N N 108 
GLU C     OXT    sing N N 109 
GLU CB    CG     sing N N 110 
GLU CB    HB2    sing N N 111 
GLU CB    HB3    sing N N 112 
GLU CG    CD     sing N N 113 
GLU CG    HG2    sing N N 114 
GLU CG    HG3    sing N N 115 
GLU CD    OE1    doub N N 116 
GLU CD    OE2    sing N N 117 
GLU OE2   HE2    sing N N 118 
GLU OXT   HXT    sing N N 119 
GLY N     CA     sing N N 120 
GLY N     H      sing N N 121 
GLY N     H2     sing N N 122 
GLY CA    C      sing N N 123 
GLY CA    HA2    sing N N 124 
GLY CA    HA3    sing N N 125 
GLY C     O      doub N N 126 
GLY C     OXT    sing N N 127 
GLY OXT   HXT    sing N N 128 
HIS N     CA     sing N N 129 
HIS N     H      sing N N 130 
HIS N     H2     sing N N 131 
HIS CA    C      sing N N 132 
HIS CA    CB     sing N N 133 
HIS CA    HA     sing N N 134 
HIS C     O      doub N N 135 
HIS C     OXT    sing N N 136 
HIS CB    CG     sing N N 137 
HIS CB    HB2    sing N N 138 
HIS CB    HB3    sing N N 139 
HIS CG    ND1    sing Y N 140 
HIS CG    CD2    doub Y N 141 
HIS ND1   CE1    doub Y N 142 
HIS ND1   HD1    sing N N 143 
HIS CD2   NE2    sing Y N 144 
HIS CD2   HD2    sing N N 145 
HIS CE1   NE2    sing Y N 146 
HIS CE1   HE1    sing N N 147 
HIS NE2   HE2    sing N N 148 
HIS OXT   HXT    sing N N 149 
HOH O     H1     sing N N 150 
HOH O     H2     sing N N 151 
ILE N     CA     sing N N 152 
ILE N     H      sing N N 153 
ILE N     H2     sing N N 154 
ILE CA    C      sing N N 155 
ILE CA    CB     sing N N 156 
ILE CA    HA     sing N N 157 
ILE C     O      doub N N 158 
ILE C     OXT    sing N N 159 
ILE CB    CG1    sing N N 160 
ILE CB    CG2    sing N N 161 
ILE CB    HB     sing N N 162 
ILE CG1   CD1    sing N N 163 
ILE CG1   HG12   sing N N 164 
ILE CG1   HG13   sing N N 165 
ILE CG2   HG21   sing N N 166 
ILE CG2   HG22   sing N N 167 
ILE CG2   HG23   sing N N 168 
ILE CD1   HD11   sing N N 169 
ILE CD1   HD12   sing N N 170 
ILE CD1   HD13   sing N N 171 
ILE OXT   HXT    sing N N 172 
LEU N     CA     sing N N 173 
LEU N     H      sing N N 174 
LEU N     H2     sing N N 175 
LEU CA    C      sing N N 176 
LEU CA    CB     sing N N 177 
LEU CA    HA     sing N N 178 
LEU C     O      doub N N 179 
LEU C     OXT    sing N N 180 
LEU CB    CG     sing N N 181 
LEU CB    HB2    sing N N 182 
LEU CB    HB3    sing N N 183 
LEU CG    CD1    sing N N 184 
LEU CG    CD2    sing N N 185 
LEU CG    HG     sing N N 186 
LEU CD1   HD11   sing N N 187 
LEU CD1   HD12   sing N N 188 
LEU CD1   HD13   sing N N 189 
LEU CD2   HD21   sing N N 190 
LEU CD2   HD22   sing N N 191 
LEU CD2   HD23   sing N N 192 
LEU OXT   HXT    sing N N 193 
LYS N     CA     sing N N 194 
LYS N     H      sing N N 195 
LYS N     H2     sing N N 196 
LYS CA    C      sing N N 197 
LYS CA    CB     sing N N 198 
LYS CA    HA     sing N N 199 
LYS C     O      doub N N 200 
LYS C     OXT    sing N N 201 
LYS CB    CG     sing N N 202 
LYS CB    HB2    sing N N 203 
LYS CB    HB3    sing N N 204 
LYS CG    CD     sing N N 205 
LYS CG    HG2    sing N N 206 
LYS CG    HG3    sing N N 207 
LYS CD    CE     sing N N 208 
LYS CD    HD2    sing N N 209 
LYS CD    HD3    sing N N 210 
LYS CE    NZ     sing N N 211 
LYS CE    HE2    sing N N 212 
LYS CE    HE3    sing N N 213 
LYS NZ    HZ1    sing N N 214 
LYS NZ    HZ2    sing N N 215 
LYS NZ    HZ3    sing N N 216 
LYS OXT   HXT    sing N N 217 
MET N     CA     sing N N 218 
MET N     H      sing N N 219 
MET N     H2     sing N N 220 
MET CA    C      sing N N 221 
MET CA    CB     sing N N 222 
MET CA    HA     sing N N 223 
MET C     O      doub N N 224 
MET C     OXT    sing N N 225 
MET CB    CG     sing N N 226 
MET CB    HB2    sing N N 227 
MET CB    HB3    sing N N 228 
MET CG    SD     sing N N 229 
MET CG    HG2    sing N N 230 
MET CG    HG3    sing N N 231 
MET SD    CE     sing N N 232 
MET CE    HE1    sing N N 233 
MET CE    HE2    sing N N 234 
MET CE    HE3    sing N N 235 
MET OXT   HXT    sing N N 236 
PHE N     CA     sing N N 237 
PHE N     H      sing N N 238 
PHE N     H2     sing N N 239 
PHE CA    C      sing N N 240 
PHE CA    CB     sing N N 241 
PHE CA    HA     sing N N 242 
PHE C     O      doub N N 243 
PHE C     OXT    sing N N 244 
PHE CB    CG     sing N N 245 
PHE CB    HB2    sing N N 246 
PHE CB    HB3    sing N N 247 
PHE CG    CD1    doub Y N 248 
PHE CG    CD2    sing Y N 249 
PHE CD1   CE1    sing Y N 250 
PHE CD1   HD1    sing N N 251 
PHE CD2   CE2    doub Y N 252 
PHE CD2   HD2    sing N N 253 
PHE CE1   CZ     doub Y N 254 
PHE CE1   HE1    sing N N 255 
PHE CE2   CZ     sing Y N 256 
PHE CE2   HE2    sing N N 257 
PHE CZ    HZ     sing N N 258 
PHE OXT   HXT    sing N N 259 
PRO N     CA     sing N N 260 
PRO N     CD     sing N N 261 
PRO N     H      sing N N 262 
PRO CA    C      sing N N 263 
PRO CA    CB     sing N N 264 
PRO CA    HA     sing N N 265 
PRO C     O      doub N N 266 
PRO C     OXT    sing N N 267 
PRO CB    CG     sing N N 268 
PRO CB    HB2    sing N N 269 
PRO CB    HB3    sing N N 270 
PRO CG    CD     sing N N 271 
PRO CG    HG2    sing N N 272 
PRO CG    HG3    sing N N 273 
PRO CD    HD2    sing N N 274 
PRO CD    HD3    sing N N 275 
PRO OXT   HXT    sing N N 276 
SER N     CA     sing N N 277 
SER N     H      sing N N 278 
SER N     H2     sing N N 279 
SER CA    C      sing N N 280 
SER CA    CB     sing N N 281 
SER CA    HA     sing N N 282 
SER C     O      doub N N 283 
SER C     OXT    sing N N 284 
SER CB    OG     sing N N 285 
SER CB    HB2    sing N N 286 
SER CB    HB3    sing N N 287 
SER OG    HG     sing N N 288 
SER OXT   HXT    sing N N 289 
THR N     CA     sing N N 290 
THR N     H      sing N N 291 
THR N     H2     sing N N 292 
THR CA    C      sing N N 293 
THR CA    CB     sing N N 294 
THR CA    HA     sing N N 295 
THR C     O      doub N N 296 
THR C     OXT    sing N N 297 
THR CB    OG1    sing N N 298 
THR CB    CG2    sing N N 299 
THR CB    HB     sing N N 300 
THR OG1   HG1    sing N N 301 
THR CG2   HG21   sing N N 302 
THR CG2   HG22   sing N N 303 
THR CG2   HG23   sing N N 304 
THR OXT   HXT    sing N N 305 
TYR N     CA     sing N N 306 
TYR N     H      sing N N 307 
TYR N     H2     sing N N 308 
TYR CA    C      sing N N 309 
TYR CA    CB     sing N N 310 
TYR CA    HA     sing N N 311 
TYR C     O      doub N N 312 
TYR C     OXT    sing N N 313 
TYR CB    CG     sing N N 314 
TYR CB    HB2    sing N N 315 
TYR CB    HB3    sing N N 316 
TYR CG    CD1    doub Y N 317 
TYR CG    CD2    sing Y N 318 
TYR CD1   CE1    sing Y N 319 
TYR CD1   HD1    sing N N 320 
TYR CD2   CE2    doub Y N 321 
TYR CD2   HD2    sing N N 322 
TYR CE1   CZ     doub Y N 323 
TYR CE1   HE1    sing N N 324 
TYR CE2   CZ     sing Y N 325 
TYR CE2   HE2    sing N N 326 
TYR CZ    OH     sing N N 327 
TYR OH    HH     sing N N 328 
TYR OXT   HXT    sing N N 329 
U3P N1    C2     sing N N 330 
U3P N1    C6     sing N N 331 
U3P N1    "C1'"  sing N N 332 
U3P C2    N3     sing N N 333 
U3P C2    O2     doub N N 334 
U3P N3    C4     sing N N 335 
U3P N3    HN3    sing N N 336 
U3P C4    C5     sing N N 337 
U3P C4    O4     doub N N 338 
U3P C5    C6     doub N N 339 
U3P C5    H5     sing N N 340 
U3P C6    H6     sing N N 341 
U3P P     O1P    sing N N 342 
U3P P     O2P    doub N N 343 
U3P P     O3P    sing N N 344 
U3P P     "O3'"  sing N N 345 
U3P O1P   HOP1   sing N N 346 
U3P O3P   HOP3   sing N N 347 
U3P "O5'" "C5'"  sing N N 348 
U3P "O5'" "HO5'" sing N N 349 
U3P "C5'" "C4'"  sing N N 350 
U3P "C5'" "H5'1" sing N N 351 
U3P "C5'" "H5'2" sing N N 352 
U3P "C4'" "O4'"  sing N N 353 
U3P "C4'" "C3'"  sing N N 354 
U3P "C4'" "H4'"  sing N N 355 
U3P "O4'" "C1'"  sing N N 356 
U3P "C3'" "O3'"  sing N N 357 
U3P "C3'" "C2'"  sing N N 358 
U3P "C3'" "H3'"  sing N N 359 
U3P "C2'" "O2'"  sing N N 360 
U3P "C2'" "C1'"  sing N N 361 
U3P "C2'" "H2'"  sing N N 362 
U3P "O2'" "HO2'" sing N N 363 
U3P "C1'" "H1'"  sing N N 364 
VAL N     CA     sing N N 365 
VAL N     H      sing N N 366 
VAL N     H2     sing N N 367 
VAL CA    C      sing N N 368 
VAL CA    CB     sing N N 369 
VAL CA    HA     sing N N 370 
VAL C     O      doub N N 371 
VAL C     OXT    sing N N 372 
VAL CB    CG1    sing N N 373 
VAL CB    CG2    sing N N 374 
VAL CB    HB     sing N N 375 
VAL CG1   HG11   sing N N 376 
VAL CG1   HG12   sing N N 377 
VAL CG1   HG13   sing N N 378 
VAL CG2   HG21   sing N N 379 
VAL CG2   HG22   sing N N 380 
VAL CG2   HG23   sing N N 381 
VAL OXT   HXT    sing N N 382 
# 
_pdbx_initial_refinement_model.id               1 
_pdbx_initial_refinement_model.entity_id_list   ? 
_pdbx_initial_refinement_model.type             'experimental model' 
_pdbx_initial_refinement_model.source_name      PDB 
_pdbx_initial_refinement_model.accession_code   3RSK 
_pdbx_initial_refinement_model.details          'PDB ENTRY 3RSK' 
# 
_atom_sites.entry_id                    4RSK 
_atom_sites.fract_transf_matrix[1][1]   -0.01596238 
_atom_sites.fract_transf_matrix[1][2]   -0.00110636 
_atom_sites.fract_transf_matrix[1][3]   0.00436771 
_atom_sites.fract_transf_matrix[2][1]   -0.00430115 
_atom_sites.fract_transf_matrix[2][2]   0.00087569 
_atom_sites.fract_transf_matrix[2][3]   0.01599464 
_atom_sites.fract_transf_matrix[3][1]   -0.00134864 
_atom_sites.fract_transf_matrix[3][2]   0.01482253 
_atom_sites.fract_transf_matrix[3][3]   -0.00117418 
_atom_sites.fract_transf_vector[1]      0.162818 
_atom_sites.fract_transf_vector[2]      0.658178 
_atom_sites.fract_transf_vector[3]      0.416558 
# 
loop_
_atom_type.symbol 
C 
N 
O 
P 
S 
# 
loop_
_atom_site.group_PDB 
_atom_site.id 
_atom_site.type_symbol 
_atom_site.label_atom_id 
_atom_site.label_alt_id 
_atom_site.label_comp_id 
_atom_site.label_asym_id 
_atom_site.label_entity_id 
_atom_site.label_seq_id 
_atom_site.pdbx_PDB_ins_code 
_atom_site.Cartn_x 
_atom_site.Cartn_y 
_atom_site.Cartn_z 
_atom_site.occupancy 
_atom_site.B_iso_or_equiv 
_atom_site.pdbx_formal_charge 
_atom_site.auth_seq_id 
_atom_site.auth_comp_id 
_atom_site.auth_asym_id 
_atom_site.auth_atom_id 
_atom_site.pdbx_PDB_model_num 
ATOM   1    N N     . LYS A 1 1   ? -4.576  5.281   18.072  1.00 93.33  ? 1   LYS A N     1 
ATOM   2    C CA    . LYS A 1 1   ? -5.964  5.049   18.471  1.00 100.00 ? 1   LYS A CA    1 
ATOM   3    C C     . LYS A 1 1   ? -6.853  4.481   17.369  1.00 100.00 ? 1   LYS A C     1 
ATOM   4    O O     . LYS A 1 1   ? -8.030  4.181   17.595  1.00 85.58  ? 1   LYS A O     1 
ATOM   5    C CB    . LYS A 1 1   ? -6.631  6.178   19.235  1.00 100.00 ? 1   LYS A CB    1 
ATOM   6    C CG    . LYS A 1 1   ? -5.808  6.566   20.449  1.00 100.00 ? 1   LYS A CG    1 
ATOM   7    C CD    . LYS A 1 1   ? -6.511  7.540   21.380  1.00 100.00 ? 1   LYS A CD    1 
ATOM   8    C CE    . LYS A 1 1   ? -5.616  7.934   22.552  1.00 100.00 ? 1   LYS A CE    1 
ATOM   9    N NZ    . LYS A 1 1   ? -6.135  7.459   23.859  1.00 100.00 ? 1   LYS A NZ    1 
ATOM   10   N N     . GLU A 1 2   ? -6.279  4.373   16.175  1.00 100.00 ? 2   GLU A N     1 
ATOM   11   C CA    . GLU A 1 2   ? -7.024  3.790   15.087  1.00 53.30  ? 2   GLU A CA    1 
ATOM   12   C C     . GLU A 1 2   ? -6.577  2.342   14.935  1.00 33.58  ? 2   GLU A C     1 
ATOM   13   O O     . GLU A 1 2   ? -5.377  2.084   14.914  1.00 80.17  ? 2   GLU A O     1 
ATOM   14   C CB    . GLU A 1 2   ? -6.886  4.550   13.754  1.00 49.69  ? 2   GLU A CB    1 
ATOM   15   C CG    . GLU A 1 2   ? -8.282  4.969   13.212  1.00 99.98  ? 2   GLU A CG    1 
ATOM   16   C CD    . GLU A 1 2   ? -8.273  5.553   11.813  1.00 100.00 ? 2   GLU A CD    1 
ATOM   17   O OE1   . GLU A 1 2   ? -7.240  5.743   11.181  1.00 100.00 ? 2   GLU A OE1   1 
ATOM   18   O OE2   . GLU A 1 2   ? -9.506  5.814   11.371  1.00 100.00 ? 2   GLU A OE2   1 
ATOM   19   N N     . THR A 1 3   ? -7.521  1.391   14.837  1.00 30.39  ? 3   THR A N     1 
ATOM   20   C CA    . THR A 1 3   ? -7.134  0.000   14.638  1.00 37.20  ? 3   THR A CA    1 
ATOM   21   C C     . THR A 1 3   ? -6.148  -0.245  13.492  1.00 28.09  ? 3   THR A C     1 
ATOM   22   O O     . THR A 1 3   ? -5.987  0.558   12.565  1.00 30.56  ? 3   THR A O     1 
ATOM   23   C CB    . THR A 1 3   ? -8.345  -0.909  14.436  1.00 40.45  ? 3   THR A CB    1 
ATOM   24   O OG1   . THR A 1 3   ? -8.869  -0.785  13.122  1.00 54.61  ? 3   THR A OG1   1 
ATOM   25   C CG2   . THR A 1 3   ? -9.388  -0.489  15.446  1.00 44.40  ? 3   THR A CG2   1 
ATOM   26   N N     . ALA A 1 4   ? -5.461  -1.394  13.595  1.00 39.50  ? 4   ALA A N     1 
ATOM   27   C CA    . ALA A 1 4   ? -4.476  -1.772  12.603  1.00 46.13  ? 4   ALA A CA    1 
ATOM   28   C C     . ALA A 1 4   ? -5.132  -1.924  11.238  1.00 35.83  ? 4   ALA A C     1 
ATOM   29   O O     . ALA A 1 4   ? -4.615  -1.446  10.229  1.00 33.17  ? 4   ALA A O     1 
ATOM   30   C CB    . ALA A 1 4   ? -3.656  -2.978  13.029  1.00 26.42  ? 4   ALA A CB    1 
ATOM   31   N N     . ALA A 1 5   ? -6.324  -2.537  11.260  1.00 29.00  ? 5   ALA A N     1 
ATOM   32   C CA    . ALA A 1 5   ? -7.107  -2.751  10.062  1.00 23.61  ? 5   ALA A CA    1 
ATOM   33   C C     . ALA A 1 5   ? -7.478  -1.432  9.418   1.00 34.09  ? 5   ALA A C     1 
ATOM   34   O O     . ALA A 1 5   ? -7.317  -1.235  8.218   1.00 35.22  ? 5   ALA A O     1 
ATOM   35   C CB    . ALA A 1 5   ? -8.337  -3.565  10.384  1.00 31.04  ? 5   ALA A CB    1 
ATOM   36   N N     . ALA A 1 6   ? -7.964  -0.517  10.238  1.00 32.06  ? 6   ALA A N     1 
ATOM   37   C CA    . ALA A 1 6   ? -8.355  0.778   9.727   1.00 33.56  ? 6   ALA A CA    1 
ATOM   38   C C     . ALA A 1 6   ? -7.159  1.525   9.197   1.00 32.00  ? 6   ALA A C     1 
ATOM   39   O O     . ALA A 1 6   ? -7.228  2.244   8.194   1.00 30.39  ? 6   ALA A O     1 
ATOM   40   C CB    . ALA A 1 6   ? -9.091  1.576   10.799  1.00 32.34  ? 6   ALA A CB    1 
ATOM   41   N N     . ALA A 1 7   ? -6.040  1.344   9.878   1.00 25.41  ? 7   ALA A N     1 
ATOM   42   C CA    . ALA A 1 7   ? -4.837  2.018   9.432   1.00 41.75  ? 7   ALA A CA    1 
ATOM   43   C C     . ALA A 1 7   ? -4.398  1.490   8.056   1.00 32.15  ? 7   ALA A C     1 
ATOM   44   O O     . ALA A 1 7   ? -3.946  2.234   7.185   1.00 29.98  ? 7   ALA A O     1 
ATOM   45   C CB    . ALA A 1 7   ? -3.742  1.934   10.501  1.00 28.00  ? 7   ALA A CB    1 
ATOM   46   N N     . PHE A 1 8   ? -4.547  0.186   7.818   1.00 27.70  ? 8   PHE A N     1 
ATOM   47   C CA    . PHE A 1 8   ? -4.163  -0.335  6.502   1.00 25.11  ? 8   PHE A CA    1 
ATOM   48   C C     . PHE A 1 8   ? -4.996  0.331   5.414   1.00 29.92  ? 8   PHE A C     1 
ATOM   49   O O     . PHE A 1 8   ? -4.489  0.811   4.413   1.00 22.19  ? 8   PHE A O     1 
ATOM   50   C CB    . PHE A 1 8   ? -4.281  -1.868  6.424   1.00 29.50  ? 8   PHE A CB    1 
ATOM   51   C CG    . PHE A 1 8   ? -4.049  -2.495  5.051   1.00 24.07  ? 8   PHE A CG    1 
ATOM   52   C CD1   . PHE A 1 8   ? -5.034  -2.521  4.059   1.00 22.15  ? 8   PHE A CD1   1 
ATOM   53   C CD2   . PHE A 1 8   ? -2.842  -3.143  4.780   1.00 19.93  ? 8   PHE A CD2   1 
ATOM   54   C CE1   . PHE A 1 8   ? -4.826  -3.125  2.814   1.00 22.25  ? 8   PHE A CE1   1 
ATOM   55   C CE2   . PHE A 1 8   ? -2.602  -3.759  3.548   1.00 26.95  ? 8   PHE A CE2   1 
ATOM   56   C CZ    . PHE A 1 8   ? -3.596  -3.742  2.568   1.00 21.39  ? 8   PHE A CZ    1 
ATOM   57   N N     . GLU A 1 9   ? -6.304  0.396   5.594   1.00 22.77  ? 9   GLU A N     1 
ATOM   58   C CA    . GLU A 1 9   ? -7.124  1.010   4.546   1.00 20.58  ? 9   GLU A CA    1 
ATOM   59   C C     . GLU A 1 9   ? -6.719  2.443   4.179   1.00 27.67  ? 9   GLU A C     1 
ATOM   60   O O     . GLU A 1 9   ? -6.629  2.769   2.992   1.00 24.31  ? 9   GLU A O     1 
ATOM   61   C CB    . GLU A 1 9   ? -8.599  1.033   4.969   1.00 25.65  ? 9   GLU A CB    1 
ATOM   62   C CG    . GLU A 1 9   ? -9.188  -0.353  5.279   1.00 20.82  ? 9   GLU A CG    1 
ATOM   63   C CD    . GLU A 1 9   ? -10.695 -0.287  5.459   1.00 43.29  ? 9   GLU A CD    1 
ATOM   64   O OE1   . GLU A 1 9   ? -11.398 0.644   5.138   1.00 59.12  ? 9   GLU A OE1   1 
ATOM   65   O OE2   . GLU A 1 9   ? -11.198 -1.372  5.968   1.00 35.35  ? 9   GLU A OE2   1 
ATOM   66   N N     . ALA A 1 10  ? -6.519  3.293   5.201   1.00 31.50  ? 10  ALA A N     1 
ATOM   67   C CA    . ALA A 1 10  ? -6.157  4.705   5.043   1.00 25.41  ? 10  ALA A CA    1 
ATOM   68   C C     . ALA A 1 10  ? -4.834  4.956   4.326   1.00 36.44  ? 10  ALA A C     1 
ATOM   69   O O     . ALA A 1 10  ? -4.684  5.914   3.545   1.00 27.85  ? 10  ALA A O     1 
ATOM   70   C CB    . ALA A 1 10  ? -6.205  5.370   6.405   1.00 32.05  ? 10  ALA A CB    1 
ATOM   71   N N     . GLN A 1 11  ? -3.866  4.062   4.563   1.00 24.91  ? 11  GLN A N     1 
ATOM   72   C CA    . GLN A 1 11  ? -2.567  4.236   3.896   1.00 20.26  ? 11  GLN A CA    1 
ATOM   73   C C     . GLN A 1 11  ? -2.482  3.604   2.515   1.00 24.92  ? 11  GLN A C     1 
ATOM   74   O O     . GLN A 1 11  ? -1.727  4.087   1.683   1.00 22.38  ? 11  GLN A O     1 
ATOM   75   C CB    . GLN A 1 11  ? -1.411  3.559   4.677   1.00 21.89  ? 11  GLN A CB    1 
ATOM   76   C CG    . GLN A 1 11  ? -1.112  4.164   6.065   1.00 33.64  ? 11  GLN A CG    1 
ATOM   77   C CD    . GLN A 1 11  ? 0.049   3.495   6.798   1.00 44.56  ? 11  GLN A CD    1 
ATOM   78   O OE1   . GLN A 1 11  ? 1.053   4.136   7.137   1.00 100.00 ? 11  GLN A OE1   1 
ATOM   79   N NE2   . GLN A 1 11  ? -0.069  2.207   7.069   1.00 34.34  ? 11  GLN A NE2   1 
ATOM   80   N N     . HIS A 1 12  ? -3.197  2.489   2.278   1.00 24.34  ? 12  HIS A N     1 
ATOM   81   C CA    . HIS A 1 12  ? -3.029  1.759   1.017   1.00 16.39  ? 12  HIS A CA    1 
ATOM   82   C C     . HIS A 1 12  ? -4.181  1.625   0.015   1.00 35.50  ? 12  HIS A C     1 
ATOM   83   O O     . HIS A 1 12  ? -3.946  1.117   -1.103  1.00 25.31  ? 12  HIS A O     1 
ATOM   84   C CB    . HIS A 1 12  ? -2.516  0.343   1.407   1.00 14.12  ? 12  HIS A CB    1 
ATOM   85   C CG    . HIS A 1 12  ? -1.263  0.335   2.227   1.00 22.79  ? 12  HIS A CG    1 
ATOM   86   N ND1   . HIS A 1 12  ? -0.072  0.917   1.749   1.00 24.75  ? 12  HIS A ND1   1 
ATOM   87   C CD2   . HIS A 1 12  ? -1.028  -0.184  3.485   1.00 14.96  ? 12  HIS A CD2   1 
ATOM   88   C CE1   . HIS A 1 12  ? 0.836   0.759   2.718   1.00 19.26  ? 12  HIS A CE1   1 
ATOM   89   N NE2   . HIS A 1 12  ? 0.301   0.091   3.751   1.00 23.79  ? 12  HIS A NE2   1 
ATOM   90   N N     . MET A 1 13  ? -5.410  2.038   0.390   1.00 29.01  ? 13  MET A N     1 
ATOM   91   C CA    . MET A 1 13  ? -6.543  1.886   -0.530  1.00 25.23  ? 13  MET A CA    1 
ATOM   92   C C     . MET A 1 13  ? -6.862  3.093   -1.400  1.00 25.44  ? 13  MET A C     1 
ATOM   93   O O     . MET A 1 13  ? -6.969  4.203   -0.895  1.00 27.68  ? 13  MET A O     1 
ATOM   94   C CB    . MET A 1 13  ? -7.856  1.436   0.173   1.00 16.81  ? 13  MET A CB    1 
ATOM   95   C CG    . MET A 1 13  ? -7.858  0.025   0.783   1.00 18.03  ? 13  MET A CG    1 
ATOM   96   S SD    . MET A 1 13  ? -7.463  -1.346  -0.388  1.00 24.33  ? 13  MET A SD    1 
ATOM   97   C CE    . MET A 1 13  ? -8.722  -1.138  -1.683  1.00 19.91  ? 13  MET A CE    1 
ATOM   98   N N     . ASP A 1 14  ? -7.051  2.867   -2.718  1.00 21.25  ? 14  ASP A N     1 
ATOM   99   C CA    . ASP A 1 14  ? -7.474  3.952   -3.616  1.00 19.51  ? 14  ASP A CA    1 
ATOM   100  C C     . ASP A 1 14  ? -8.355  3.402   -4.723  1.00 29.90  ? 14  ASP A C     1 
ATOM   101  O O     . ASP A 1 14  ? -7.886  3.224   -5.843  1.00 25.54  ? 14  ASP A O     1 
ATOM   102  C CB    . ASP A 1 14  ? -6.399  4.881   -4.196  1.00 19.57  ? 14  ASP A CB    1 
ATOM   103  C CG    . ASP A 1 14  ? -7.080  6.005   -4.943  1.00 36.76  ? 14  ASP A CG    1 
ATOM   104  O OD1   . ASP A 1 14  ? -8.261  6.272   -4.796  1.00 39.06  ? 14  ASP A OD1   1 
ATOM   105  O OD2   . ASP A 1 14  ? -6.288  6.655   -5.772  1.00 25.93  ? 14  ASP A OD2   1 
ATOM   106  N N     . SER A 1 15  ? -9.613  3.083   -4.388  1.00 16.61  ? 15  SER A N     1 
ATOM   107  C CA    . SER A 1 15  ? -10.587 2.534   -5.324  1.00 30.63  ? 15  SER A CA    1 
ATOM   108  C C     . SER A 1 15  ? -11.224 3.624   -6.197  1.00 27.92  ? 15  SER A C     1 
ATOM   109  O O     . SER A 1 15  ? -12.007 3.344   -7.083  1.00 43.65  ? 15  SER A O     1 
ATOM   110  C CB    . SER A 1 15  ? -11.740 1.829   -4.608  1.00 26.48  ? 15  SER A CB    1 
ATOM   111  O OG    . SER A 1 15  ? -11.297 0.954   -3.592  1.00 31.92  ? 15  SER A OG    1 
ATOM   112  N N     . SER A 1 16  ? -10.924 4.880   -5.977  1.00 27.72  ? 16  SER A N     1 
ATOM   113  C CA    . SER A 1 16  ? -11.579 5.891   -6.788  1.00 22.18  ? 16  SER A CA    1 
ATOM   114  C C     . SER A 1 16  ? -11.071 6.019   -8.221  1.00 38.28  ? 16  SER A C     1 
ATOM   115  O O     . SER A 1 16  ? -11.784 6.585   -9.046  1.00 37.98  ? 16  SER A O     1 
ATOM   116  C CB    . SER A 1 16  ? -11.453 7.221   -6.065  1.00 22.71  ? 16  SER A CB    1 
ATOM   117  O OG    . SER A 1 16  ? -10.124 7.675   -6.240  1.00 33.66  ? 16  SER A OG    1 
ATOM   118  N N     . THR A 1 17  ? -9.852  5.519   -8.510  1.00 30.40  ? 17  THR A N     1 
ATOM   119  C CA    . THR A 1 17  ? -9.242  5.593   -9.845  1.00 20.94  ? 17  THR A CA    1 
ATOM   120  C C     . THR A 1 17  ? -8.739  4.252   -10.295 1.00 31.52  ? 17  THR A C     1 
ATOM   121  O O     . THR A 1 17  ? -8.331  3.460   -9.459  1.00 32.97  ? 17  THR A O     1 
ATOM   122  C CB    . THR A 1 17  ? -8.025  6.565   -9.926  1.00 32.39  ? 17  THR A CB    1 
ATOM   123  O OG1   . THR A 1 17  ? -7.026  6.181   -9.011  1.00 33.72  ? 17  THR A OG1   1 
ATOM   124  C CG2   . THR A 1 17  ? -8.438  7.974   -9.566  1.00 48.31  ? 17  THR A CG2   1 
ATOM   125  N N     . SER A 1 18  ? -8.721  4.012   -11.610 1.00 27.58  ? 18  SER A N     1 
ATOM   126  C CA    . SER A 1 18  ? -8.239  2.734   -12.141 1.00 28.76  ? 18  SER A CA    1 
ATOM   127  C C     . SER A 1 18  ? -6.723  2.669   -12.228 1.00 23.67  ? 18  SER A C     1 
ATOM   128  O O     . SER A 1 18  ? -6.155  1.573   -12.337 1.00 29.35  ? 18  SER A O     1 
ATOM   129  C CB    . SER A 1 18  ? -8.839  2.379   -13.499 1.00 45.69  ? 18  SER A CB    1 
ATOM   130  O OG    . SER A 1 18  ? -8.203  3.139   -14.520 1.00 52.21  ? 18  SER A OG    1 
ATOM   131  N N     . ALA A 1 19  ? -6.093  3.852   -12.189 1.00 26.91  ? 19  ALA A N     1 
ATOM   132  C CA    . ALA A 1 19  ? -4.646  3.932   -12.258 1.00 30.24  ? 19  ALA A CA    1 
ATOM   133  C C     . ALA A 1 19  ? -4.159  5.340   -12.043 1.00 31.73  ? 19  ALA A C     1 
ATOM   134  O O     . ALA A 1 19  ? -4.943  6.256   -12.081 1.00 39.93  ? 19  ALA A O     1 
ATOM   135  C CB    . ALA A 1 19  ? -4.122  3.469   -13.607 1.00 29.78  ? 19  ALA A CB    1 
ATOM   136  N N     . ALA A 1 20  ? -2.855  5.468   -11.817 1.00 26.41  ? 20  ALA A N     1 
ATOM   137  C CA    . ALA A 1 20  ? -2.196  6.728   -11.615 1.00 36.30  ? 20  ALA A CA    1 
ATOM   138  C C     . ALA A 1 20  ? -2.402  7.602   -12.838 1.00 36.03  ? 20  ALA A C     1 
ATOM   139  O O     . ALA A 1 20  ? -2.115  7.184   -13.960 1.00 42.72  ? 20  ALA A O     1 
ATOM   140  C CB    . ALA A 1 20  ? -0.700  6.538   -11.358 1.00 34.34  ? 20  ALA A CB    1 
ATOM   141  N N     . SER A 1 21  ? -2.902  8.803   -12.551 1.00 61.40  ? 21  SER A N     1 
ATOM   142  C CA    . SER A 1 21  ? -3.218  9.853   -13.489 1.00 64.87  ? 21  SER A CA    1 
ATOM   143  C C     . SER A 1 21  ? -2.002  10.387  -14.236 1.00 100.00 ? 21  SER A C     1 
ATOM   144  O O     . SER A 1 21  ? -1.938  10.341  -15.462 1.00 71.08  ? 21  SER A O     1 
ATOM   145  C CB    . SER A 1 21  ? -3.902  11.008  -12.758 1.00 73.86  ? 21  SER A CB    1 
ATOM   146  O OG    . SER A 1 21  ? -3.050  11.561  -11.754 1.00 79.33  ? 21  SER A OG    1 
ATOM   147  N N     . SER A 1 22  ? -1.047  10.915  -13.483 1.00 43.32  ? 22  SER A N     1 
ATOM   148  C CA    . SER A 1 22  ? 0.152   11.530  -14.002 1.00 29.28  ? 22  SER A CA    1 
ATOM   149  C C     . SER A 1 22  ? 1.319   11.255  -13.105 1.00 42.39  ? 22  SER A C     1 
ATOM   150  O O     . SER A 1 22  ? 1.169   10.564  -12.109 1.00 38.91  ? 22  SER A O     1 
ATOM   151  C CB    . SER A 1 22  ? -0.067  13.028  -13.889 1.00 25.59  ? 22  SER A CB    1 
ATOM   152  O OG    . SER A 1 22  ? -0.471  13.346  -12.551 1.00 42.94  ? 22  SER A OG    1 
ATOM   153  N N     . SER A 1 23  ? 2.458   11.863  -13.451 1.00 38.40  ? 23  SER A N     1 
ATOM   154  C CA    . SER A 1 23  ? 3.698   11.710  -12.705 1.00 48.62  ? 23  SER A CA    1 
ATOM   155  C C     . SER A 1 23  ? 3.643   12.381  -11.340 1.00 37.13  ? 23  SER A C     1 
ATOM   156  O O     . SER A 1 23  ? 4.536   12.198  -10.509 1.00 43.80  ? 23  SER A O     1 
ATOM   157  C CB    . SER A 1 23  ? 4.853   12.286  -13.507 1.00 38.97  ? 23  SER A CB    1 
ATOM   158  O OG    . SER A 1 23  ? 4.637   13.678  -13.660 1.00 50.93  ? 23  SER A OG    1 
ATOM   159  N N     . ASN A 1 24  ? 2.587   13.162  -11.122 1.00 34.41  ? 24  ASN A N     1 
ATOM   160  C CA    . ASN A 1 24  ? 2.387   13.892  -9.875  1.00 29.12  ? 24  ASN A CA    1 
ATOM   161  C C     . ASN A 1 24  ? 1.458   13.214  -8.857  1.00 35.49  ? 24  ASN A C     1 
ATOM   162  O O     . ASN A 1 24  ? 1.242   13.731  -7.730  1.00 26.97  ? 24  ASN A O     1 
ATOM   163  C CB    . ASN A 1 24  ? 1.877   15.313  -10.170 1.00 37.13  ? 24  ASN A CB    1 
ATOM   164  C CG    . ASN A 1 24  ? 2.456   16.297  -9.192  1.00 100.00 ? 24  ASN A CG    1 
ATOM   165  O OD1   . ASN A 1 24  ? 3.693   16.454  -9.098  1.00 100.00 ? 24  ASN A OD1   1 
ATOM   166  N ND2   . ASN A 1 24  ? 1.555   16.939  -8.452  1.00 96.43  ? 24  ASN A ND2   1 
ATOM   167  N N     . TYR A 1 25  ? 0.901   12.074  -9.264  1.00 31.14  ? 25  TYR A N     1 
ATOM   168  C CA    . TYR A 1 25  ? -0.005  11.343  -8.388  1.00 25.92  ? 25  TYR A CA    1 
ATOM   169  C C     . TYR A 1 25  ? 0.526   11.171  -6.965  1.00 34.78  ? 25  TYR A C     1 
ATOM   170  O O     . TYR A 1 25  ? -0.163  11.532  -6.008  1.00 26.79  ? 25  TYR A O     1 
ATOM   171  C CB    . TYR A 1 25  ? -0.398  10.009  -9.040  1.00 20.36  ? 25  TYR A CB    1 
ATOM   172  C CG    . TYR A 1 25  ? -1.210  9.081   -8.171  1.00 27.85  ? 25  TYR A CG    1 
ATOM   173  C CD1   . TYR A 1 25  ? -0.605  8.178   -7.293  1.00 32.54  ? 25  TYR A CD1   1 
ATOM   174  C CD2   . TYR A 1 25  ? -2.605  9.096   -8.263  1.00 31.98  ? 25  TYR A CD2   1 
ATOM   175  C CE1   . TYR A 1 25  ? -1.386  7.306   -6.527  1.00 28.39  ? 25  TYR A CE1   1 
ATOM   176  C CE2   . TYR A 1 25  ? -3.404  8.256   -7.486  1.00 23.71  ? 25  TYR A CE2   1 
ATOM   177  C CZ    . TYR A 1 25  ? -2.781  7.351   -6.624  1.00 31.98  ? 25  TYR A CZ    1 
ATOM   178  O OH    . TYR A 1 25  ? -3.559  6.505   -5.873  1.00 30.90  ? 25  TYR A OH    1 
ATOM   179  N N     . CYS A 1 26  ? 1.768   10.660  -6.820  1.00 21.24  ? 26  CYS A N     1 
ATOM   180  C CA    . CYS A 1 26  ? 2.328   10.456  -5.481  1.00 31.83  ? 26  CYS A CA    1 
ATOM   181  C C     . CYS A 1 26  ? 2.435   11.683  -4.582  1.00 36.16  ? 26  CYS A C     1 
ATOM   182  O O     . CYS A 1 26  ? 2.182   11.653  -3.368  1.00 26.04  ? 26  CYS A O     1 
ATOM   183  C CB    . CYS A 1 26  ? 3.663   9.703   -5.509  1.00 21.70  ? 26  CYS A CB    1 
ATOM   184  S SG    . CYS A 1 26  ? 3.426   7.981   -6.002  1.00 24.79  ? 26  CYS A SG    1 
ATOM   185  N N     . ASN A 1 27  ? 2.885   12.766  -5.194  1.00 33.30  ? 27  ASN A N     1 
ATOM   186  C CA    . ASN A 1 27  ? 3.060   13.993  -4.468  1.00 29.14  ? 27  ASN A CA    1 
ATOM   187  C C     . ASN A 1 27  ? 1.728   14.425  -3.878  1.00 30.45  ? 27  ASN A C     1 
ATOM   188  O O     . ASN A 1 27  ? 1.634   14.846  -2.732  1.00 26.34  ? 27  ASN A O     1 
ATOM   189  C CB    . ASN A 1 27  ? 3.669   15.070  -5.376  1.00 29.76  ? 27  ASN A CB    1 
ATOM   190  C CG    . ASN A 1 27  ? 5.179   14.960  -5.589  1.00 39.69  ? 27  ASN A CG    1 
ATOM   191  O OD1   . ASN A 1 27  ? 5.939   14.320  -4.832  1.00 28.54  ? 27  ASN A OD1   1 
ATOM   192  N ND2   . ASN A 1 27  ? 5.630   15.640  -6.634  1.00 38.05  ? 27  ASN A ND2   1 
ATOM   193  N N     . GLN A 1 28  ? 0.684   14.276  -4.667  1.00 29.43  ? 28  GLN A N     1 
ATOM   194  C CA    . GLN A 1 28  ? -0.644  14.625  -4.208  1.00 36.33  ? 28  GLN A CA    1 
ATOM   195  C C     . GLN A 1 28  ? -1.190  13.699  -3.095  1.00 32.55  ? 28  GLN A C     1 
ATOM   196  O O     . GLN A 1 28  ? -1.619  14.125  -2.010  1.00 26.84  ? 28  GLN A O     1 
ATOM   197  C CB    . GLN A 1 28  ? -1.601  14.701  -5.434  1.00 32.02  ? 28  GLN A CB    1 
ATOM   198  C CG    . GLN A 1 28  ? -3.075  15.067  -5.109  1.00 100.00 ? 28  GLN A CG    1 
ATOM   199  C CD    . GLN A 1 28  ? -4.121  13.945  -5.243  1.00 100.00 ? 28  GLN A CD    1 
ATOM   200  O OE1   . GLN A 1 28  ? -4.382  13.434  -6.358  1.00 81.42  ? 28  GLN A OE1   1 
ATOM   201  N NE2   . GLN A 1 28  ? -4.750  13.583  -4.107  1.00 52.69  ? 28  GLN A NE2   1 
ATOM   202  N N     . MET A 1 29  ? -1.212  12.400  -3.370  1.00 26.91  ? 29  MET A N     1 
ATOM   203  C CA    . MET A 1 29  ? -1.762  11.444  -2.429  1.00 22.85  ? 29  MET A CA    1 
ATOM   204  C C     . MET A 1 29  ? -1.062  11.367  -1.095  1.00 26.56  ? 29  MET A C     1 
ATOM   205  O O     . MET A 1 29  ? -1.717  11.228  -0.075  1.00 32.56  ? 29  MET A O     1 
ATOM   206  C CB    . MET A 1 29  ? -1.886  10.059  -3.082  1.00 22.98  ? 29  MET A CB    1 
ATOM   207  C CG    . MET A 1 29  ? -2.864  10.061  -4.248  1.00 38.03  ? 29  MET A CG    1 
ATOM   208  S SD    . MET A 1 29  ? -4.609  10.214  -3.717  1.00 35.03  ? 29  MET A SD    1 
ATOM   209  C CE    . MET A 1 29  ? -4.807  8.695   -2.775  1.00 29.25  ? 29  MET A CE    1 
ATOM   210  N N     . MET A 1 30  ? 0.266   11.432  -1.069  1.00 26.71  ? 30  MET A N     1 
ATOM   211  C CA    . MET A 1 30  ? 0.943   11.319  0.219   1.00 18.18  ? 30  MET A CA    1 
ATOM   212  C C     . MET A 1 30  ? 0.536   12.449  1.153   1.00 28.48  ? 30  MET A C     1 
ATOM   213  O O     . MET A 1 30  ? 0.506   12.321  2.385   1.00 26.71  ? 30  MET A O     1 
ATOM   214  C CB    . MET A 1 30  ? 2.484   11.242  0.064   1.00 30.83  ? 30  MET A CB    1 
ATOM   215  C CG    . MET A 1 30  ? 2.937   10.071  -0.809  1.00 24.04  ? 30  MET A CG    1 
ATOM   216  S SD    . MET A 1 30  ? 2.776   8.517   0.099   1.00 27.37  ? 30  MET A SD    1 
ATOM   217  C CE    . MET A 1 30  ? 3.936   8.676   1.498   1.00 20.15  ? 30  MET A CE    1 
ATOM   218  N N     . LYS A 1 31  ? 0.219   13.589  0.546   1.00 25.31  ? 31  LYS A N     1 
ATOM   219  C CA    . LYS A 1 31  ? -0.218  14.741  1.337   1.00 27.62  ? 31  LYS A CA    1 
ATOM   220  C C     . LYS A 1 31  ? -1.670  14.565  1.800   1.00 44.94  ? 31  LYS A C     1 
ATOM   221  O O     . LYS A 1 31  ? -1.973  14.675  2.981   1.00 35.64  ? 31  LYS A O     1 
ATOM   222  C CB    . LYS A 1 31  ? -0.087  15.996  0.499   1.00 30.24  ? 31  LYS A CB    1 
ATOM   223  C CG    . LYS A 1 31  ? -0.123  17.299  1.298   1.00 47.88  ? 31  LYS A CG    1 
ATOM   224  C CD    . LYS A 1 31  ? 0.067   18.549  0.436   1.00 100.00 ? 31  LYS A CD    1 
ATOM   225  C CE    . LYS A 1 31  ? 0.003   19.864  1.218   1.00 100.00 ? 31  LYS A CE    1 
ATOM   226  N NZ    . LYS A 1 31  ? -1.028  20.797  0.731   1.00 100.00 ? 31  LYS A NZ    1 
ATOM   227  N N     . SER A 1 32  ? -2.561  14.278  0.846   1.00 31.90  ? 32  SER A N     1 
ATOM   228  C CA    . SER A 1 32  ? -3.981  14.059  1.066   1.00 24.20  ? 32  SER A CA    1 
ATOM   229  C C     . SER A 1 32  ? -4.242  13.091  2.200   1.00 36.53  ? 32  SER A C     1 
ATOM   230  O O     . SER A 1 32  ? -5.194  13.236  2.960   1.00 33.69  ? 32  SER A O     1 
ATOM   231  C CB    . SER A 1 32  ? -4.576  13.331  -0.148  1.00 28.51  ? 32  SER A CB    1 
ATOM   232  O OG    . SER A 1 32  ? -4.891  14.197  -1.214  1.00 58.15  ? 32  SER A OG    1 
ATOM   233  N N     . ARG A 1 33  ? -3.443  12.039  2.271   1.00 25.83  ? 33  ARG A N     1 
ATOM   234  C CA    . ARG A 1 33  ? -3.654  11.025  3.301   1.00 23.97  ? 33  ARG A CA    1 
ATOM   235  C C     . ARG A 1 33  ? -2.911  11.322  4.605   1.00 28.32  ? 33  ARG A C     1 
ATOM   236  O O     . ARG A 1 33  ? -2.835  10.542  5.558   1.00 26.31  ? 33  ARG A O     1 
ATOM   237  C CB    . ARG A 1 33  ? -3.404  9.612   2.754   1.00 30.72  ? 33  ARG A CB    1 
ATOM   238  C CG    . ARG A 1 33  ? -4.336  9.277   1.585   1.00 27.72  ? 33  ARG A CG    1 
ATOM   239  C CD    . ARG A 1 33  ? -5.746  8.862   2.025   1.00 21.92  ? 33  ARG A CD    1 
ATOM   240  N NE    . ARG A 1 33  ? -6.570  8.521   0.878   1.00 18.77  ? 33  ARG A NE    1 
ATOM   241  C CZ    . ARG A 1 33  ? -6.701  7.267   0.484   1.00 29.29  ? 33  ARG A CZ    1 
ATOM   242  N NH1   . ARG A 1 33  ? -6.091  6.283   1.124   1.00 18.63  ? 33  ARG A NH1   1 
ATOM   243  N NH2   . ARG A 1 33  ? -7.440  6.984   -0.572  1.00 22.68  ? 33  ARG A NH2   1 
ATOM   244  N N     . ASN A 1 34  ? -2.352  12.502  4.655   1.00 27.92  ? 34  ASN A N     1 
ATOM   245  C CA    . ASN A 1 34  ? -1.633  12.919  5.843   1.00 30.63  ? 34  ASN A CA    1 
ATOM   246  C C     . ASN A 1 34  ? -0.358  12.130  6.135   1.00 39.39  ? 34  ASN A C     1 
ATOM   247  O O     . ASN A 1 34  ? -0.008  11.916  7.298   1.00 32.89  ? 34  ASN A O     1 
ATOM   248  C CB    . ASN A 1 34  ? -2.594  12.905  7.054   1.00 34.34  ? 34  ASN A CB    1 
ATOM   249  C CG    . ASN A 1 34  ? -3.707  13.933  6.863   1.00 61.23  ? 34  ASN A CG    1 
ATOM   250  O OD1   . ASN A 1 34  ? -3.485  15.042  6.360   1.00 43.51  ? 34  ASN A OD1   1 
ATOM   251  N ND2   . ASN A 1 34  ? -4.928  13.583  7.232   1.00 39.98  ? 34  ASN A ND2   1 
ATOM   252  N N     . LEU A 1 35  ? 0.338   11.680  5.096   1.00 30.89  ? 35  LEU A N     1 
ATOM   253  C CA    . LEU A 1 35  ? 1.536   10.884  5.300   1.00 31.01  ? 35  LEU A CA    1 
ATOM   254  C C     . LEU A 1 35  ? 2.827   11.717  5.391   1.00 40.73  ? 35  LEU A C     1 
ATOM   255  O O     . LEU A 1 35  ? 3.906   11.199  5.679   1.00 37.34  ? 35  LEU A O     1 
ATOM   256  C CB    . LEU A 1 35  ? 1.636   9.709   4.275   1.00 24.29  ? 35  LEU A CB    1 
ATOM   257  C CG    . LEU A 1 35  ? 0.351   8.864   4.204   1.00 35.46  ? 35  LEU A CG    1 
ATOM   258  C CD1   . LEU A 1 35  ? 0.397   7.789   3.119   1.00 21.98  ? 35  LEU A CD1   1 
ATOM   259  C CD2   . LEU A 1 35  ? 0.094   8.195   5.546   1.00 21.83  ? 35  LEU A CD2   1 
ATOM   260  N N     . THR A 1 36  ? 2.737   13.023  5.163   1.00 40.63  ? 36  THR A N     1 
ATOM   261  C CA    . THR A 1 36  ? 3.915   13.876  5.221   1.00 29.60  ? 36  THR A CA    1 
ATOM   262  C C     . THR A 1 36  ? 3.793   14.952  6.275   1.00 62.42  ? 36  THR A C     1 
ATOM   263  O O     . THR A 1 36  ? 4.441   16.000  6.200   1.00 52.80  ? 36  THR A O     1 
ATOM   264  C CB    . THR A 1 36  ? 4.180   14.547  3.865   1.00 36.56  ? 36  THR A CB    1 
ATOM   265  O OG1   . THR A 1 36  ? 3.184   15.517  3.571   1.00 31.40  ? 36  THR A OG1   1 
ATOM   266  C CG2   . THR A 1 36  ? 4.252   13.484  2.780   1.00 42.65  ? 36  THR A CG2   1 
ATOM   267  N N     . LYS A 1 37  ? 2.940   14.680  7.250   1.00 46.21  ? 37  LYS A N     1 
ATOM   268  C CA    . LYS A 1 37  ? 2.630   15.613  8.318   1.00 82.04  ? 37  LYS A CA    1 
ATOM   269  C C     . LYS A 1 37  ? 3.736   15.822  9.343   1.00 39.15  ? 37  LYS A C     1 
ATOM   270  O O     . LYS A 1 37  ? 4.085   16.953  9.702   1.00 70.23  ? 37  LYS A O     1 
ATOM   271  C CB    . LYS A 1 37  ? 1.195   15.455  8.838   1.00 41.03  ? 37  LYS A CB    1 
ATOM   272  C CG    . LYS A 1 37  ? 0.723   16.446  9.889   1.00 100.00 ? 37  LYS A CG    1 
ATOM   273  C CD    . LYS A 1 37  ? 0.130   15.741  11.103  1.00 100.00 ? 37  LYS A CD    1 
ATOM   274  C CE    . LYS A 1 37  ? -0.799  16.614  11.947  1.00 100.00 ? 37  LYS A CE    1 
ATOM   275  N NZ    . LYS A 1 37  ? -1.390  15.898  13.076  1.00 100.00 ? 37  LYS A NZ    1 
ATOM   276  N N     . ASP A 1 38  ? 4.330   14.742  9.820   1.00 56.56  ? 38  ASP A N     1 
ATOM   277  C CA    . ASP A 1 38  ? 5.403   14.916  10.791  1.00 48.99  ? 38  ASP A CA    1 
ATOM   278  C C     . ASP A 1 38  ? 6.784   14.634  10.227  1.00 72.14  ? 38  ASP A C     1 
ATOM   279  O O     . ASP A 1 38  ? 7.774   15.068  10.776  1.00 53.03  ? 38  ASP A O     1 
ATOM   280  C CB    . ASP A 1 38  ? 5.171   14.162  12.105  1.00 54.51  ? 38  ASP A CB    1 
ATOM   281  C CG    . ASP A 1 38  ? 3.899   14.637  12.753  1.00 100.00 ? 38  ASP A CG    1 
ATOM   282  O OD1   . ASP A 1 38  ? 3.801   15.697  13.353  1.00 100.00 ? 38  ASP A OD1   1 
ATOM   283  O OD2   . ASP A 1 38  ? 2.902   13.805  12.572  1.00 100.00 ? 38  ASP A OD2   1 
ATOM   284  N N     . ARG A 1 39  ? 6.841   13.901  9.128   1.00 100.00 ? 39  ARG A N     1 
ATOM   285  C CA    . ARG A 1 39  ? 8.091   13.590  8.460   1.00 45.57  ? 39  ARG A CA    1 
ATOM   286  C C     . ARG A 1 39  ? 7.744   13.131  7.066   1.00 44.97  ? 39  ARG A C     1 
ATOM   287  O O     . ARG A 1 39  ? 6.563   13.082  6.705   1.00 49.00  ? 39  ARG A O     1 
ATOM   288  C CB    . ARG A 1 39  ? 8.888   12.518  9.189   1.00 37.67  ? 39  ARG A CB    1 
ATOM   289  C CG    . ARG A 1 39  ? 8.038   11.328  9.585   1.00 47.05  ? 39  ARG A CG    1 
ATOM   290  C CD    . ARG A 1 39  ? 8.899   10.085  9.670   1.00 100.00 ? 39  ARG A CD    1 
ATOM   291  N NE    . ARG A 1 39  ? 8.265   8.863   9.163   1.00 100.00 ? 39  ARG A NE    1 
ATOM   292  C CZ    . ARG A 1 39  ? 8.928   7.765   8.736   1.00 100.00 ? 39  ARG A CZ    1 
ATOM   293  N NH1   . ARG A 1 39  ? 10.275  7.681   8.720   1.00 100.00 ? 39  ARG A NH1   1 
ATOM   294  N NH2   . ARG A 1 39  ? 8.196   6.721   8.317   1.00 98.55  ? 39  ARG A NH2   1 
ATOM   295  N N     . CYS A 1 40  ? 8.749   12.820  6.271   1.00 43.88  ? 40  CYS A N     1 
ATOM   296  C CA    . CYS A 1 40  ? 8.426   12.327  4.947   1.00 35.26  ? 40  CYS A CA    1 
ATOM   297  C C     . CYS A 1 40  ? 8.428   10.810  5.026   1.00 38.99  ? 40  CYS A C     1 
ATOM   298  O O     . CYS A 1 40  ? 9.473   10.219  5.247   1.00 28.20  ? 40  CYS A O     1 
ATOM   299  C CB    . CYS A 1 40  ? 9.417   12.774  3.857   1.00 32.66  ? 40  CYS A CB    1 
ATOM   300  S SG    . CYS A 1 40  ? 9.626   14.579  3.689   1.00 40.21  ? 40  CYS A SG    1 
ATOM   301  N N     . LYS A 1 41  ? 7.273   10.149  4.907   1.00 28.91  ? 41  LYS A N     1 
ATOM   302  C CA    . LYS A 1 41  ? 7.299   8.691   4.919   1.00 33.21  ? 41  LYS A CA    1 
ATOM   303  C C     . LYS A 1 41  ? 8.076   8.301   3.615   1.00 20.43  ? 41  LYS A C     1 
ATOM   304  O O     . LYS A 1 41  ? 7.813   8.806   2.525   1.00 28.36  ? 41  LYS A O     1 
ATOM   305  C CB    . LYS A 1 41  ? 5.870   8.141   5.007   1.00 22.24  ? 41  LYS A CB    1 
ATOM   306  C CG    . LYS A 1 41  ? 5.775   6.618   5.100   1.00 29.93  ? 41  LYS A CG    1 
ATOM   307  C CD    . LYS A 1 41  ? 4.345   6.073   5.235   1.00 33.76  ? 41  LYS A CD    1 
ATOM   308  C CE    . LYS A 1 41  ? 4.345   4.578   5.529   1.00 25.89  ? 41  LYS A CE    1 
ATOM   309  N NZ    . LYS A 1 41  ? 3.119   3.923   5.100   1.00 50.63  ? 41  LYS A NZ    1 
ATOM   310  N N     . PRO A 1 42  ? 9.081   7.456   3.719   1.00 21.49  ? 42  PRO A N     1 
ATOM   311  C CA    . PRO A 1 42  ? 9.927   7.117   2.605   1.00 35.12  ? 42  PRO A CA    1 
ATOM   312  C C     . PRO A 1 42  ? 9.352   6.292   1.487   1.00 24.64  ? 42  PRO A C     1 
ATOM   313  O O     . PRO A 1 42  ? 9.635   6.568   0.307   1.00 27.89  ? 42  PRO A O     1 
ATOM   314  C CB    . PRO A 1 42  ? 11.178  6.421   3.173   1.00 24.37  ? 42  PRO A CB    1 
ATOM   315  C CG    . PRO A 1 42  ? 10.927  6.175   4.640   1.00 24.84  ? 42  PRO A CG    1 
ATOM   316  C CD    . PRO A 1 42  ? 9.676   6.984   4.993   1.00 25.17  ? 42  PRO A CD    1 
ATOM   317  N N     . VAL A 1 43  ? 8.590   5.272   1.859   1.00 22.13  ? 43  VAL A N     1 
ATOM   318  C CA    . VAL A 1 43  ? 7.998   4.374   0.870   1.00 32.93  ? 43  VAL A CA    1 
ATOM   319  C C     . VAL A 1 43  ? 6.525   4.054   1.125   1.00 33.43  ? 43  VAL A C     1 
ATOM   320  O O     . VAL A 1 43  ? 6.200   3.791   2.265   1.00 25.02  ? 43  VAL A O     1 
ATOM   321  C CB    . VAL A 1 43  ? 8.773   3.068   0.983   1.00 42.31  ? 43  VAL A CB    1 
ATOM   322  C CG1   . VAL A 1 43  ? 8.172   2.017   0.064   1.00 31.97  ? 43  VAL A CG1   1 
ATOM   323  C CG2   . VAL A 1 43  ? 10.242  3.306   0.636   1.00 25.25  ? 43  VAL A CG2   1 
ATOM   324  N N     . ASN A 1 44  ? 5.659   4.035   0.093   1.00 25.35  ? 44  ASN A N     1 
ATOM   325  C CA    . ASN A 1 44  ? 4.234   3.685   0.270   1.00 21.76  ? 44  ASN A CA    1 
ATOM   326  C C     . ASN A 1 44  ? 3.580   3.200   -1.014  1.00 21.59  ? 44  ASN A C     1 
ATOM   327  O O     . ASN A 1 44  ? 3.815   3.793   -2.058  1.00 29.42  ? 44  ASN A O     1 
ATOM   328  C CB    . ASN A 1 44  ? 3.400   4.860   0.809   1.00 19.76  ? 44  ASN A CB    1 
ATOM   329  C CG    . ASN A 1 44  ? 2.066   4.446   1.446   1.00 37.11  ? 44  ASN A CG    1 
ATOM   330  O OD1   . ASN A 1 44  ? 1.974   3.630   2.376   1.00 27.00  ? 44  ASN A OD1   1 
ATOM   331  N ND2   . ASN A 1 44  ? 0.978   5.020   0.964   1.00 23.08  ? 44  ASN A ND2   1 
ATOM   332  N N     . THR A 1 45  ? 2.739   2.159   -0.939  1.00 19.61  ? 45  THR A N     1 
ATOM   333  C CA    . THR A 1 45  ? 2.033   1.623   -2.119  1.00 22.00  ? 45  THR A CA    1 
ATOM   334  C C     . THR A 1 45  ? 0.516   1.802   -2.031  1.00 21.91  ? 45  THR A C     1 
ATOM   335  O O     . THR A 1 45  ? -0.056  1.497   -0.989  1.00 15.20  ? 45  THR A O     1 
ATOM   336  C CB    . THR A 1 45  ? 2.352   0.103   -2.308  1.00 25.33  ? 45  THR A CB    1 
ATOM   337  O OG1   . THR A 1 45  ? 3.746   -0.107  -2.178  1.00 27.93  ? 45  THR A OG1   1 
ATOM   338  C CG2   . THR A 1 45  ? 1.926   -0.468  -3.671  1.00 16.01  ? 45  THR A CG2   1 
ATOM   339  N N     . PHE A 1 46  ? -0.137  2.255   -3.132  1.00 15.95  ? 46  PHE A N     1 
ATOM   340  C CA    . PHE A 1 46  ? -1.599  2.406   -3.187  1.00 15.39  ? 46  PHE A CA    1 
ATOM   341  C C     . PHE A 1 46  ? -2.161  1.365   -4.141  1.00 26.81  ? 46  PHE A C     1 
ATOM   342  O O     . PHE A 1 46  ? -1.571  1.161   -5.218  1.00 27.37  ? 46  PHE A O     1 
ATOM   343  C CB    . PHE A 1 46  ? -1.988  3.791   -3.757  1.00 17.49  ? 46  PHE A CB    1 
ATOM   344  C CG    . PHE A 1 46  ? -1.742  4.883   -2.742  1.00 25.21  ? 46  PHE A CG    1 
ATOM   345  C CD1   . PHE A 1 46  ? -2.613  5.090   -1.668  1.00 31.03  ? 46  PHE A CD1   1 
ATOM   346  C CD2   . PHE A 1 46  ? -0.609  5.697   -2.854  1.00 17.95  ? 46  PHE A CD2   1 
ATOM   347  C CE1   . PHE A 1 46  ? -2.354  6.091   -0.727  1.00 30.81  ? 46  PHE A CE1   1 
ATOM   348  C CE2   . PHE A 1 46  ? -0.340  6.721   -1.939  1.00 30.69  ? 46  PHE A CE2   1 
ATOM   349  C CZ    . PHE A 1 46  ? -1.222  6.904   -0.872  1.00 29.42  ? 46  PHE A CZ    1 
ATOM   350  N N     . VAL A 1 47  ? -3.265  0.719   -3.755  1.00 23.19  ? 47  VAL A N     1 
ATOM   351  C CA    . VAL A 1 47  ? -3.924  -0.320  -4.563  1.00 20.45  ? 47  VAL A CA    1 
ATOM   352  C C     . VAL A 1 47  ? -5.214  0.199   -5.250  1.00 42.10  ? 47  VAL A C     1 
ATOM   353  O O     . VAL A 1 47  ? -6.071  0.751   -4.558  1.00 27.70  ? 47  VAL A O     1 
ATOM   354  C CB    . VAL A 1 47  ? -4.245  -1.549  -3.689  1.00 23.87  ? 47  VAL A CB    1 
ATOM   355  C CG1   . VAL A 1 47  ? -4.750  -2.758  -4.512  1.00 16.24  ? 47  VAL A CG1   1 
ATOM   356  C CG2   . VAL A 1 47  ? -2.965  -1.922  -2.965  1.00 23.14  ? 47  VAL A CG2   1 
ATOM   357  N N     . HIS A 1 48  ? -5.362  0.035   -6.591  1.00 18.43  ? 48  HIS A N     1 
ATOM   358  C CA    . HIS A 1 48  ? -6.558  0.485   -7.304  1.00 18.28  ? 48  HIS A CA    1 
ATOM   359  C C     . HIS A 1 48  ? -7.477  -0.694  -7.619  1.00 32.65  ? 48  HIS A C     1 
ATOM   360  O O     . HIS A 1 48  ? -7.617  -1.100  -8.759  1.00 46.96  ? 48  HIS A O     1 
ATOM   361  C CB    . HIS A 1 48  ? -6.233  1.243   -8.609  1.00 18.43  ? 48  HIS A CB    1 
ATOM   362  C CG    . HIS A 1 48  ? -5.155  2.260   -8.487  1.00 25.09  ? 48  HIS A CG    1 
ATOM   363  N ND1   . HIS A 1 48  ? -5.432  3.566   -8.145  1.00 26.58  ? 48  HIS A ND1   1 
ATOM   364  C CD2   . HIS A 1 48  ? -3.811  2.146   -8.681  1.00 32.91  ? 48  HIS A CD2   1 
ATOM   365  C CE1   . HIS A 1 48  ? -4.269  4.218   -8.136  1.00 32.22  ? 48  HIS A CE1   1 
ATOM   366  N NE2   . HIS A 1 48  ? -3.271  3.387   -8.452  1.00 23.73  ? 48  HIS A NE2   1 
ATOM   367  N N     . GLU A 1 49  ? -8.069  -1.294  -6.608  1.00 25.25  ? 49  GLU A N     1 
ATOM   368  C CA    . GLU A 1 49  ? -8.980  -2.444  -6.741  1.00 21.76  ? 49  GLU A CA    1 
ATOM   369  C C     . GLU A 1 49  ? -10.024 -2.241  -5.660  1.00 31.16  ? 49  GLU A C     1 
ATOM   370  O O     . GLU A 1 49  ? -9.826  -1.340  -4.845  1.00 24.25  ? 49  GLU A O     1 
ATOM   371  C CB    . GLU A 1 49  ? -8.305  -3.842  -6.585  1.00 23.26  ? 49  GLU A CB    1 
ATOM   372  C CG    . GLU A 1 49  ? -7.087  -4.128  -7.517  1.00 34.55  ? 49  GLU A CG    1 
ATOM   373  C CD    . GLU A 1 49  ? -7.465  -4.334  -8.955  1.00 34.38  ? 49  GLU A CD    1 
ATOM   374  O OE1   . GLU A 1 49  ? -8.593  -4.558  -9.319  1.00 29.65  ? 49  GLU A OE1   1 
ATOM   375  O OE2   . GLU A 1 49  ? -6.480  -4.222  -9.793  1.00 32.03  ? 49  GLU A OE2   1 
ATOM   376  N N     . SER A 1 50  ? -11.098 -3.052  -5.629  1.00 27.51  ? 50  SER A N     1 
ATOM   377  C CA    . SER A 1 50  ? -12.115 -2.914  -4.594  1.00 35.39  ? 50  SER A CA    1 
ATOM   378  C C     . SER A 1 50  ? -11.667 -3.524  -3.266  1.00 30.13  ? 50  SER A C     1 
ATOM   379  O O     . SER A 1 50  ? -10.914 -4.517  -3.245  1.00 27.64  ? 50  SER A O     1 
ATOM   380  C CB    . SER A 1 50  ? -13.421 -3.587  -4.996  1.00 27.85  ? 50  SER A CB    1 
ATOM   381  O OG    . SER A 1 50  ? -13.250 -4.999  -4.901  1.00 28.14  ? 50  SER A OG    1 
ATOM   382  N N     . LEU A 1 51  ? -12.181 -2.947  -2.159  1.00 23.07  ? 51  LEU A N     1 
ATOM   383  C CA    . LEU A 1 51  ? -11.893 -3.405  -0.812  1.00 22.57  ? 51  LEU A CA    1 
ATOM   384  C C     . LEU A 1 51  ? -12.096 -4.899  -0.692  1.00 29.15  ? 51  LEU A C     1 
ATOM   385  O O     . LEU A 1 51  ? -11.237 -5.612  -0.168  1.00 27.83  ? 51  LEU A O     1 
ATOM   386  C CB    . LEU A 1 51  ? -12.703 -2.619  0.250   1.00 24.65  ? 51  LEU A CB    1 
ATOM   387  C CG    . LEU A 1 51  ? -12.393 -3.036  1.672   1.00 34.18  ? 51  LEU A CG    1 
ATOM   388  C CD1   . LEU A 1 51  ? -10.951 -2.691  2.103   1.00 19.93  ? 51  LEU A CD1   1 
ATOM   389  C CD2   . LEU A 1 51  ? -13.427 -2.378  2.560   1.00 36.21  ? 51  LEU A CD2   1 
ATOM   390  N N     . ALA A 1 52  ? -13.236 -5.370  -1.222  1.00 24.97  ? 52  ALA A N     1 
ATOM   391  C CA    . ALA A 1 52  ? -13.569 -6.785  -1.220  1.00 20.36  ? 52  ALA A CA    1 
ATOM   392  C C     . ALA A 1 52  ? -12.466 -7.598  -1.900  1.00 18.87  ? 52  ALA A C     1 
ATOM   393  O O     . ALA A 1 52  ? -12.056 -8.644  -1.370  1.00 20.48  ? 52  ALA A O     1 
ATOM   394  C CB    . ALA A 1 52  ? -14.895 -7.035  -1.929  1.00 25.73  ? 52  ALA A CB    1 
ATOM   395  N N     . ASP A 1 53  ? -11.953 -7.149  -3.062  1.00 22.07  ? 53  ASP A N     1 
ATOM   396  C CA    . ASP A 1 53  ? -10.882 -7.940  -3.714  1.00 29.81  ? 53  ASP A CA    1 
ATOM   397  C C     . ASP A 1 53  ? -9.574  -7.960  -2.905  1.00 31.05  ? 53  ASP A C     1 
ATOM   398  O O     . ASP A 1 53  ? -8.841  -8.953  -2.893  1.00 25.15  ? 53  ASP A O     1 
ATOM   399  C CB    . ASP A 1 53  ? -10.566 -7.521  -5.173  1.00 24.53  ? 53  ASP A CB    1 
ATOM   400  C CG    . ASP A 1 53  ? -11.650 -7.901  -6.147  1.00 49.94  ? 53  ASP A CG    1 
ATOM   401  O OD1   . ASP A 1 53  ? -12.521 -8.676  -5.885  1.00 31.59  ? 53  ASP A OD1   1 
ATOM   402  O OD2   . ASP A 1 53  ? -11.583 -7.304  -7.307  1.00 31.86  ? 53  ASP A OD2   1 
ATOM   403  N N     . VAL A 1 54  ? -9.262  -6.860  -2.233  1.00 33.70  ? 54  VAL A N     1 
ATOM   404  C CA    . VAL A 1 54  ? -8.042  -6.805  -1.441  1.00 26.35  ? 54  VAL A CA    1 
ATOM   405  C C     . VAL A 1 54  ? -8.194  -7.690  -0.207  1.00 27.92  ? 54  VAL A C     1 
ATOM   406  O O     . VAL A 1 54  ? -7.307  -8.491  0.081   1.00 25.18  ? 54  VAL A O     1 
ATOM   407  C CB    . VAL A 1 54  ? -7.616  -5.357  -1.142  1.00 32.53  ? 54  VAL A CB    1 
ATOM   408  C CG1   . VAL A 1 54  ? -6.517  -5.304  -0.086  1.00 19.74  ? 54  VAL A CG1   1 
ATOM   409  C CG2   . VAL A 1 54  ? -7.106  -4.700  -2.423  1.00 15.78  ? 54  VAL A CG2   1 
ATOM   410  N N     . GLN A 1 55  ? -9.334  -7.596  0.505   1.00 24.02  ? 55  GLN A N     1 
ATOM   411  C CA    . GLN A 1 55  ? -9.588  -8.455  1.692   1.00 24.85  ? 55  GLN A CA    1 
ATOM   412  C C     . GLN A 1 55  ? -9.569  -9.952  1.352   1.00 23.16  ? 55  GLN A C     1 
ATOM   413  O O     . GLN A 1 55  ? -9.144  -10.792 2.143   1.00 23.07  ? 55  GLN A O     1 
ATOM   414  C CB    . GLN A 1 55  ? -10.908 -8.139  2.426   1.00 23.83  ? 55  GLN A CB    1 
ATOM   415  C CG    . GLN A 1 55  ? -10.872 -6.762  3.110   1.00 25.01  ? 55  GLN A CG    1 
ATOM   416  C CD    . GLN A 1 55  ? -12.209 -6.351  3.708   1.00 38.61  ? 55  GLN A CD    1 
ATOM   417  O OE1   . GLN A 1 55  ? -12.259 -5.581  4.685   1.00 34.18  ? 55  GLN A OE1   1 
ATOM   418  N NE2   . GLN A 1 55  ? -13.307 -6.841  3.132   1.00 21.99  ? 55  GLN A NE2   1 
ATOM   419  N N     . ALA A 1 56  ? -10.003 -10.312 0.148   1.00 26.07  ? 56  ALA A N     1 
ATOM   420  C CA    . ALA A 1 56  ? -9.995  -11.719 -0.271  1.00 22.47  ? 56  ALA A CA    1 
ATOM   421  C C     . ALA A 1 56  ? -8.588  -12.302 -0.366  1.00 22.78  ? 56  ALA A C     1 
ATOM   422  O O     . ALA A 1 56  ? -8.403  -13.514 -0.391  1.00 24.16  ? 56  ALA A O     1 
ATOM   423  C CB    . ALA A 1 56  ? -10.698 -11.889 -1.619  1.00 14.91  ? 56  ALA A CB    1 
ATOM   424  N N     . VAL A 1 57  ? -7.563  -11.462 -0.446  1.00 24.95  ? 57  VAL A N     1 
ATOM   425  C CA    . VAL A 1 57  ? -6.213  -12.003 -0.541  1.00 10.06  ? 57  VAL A CA    1 
ATOM   426  C C     . VAL A 1 57  ? -5.802  -12.833 0.687   1.00 21.00  ? 57  VAL A C     1 
ATOM   427  O O     . VAL A 1 57  ? -4.932  -13.705 0.597   1.00 23.58  ? 57  VAL A O     1 
ATOM   428  C CB    . VAL A 1 57  ? -5.191  -10.908 -0.817  1.00 23.71  ? 57  VAL A CB    1 
ATOM   429  C CG1   . VAL A 1 57  ? -3.791  -11.521 -0.847  1.00 25.40  ? 57  VAL A CG1   1 
ATOM   430  C CG2   . VAL A 1 57  ? -5.465  -10.235 -2.150  1.00 24.18  ? 57  VAL A CG2   1 
ATOM   431  N N     . CYS A 1 58  ? -6.397  -12.546 1.842   1.00 22.30  ? 58  CYS A N     1 
ATOM   432  C CA    . CYS A 1 58  ? -6.104  -13.238 3.117   1.00 23.98  ? 58  CYS A CA    1 
ATOM   433  C C     . CYS A 1 58  ? -6.512  -14.690 3.096   1.00 28.78  ? 58  CYS A C     1 
ATOM   434  O O     . CYS A 1 58  ? -6.327  -15.393 4.087   1.00 26.58  ? 58  CYS A O     1 
ATOM   435  C CB    . CYS A 1 58  ? -6.790  -12.600 4.366   1.00 23.37  ? 58  CYS A CB    1 
ATOM   436  S SG    . CYS A 1 58  ? -6.152  -10.959 4.851   1.00 24.18  ? 58  CYS A SG    1 
ATOM   437  N N     . SER A 1 59  ? -7.080  -15.107 1.966   1.00 35.87  ? 59  SER A N     1 
ATOM   438  C CA    . SER A 1 59  ? -7.526  -16.479 1.733   1.00 37.39  ? 59  SER A CA    1 
ATOM   439  C C     . SER A 1 59  ? -6.846  -17.106 0.520   1.00 40.41  ? 59  SER A C     1 
ATOM   440  O O     . SER A 1 59  ? -7.221  -18.201 0.102   1.00 30.18  ? 59  SER A O     1 
ATOM   441  C CB    . SER A 1 59  ? -9.048  -16.670 1.675   1.00 33.77  ? 59  SER A CB    1 
ATOM   442  O OG    . SER A 1 59  ? -9.620  -15.902 0.638   1.00 71.67  ? 59  SER A OG    1 
ATOM   443  N N     . GLN A 1 60  ? -5.859  -16.417 -0.060  1.00 29.19  ? 60  GLN A N     1 
ATOM   444  C CA    . GLN A 1 60  ? -5.148  -16.941 -1.234  1.00 24.37  ? 60  GLN A CA    1 
ATOM   445  C C     . GLN A 1 60  ? -3.827  -17.665 -0.898  1.00 29.68  ? 60  GLN A C     1 
ATOM   446  O O     . GLN A 1 60  ? -3.758  -18.514 -0.019  1.00 30.51  ? 60  GLN A O     1 
ATOM   447  C CB    . GLN A 1 60  ? -5.082  -15.960 -2.426  1.00 15.67  ? 60  GLN A CB    1 
ATOM   448  C CG    . GLN A 1 60  ? -6.490  -15.528 -2.849  1.00 13.27  ? 60  GLN A CG    1 
ATOM   449  C CD    . GLN A 1 60  ? -6.596  -14.327 -3.778  1.00 24.87  ? 60  GLN A CD    1 
ATOM   450  O OE1   . GLN A 1 60  ? -5.639  -13.843 -4.376  1.00 27.31  ? 60  GLN A OE1   1 
ATOM   451  N NE2   . GLN A 1 60  ? -7.807  -13.818 -3.924  1.00 21.20  ? 60  GLN A NE2   1 
ATOM   452  N N     . LYS A 1 61  ? -2.747  -17.345 -1.578  1.00 24.50  ? 61  LYS A N     1 
ATOM   453  C CA    . LYS A 1 61  ? -1.486  -18.043 -1.358  1.00 26.10  ? 61  LYS A CA    1 
ATOM   454  C C     . LYS A 1 61  ? -0.636  -17.657 -0.133  1.00 25.94  ? 61  LYS A C     1 
ATOM   455  O O     . LYS A 1 61  ? -0.010  -16.588 -0.068  1.00 32.63  ? 61  LYS A O     1 
ATOM   456  C CB    . LYS A 1 61  ? -0.627  -17.955 -2.609  1.00 31.65  ? 61  LYS A CB    1 
ATOM   457  C CG    . LYS A 1 61  ? 0.419   -19.049 -2.617  1.00 41.12  ? 61  LYS A CG    1 
ATOM   458  C CD    . LYS A 1 61  ? -0.301  -20.383 -2.638  1.00 89.78  ? 61  LYS A CD    1 
ATOM   459  C CE    . LYS A 1 61  ? 0.493   -21.554 -2.100  1.00 100.00 ? 61  LYS A CE    1 
ATOM   460  N NZ    . LYS A 1 61  ? -0.250  -22.821 -2.234  1.00 58.98  ? 61  LYS A NZ    1 
ATOM   461  N N     . ASN A 1 62  ? -0.535  -18.583 0.822   1.00 24.98  ? 62  ASN A N     1 
ATOM   462  C CA    . ASN A 1 62  ? 0.266   -18.359 2.043   1.00 29.37  ? 62  ASN A CA    1 
ATOM   463  C C     . ASN A 1 62  ? 1.789   -18.395 1.824   1.00 30.45  ? 62  ASN A C     1 
ATOM   464  O O     . ASN A 1 62  ? 2.338   -19.362 1.294   1.00 34.06  ? 62  ASN A O     1 
ATOM   465  C CB    . ASN A 1 62  ? -0.152  -19.417 3.083   1.00 19.99  ? 62  ASN A CB    1 
ATOM   466  C CG    . ASN A 1 62  ? 0.422   -19.285 4.479   1.00 26.83  ? 62  ASN A CG    1 
ATOM   467  O OD1   . ASN A 1 62  ? 0.678   -20.297 5.176   1.00 31.18  ? 62  ASN A OD1   1 
ATOM   468  N ND2   . ASN A 1 62  ? 0.603   -18.059 4.930   1.00 31.28  ? 62  ASN A ND2   1 
ATOM   469  N N     . VAL A 1 63  ? 2.501   -17.355 2.232   1.00 32.83  ? 63  VAL A N     1 
ATOM   470  C CA    . VAL A 1 63  ? 3.969   -17.284 2.089   1.00 22.94  ? 63  VAL A CA    1 
ATOM   471  C C     . VAL A 1 63  ? 4.584   -16.696 3.335   1.00 38.03  ? 63  VAL A C     1 
ATOM   472  O O     . VAL A 1 63  ? 3.853   -16.250 4.224   1.00 25.80  ? 63  VAL A O     1 
ATOM   473  C CB    . VAL A 1 63  ? 4.415   -16.405 0.905   1.00 25.50  ? 63  VAL A CB    1 
ATOM   474  C CG1   . VAL A 1 63  ? 3.914   -17.019 -0.387  1.00 27.13  ? 63  VAL A CG1   1 
ATOM   475  C CG2   . VAL A 1 63  ? 3.833   -14.990 0.992   1.00 21.40  ? 63  VAL A CG2   1 
ATOM   476  N N     . ALA A 1 64  ? 5.917   -16.636 3.399   1.00 34.32  ? 64  ALA A N     1 
ATOM   477  C CA    . ALA A 1 64  ? 6.574   -16.037 4.567   1.00 33.12  ? 64  ALA A CA    1 
ATOM   478  C C     . ALA A 1 64  ? 6.696   -14.537 4.457   1.00 24.01  ? 64  ALA A C     1 
ATOM   479  O O     . ALA A 1 64  ? 6.902   -14.002 3.374   1.00 25.91  ? 64  ALA A O     1 
ATOM   480  C CB    . ALA A 1 64  ? 7.998   -16.545 4.752   1.00 29.98  ? 64  ALA A CB    1 
ATOM   481  N N     . CYS A 1 65  ? 6.576   -13.853 5.594   1.00 21.59  ? 65  CYS A N     1 
ATOM   482  C CA    . CYS A 1 65  ? 6.746   -12.414 5.626   1.00 24.54  ? 65  CYS A CA    1 
ATOM   483  C C     . CYS A 1 65  ? 8.264   -12.148 5.669   1.00 45.06  ? 65  CYS A C     1 
ATOM   484  O O     . CYS A 1 65  ? 9.058   -13.033 5.997   1.00 27.22  ? 65  CYS A O     1 
ATOM   485  C CB    . CYS A 1 65  ? 6.103   -11.792 6.898   1.00 26.45  ? 65  CYS A CB    1 
ATOM   486  S SG    . CYS A 1 65  ? 4.321   -12.136 7.104   1.00 28.83  ? 65  CYS A SG    1 
ATOM   487  N N     . ALA A 1 66  ? 8.688   -10.918 5.373   1.00 25.11  ? 66  ALA A N     1 
ATOM   488  C CA    . ALA A 1 66  ? 10.098  -10.529 5.380   1.00 29.88  ? 66  ALA A CA    1 
ATOM   489  C C     . ALA A 1 66  ? 10.743  -10.694 6.745   1.00 42.71  ? 66  ALA A C     1 
ATOM   490  O O     . ALA A 1 66  ? 11.955  -10.810 6.865   1.00 33.98  ? 66  ALA A O     1 
ATOM   491  C CB    . ALA A 1 66  ? 10.258  -9.075  4.960   1.00 28.51  ? 66  ALA A CB    1 
ATOM   492  N N     . ASN A 1 67  ? 9.938   -10.656 7.798   1.00 31.40  ? 67  ASN A N     1 
ATOM   493  C CA    . ASN A 1 67  ? 10.468  -10.817 9.139   1.00 26.31  ? 67  ASN A CA    1 
ATOM   494  C C     . ASN A 1 67  ? 10.491  -12.271 9.583   1.00 32.85  ? 67  ASN A C     1 
ATOM   495  O O     . ASN A 1 67  ? 10.699  -12.512 10.769  1.00 35.75  ? 67  ASN A O     1 
ATOM   496  C CB    . ASN A 1 67  ? 9.617   -10.053 10.170  1.00 26.07  ? 67  ASN A CB    1 
ATOM   497  C CG    . ASN A 1 67  ? 8.192   -10.618 10.372  1.00 33.95  ? 67  ASN A CG    1 
ATOM   498  O OD1   . ASN A 1 67  ? 7.799   -11.719 9.928   1.00 32.77  ? 67  ASN A OD1   1 
ATOM   499  N ND2   . ASN A 1 67  ? 7.350   -9.849  11.039  1.00 33.67  ? 67  ASN A ND2   1 
ATOM   500  N N     . GLY A 1 68  ? 10.214  -13.253 8.717   1.00 32.18  ? 68  GLY A N     1 
ATOM   501  C CA    . GLY A 1 68  ? 10.220  -14.625 9.224   1.00 31.71  ? 68  GLY A CA    1 
ATOM   502  C C     . GLY A 1 68  ? 8.863   -15.170 9.679   1.00 36.01  ? 68  GLY A C     1 
ATOM   503  O O     . GLY A 1 68  ? 8.675   -16.393 9.741   1.00 27.70  ? 68  GLY A O     1 
ATOM   504  N N     . GLN A 1 69  ? 7.908   -14.275 9.949   1.00 31.73  ? 69  GLN A N     1 
ATOM   505  C CA    . GLN A 1 69  ? 6.582   -14.743 10.358  1.00 28.76  ? 69  GLN A CA    1 
ATOM   506  C C     . GLN A 1 69  ? 5.843   -15.389 9.174   1.00 26.78  ? 69  GLN A C     1 
ATOM   507  O O     . GLN A 1 69  ? 6.178   -15.146 8.001   1.00 40.80  ? 69  GLN A O     1 
ATOM   508  C CB    . GLN A 1 69  ? 5.743   -13.618 10.960  1.00 35.58  ? 69  GLN A CB    1 
ATOM   509  C CG    . GLN A 1 69  ? 5.825   -13.675 12.483  1.00 53.43  ? 69  GLN A CG    1 
ATOM   510  C CD    . GLN A 1 69  ? 5.729   -12.298 13.109  1.00 100.00 ? 69  GLN A CD    1 
ATOM   511  O OE1   . GLN A 1 69  ? 5.134   -11.384 12.525  1.00 93.32  ? 69  GLN A OE1   1 
ATOM   512  N NE2   . GLN A 1 69  ? 6.353   -12.140 14.276  1.00 100.00 ? 69  GLN A NE2   1 
ATOM   513  N N     . THR A 1 70  ? 4.835   -16.216 9.487   1.00 34.95  ? 70  THR A N     1 
ATOM   514  C CA    . THR A 1 70  ? 4.110   -16.926 8.438   1.00 33.72  ? 70  THR A CA    1 
ATOM   515  C C     . THR A 1 70  ? 2.663   -16.538 8.216   1.00 24.12  ? 70  THR A C     1 
ATOM   516  O O     . THR A 1 70  ? 1.943   -17.335 7.635   1.00 28.30  ? 70  THR A O     1 
ATOM   517  C CB    . THR A 1 70  ? 4.218   -18.454 8.558   1.00 56.84  ? 70  THR A CB    1 
ATOM   518  O OG1   . THR A 1 70  ? 4.421   -18.807 9.914   1.00 79.03  ? 70  THR A OG1   1 
ATOM   519  C CG2   . THR A 1 70  ? 5.334   -19.001 7.686   1.00 42.64  ? 70  THR A CG2   1 
ATOM   520  N N     . ASN A 1 71  ? 2.255   -15.343 8.635   1.00 26.88  ? 71  ASN A N     1 
ATOM   521  C CA    . ASN A 1 71  ? 0.897   -14.900 8.385   1.00 25.34  ? 71  ASN A CA    1 
ATOM   522  C C     . ASN A 1 71  ? 0.762   -13.974 7.162   1.00 25.16  ? 71  ASN A C     1 
ATOM   523  O O     . ASN A 1 71  ? -0.095  -13.077 7.190   1.00 22.43  ? 71  ASN A O     1 
ATOM   524  C CB    . ASN A 1 71  ? 0.266   -14.233 9.638   1.00 22.08  ? 71  ASN A CB    1 
ATOM   525  C CG    . ASN A 1 71  ? 0.973   -12.966 10.045  1.00 30.74  ? 71  ASN A CG    1 
ATOM   526  O OD1   . ASN A 1 71  ? 2.198   -12.928 10.053  1.00 33.01  ? 71  ASN A OD1   1 
ATOM   527  N ND2   . ASN A 1 71  ? 0.222   -11.929 10.388  1.00 27.54  ? 71  ASN A ND2   1 
ATOM   528  N N     . CYS A 1 72  ? 1.595   -14.176 6.106   1.00 19.05  ? 72  CYS A N     1 
ATOM   529  C CA    . CYS A 1 72  ? 1.540   -13.356 4.887   1.00 21.63  ? 72  CYS A CA    1 
ATOM   530  C C     . CYS A 1 72  ? 0.882   -14.106 3.732   1.00 32.61  ? 72  CYS A C     1 
ATOM   531  O O     . CYS A 1 72  ? 0.970   -15.330 3.710   1.00 26.32  ? 72  CYS A O     1 
ATOM   532  C CB    . CYS A 1 72  ? 2.942   -12.860 4.492   1.00 19.79  ? 72  CYS A CB    1 
ATOM   533  S SG    . CYS A 1 72  ? 3.422   -11.390 5.433   1.00 25.11  ? 72  CYS A SG    1 
ATOM   534  N N     . TYR A 1 73  ? 0.224   -13.393 2.788   1.00 26.75  ? 73  TYR A N     1 
ATOM   535  C CA    . TYR A 1 73  ? -0.477  -14.012 1.642   1.00 26.40  ? 73  TYR A CA    1 
ATOM   536  C C     . TYR A 1 73  ? -0.181  -13.284 0.359   1.00 24.69  ? 73  TYR A C     1 
ATOM   537  O O     . TYR A 1 73  ? -0.171  -12.051 0.362   1.00 22.79  ? 73  TYR A O     1 
ATOM   538  C CB    . TYR A 1 73  ? -2.039  -14.029 1.811   1.00 22.55  ? 73  TYR A CB    1 
ATOM   539  C CG    . TYR A 1 73  ? -2.395  -14.911 2.981   1.00 21.21  ? 73  TYR A CG    1 
ATOM   540  C CD1   . TYR A 1 73  ? -2.279  -14.391 4.269   1.00 24.84  ? 73  TYR A CD1   1 
ATOM   541  C CD2   . TYR A 1 73  ? -2.716  -16.263 2.824   1.00 26.95  ? 73  TYR A CD2   1 
ATOM   542  C CE1   . TYR A 1 73  ? -2.495  -15.186 5.390   1.00 26.47  ? 73  TYR A CE1   1 
ATOM   543  C CE2   . TYR A 1 73  ? -2.982  -17.066 3.939   1.00 21.77  ? 73  TYR A CE2   1 
ATOM   544  C CZ    . TYR A 1 73  ? -2.847  -16.521 5.217   1.00 35.66  ? 73  TYR A CZ    1 
ATOM   545  O OH    . TYR A 1 73  ? -3.082  -17.258 6.332   1.00 49.82  ? 73  TYR A OH    1 
ATOM   546  N N     . GLN A 1 74  ? 0.041   -14.040 -0.725  1.00 22.95  ? 74  GLN A N     1 
ATOM   547  C CA    . GLN A 1 74  ? 0.317   -13.476 -2.058  1.00 22.50  ? 74  GLN A CA    1 
ATOM   548  C C     . GLN A 1 74  ? -0.928  -13.559 -2.965  1.00 25.30  ? 74  GLN A C     1 
ATOM   549  O O     . GLN A 1 74  ? -1.595  -14.602 -3.012  1.00 25.20  ? 74  GLN A O     1 
ATOM   550  C CB    . GLN A 1 74  ? 1.530   -14.177 -2.725  1.00 20.63  ? 74  GLN A CB    1 
ATOM   551  C CG    . GLN A 1 74  ? 1.824   -13.484 -4.063  1.00 26.88  ? 74  GLN A CG    1 
ATOM   552  C CD    . GLN A 1 74  ? 2.966   -14.156 -4.792  1.00 49.84  ? 74  GLN A CD    1 
ATOM   553  O OE1   . GLN A 1 74  ? 2.789   -14.660 -5.904  1.00 66.79  ? 74  GLN A OE1   1 
ATOM   554  N NE2   . GLN A 1 74  ? 4.123   -14.205 -4.140  1.00 34.82  ? 74  GLN A NE2   1 
ATOM   555  N N     . SER A 1 75  ? -1.284  -12.488 -3.691  1.00 18.14  ? 75  SER A N     1 
ATOM   556  C CA    . SER A 1 75  ? -2.496  -12.534 -4.533  1.00 19.99  ? 75  SER A CA    1 
ATOM   557  C C     . SER A 1 75  ? -2.340  -13.500 -5.698  1.00 32.80  ? 75  SER A C     1 
ATOM   558  O O     . SER A 1 75  ? -1.272  -13.571 -6.300  1.00 25.23  ? 75  SER A O     1 
ATOM   559  C CB    . SER A 1 75  ? -2.841  -11.127 -5.067  1.00 17.31  ? 75  SER A CB    1 
ATOM   560  O OG    . SER A 1 75  ? -1.816  -10.609 -5.938  1.00 23.24  ? 75  SER A OG    1 
ATOM   561  N N     . TYR A 1 76  ? -3.402  -14.234 -6.033  1.00 22.20  ? 76  TYR A N     1 
ATOM   562  C CA    . TYR A 1 76  ? -3.402  -15.167 -7.184  1.00 27.06  ? 76  TYR A CA    1 
ATOM   563  C C     . TYR A 1 76  ? -3.117  -14.413 -8.487  1.00 29.02  ? 76  TYR A C     1 
ATOM   564  O O     . TYR A 1 76  ? -2.330  -14.837 -9.335  1.00 32.14  ? 76  TYR A O     1 
ATOM   565  C CB    . TYR A 1 76  ? -4.787  -15.863 -7.368  1.00 24.94  ? 76  TYR A CB    1 
ATOM   566  C CG    . TYR A 1 76  ? -5.013  -16.984 -6.369  1.00 22.82  ? 76  TYR A CG    1 
ATOM   567  C CD1   . TYR A 1 76  ? -3.953  -17.761 -5.905  1.00 23.54  ? 76  TYR A CD1   1 
ATOM   568  C CD2   . TYR A 1 76  ? -6.286  -17.272 -5.873  1.00 31.26  ? 76  TYR A CD2   1 
ATOM   569  C CE1   . TYR A 1 76  ? -4.135  -18.812 -5.001  1.00 17.69  ? 76  TYR A CE1   1 
ATOM   570  C CE2   . TYR A 1 76  ? -6.492  -18.315 -4.961  1.00 23.25  ? 76  TYR A CE2   1 
ATOM   571  C CZ    . TYR A 1 76  ? -5.416  -19.087 -4.515  1.00 31.43  ? 76  TYR A CZ    1 
ATOM   572  O OH    . TYR A 1 76  ? -5.603  -20.097 -3.583  1.00 36.07  ? 76  TYR A OH    1 
ATOM   573  N N     . SER A 1 77  ? -3.757  -13.261 -8.674  1.00 26.49  ? 77  SER A N     1 
ATOM   574  C CA    . SER A 1 77  ? -3.531  -12.526 -9.914  1.00 25.64  ? 77  SER A CA    1 
ATOM   575  C C     . SER A 1 77  ? -2.899  -11.148 -9.738  1.00 30.68  ? 77  SER A C     1 
ATOM   576  O O     . SER A 1 77  ? -2.730  -10.646 -8.629  1.00 25.50  ? 77  SER A O     1 
ATOM   577  C CB    . SER A 1 77  ? -4.802  -12.516 -10.752 1.00 42.51  ? 77  SER A CB    1 
ATOM   578  O OG    . SER A 1 77  ? -5.697  -11.557 -10.244 1.00 58.72  ? 77  SER A OG    1 
ATOM   579  N N     . THR A 1 78  ? -2.486  -10.526 -10.833 1.00 17.91  ? 78  THR A N     1 
ATOM   580  C CA    . THR A 1 78  ? -1.870  -9.221  -10.694 1.00 21.80  ? 78  THR A CA    1 
ATOM   581  C C     . THR A 1 78  ? -2.933  -8.178  -10.439 1.00 37.81  ? 78  THR A C     1 
ATOM   582  O O     . THR A 1 78  ? -4.080  -8.416  -10.798 1.00 24.34  ? 78  THR A O     1 
ATOM   583  C CB    . THR A 1 78  ? -1.083  -8.890  -11.960 1.00 38.62  ? 78  THR A CB    1 
ATOM   584  O OG1   . THR A 1 78  ? -1.955  -8.879  -13.072 1.00 30.03  ? 78  THR A OG1   1 
ATOM   585  C CG2   . THR A 1 78  ? -0.089  -10.015 -12.159 1.00 50.63  ? 78  THR A CG2   1 
ATOM   586  N N     . MET A 1 79  ? -2.573  -7.041  -9.838  1.00 22.55  ? 79  MET A N     1 
ATOM   587  C CA    . MET A 1 79  ? -3.526  -5.966  -9.550  1.00 22.06  ? 79  MET A CA    1 
ATOM   588  C C     . MET A 1 79  ? -2.952  -4.656  -10.003 1.00 31.21  ? 79  MET A C     1 
ATOM   589  O O     . MET A 1 79  ? -1.748  -4.525  -10.154 1.00 22.93  ? 79  MET A O     1 
ATOM   590  C CB    . MET A 1 79  ? -3.826  -5.853  -8.047  1.00 23.52  ? 79  MET A CB    1 
ATOM   591  C CG    . MET A 1 79  ? -4.436  -7.129  -7.476  1.00 21.15  ? 79  MET A CG    1 
ATOM   592  S SD    . MET A 1 79  ? -4.877  -6.915  -5.718  1.00 27.66  ? 79  MET A SD    1 
ATOM   593  C CE    . MET A 1 79  ? -6.101  -8.201  -5.426  1.00 19.98  ? 79  MET A CE    1 
ATOM   594  N N     . SER A 1 80  ? -3.797  -3.672  -10.205 1.00 23.22  ? 80  SER A N     1 
ATOM   595  C CA    . SER A 1 80  ? -3.278  -2.387  -10.613 1.00 22.89  ? 80  SER A CA    1 
ATOM   596  C C     . SER A 1 80  ? -2.745  -1.632  -9.399  1.00 28.97  ? 80  SER A C     1 
ATOM   597  O O     . SER A 1 80  ? -3.523  -1.338  -8.488  1.00 23.33  ? 80  SER A O     1 
ATOM   598  C CB    . SER A 1 80  ? -4.383  -1.579  -11.265 1.00 19.29  ? 80  SER A CB    1 
ATOM   599  O OG    . SER A 1 80  ? -4.020  -0.219  -11.424 1.00 23.35  ? 80  SER A OG    1 
ATOM   600  N N     . ILE A 1 81  ? -1.443  -1.294  -9.372  1.00 20.91  ? 81  ILE A N     1 
ATOM   601  C CA    . ILE A 1 81  ? -0.884  -0.553  -8.217  1.00 15.40  ? 81  ILE A CA    1 
ATOM   602  C C     . ILE A 1 81  ? -0.024  0.615   -8.607  1.00 30.26  ? 81  ILE A C     1 
ATOM   603  O O     . ILE A 1 81  ? 0.399   0.716   -9.772  1.00 20.13  ? 81  ILE A O     1 
ATOM   604  C CB    . ILE A 1 81  ? 0.013   -1.431  -7.329  1.00 22.15  ? 81  ILE A CB    1 
ATOM   605  C CG1   . ILE A 1 81  ? 1.315   -1.793  -8.050  1.00 25.51  ? 81  ILE A CG1   1 
ATOM   606  C CG2   . ILE A 1 81  ? -0.708  -2.715  -6.922  1.00 18.77  ? 81  ILE A CG2   1 
ATOM   607  C CD1   . ILE A 1 81  ? 2.358   -2.402  -7.135  1.00 44.40  ? 81  ILE A CD1   1 
ATOM   608  N N     . THR A 1 82  ? 0.257   1.457   -7.583  1.00 16.72  ? 82  THR A N     1 
ATOM   609  C CA    . THR A 1 82  ? 1.138   2.613   -7.764  1.00 17.27  ? 82  THR A CA    1 
ATOM   610  C C     . THR A 1 82  ? 2.151   2.676   -6.624  1.00 30.73  ? 82  THR A C     1 
ATOM   611  O O     . THR A 1 82  ? 1.729   2.793   -5.480  1.00 24.05  ? 82  THR A O     1 
ATOM   612  C CB    . THR A 1 82  ? 0.415   3.987   -7.875  1.00 24.77  ? 82  THR A CB    1 
ATOM   613  O OG1   . THR A 1 82  ? -0.602  3.970   -8.867  1.00 30.51  ? 82  THR A OG1   1 
ATOM   614  C CG2   . THR A 1 82  ? 1.410   5.114   -8.201  1.00 22.58  ? 82  THR A CG2   1 
ATOM   615  N N     . ASP A 1 83  ? 3.460   2.608   -6.936  1.00 27.07  ? 83  ASP A N     1 
ATOM   616  C CA    . ASP A 1 83  ? 4.536   2.699   -5.934  1.00 21.82  ? 83  ASP A CA    1 
ATOM   617  C C     . ASP A 1 83  ? 5.028   4.139   -5.754  1.00 30.24  ? 83  ASP A C     1 
ATOM   618  O O     . ASP A 1 83  ? 5.277   4.857   -6.712  1.00 31.97  ? 83  ASP A O     1 
ATOM   619  C CB    . ASP A 1 83  ? 5.765   1.809   -6.283  1.00 23.98  ? 83  ASP A CB    1 
ATOM   620  C CG    . ASP A 1 83  ? 5.557   0.399   -5.777  1.00 45.46  ? 83  ASP A CG    1 
ATOM   621  O OD1   . ASP A 1 83  ? 5.415   0.148   -4.604  1.00 39.01  ? 83  ASP A OD1   1 
ATOM   622  O OD2   . ASP A 1 83  ? 5.524   -0.532  -6.701  1.00 57.64  ? 83  ASP A OD2   1 
ATOM   623  N N     . CYS A 1 84  ? 5.188   4.581   -4.515  1.00 24.13  ? 84  CYS A N     1 
ATOM   624  C CA    . CYS A 1 84  ? 5.656   5.939   -4.262  1.00 22.92  ? 84  CYS A CA    1 
ATOM   625  C C     . CYS A 1 84  ? 6.969   5.889   -3.460  1.00 35.05  ? 84  CYS A C     1 
ATOM   626  O O     . CYS A 1 84  ? 7.054   5.264   -2.417  1.00 23.82  ? 84  CYS A O     1 
ATOM   627  C CB    . CYS A 1 84  ? 4.619   6.753   -3.464  1.00 23.43  ? 84  CYS A CB    1 
ATOM   628  S SG    . CYS A 1 84  ? 3.021   7.021   -4.273  1.00 24.91  ? 84  CYS A SG    1 
ATOM   629  N N     . ARG A 1 85  ? 8.021   6.528   -3.949  1.00 20.30  ? 85  ARG A N     1 
ATOM   630  C CA    . ARG A 1 85  ? 9.293   6.523   -3.249  1.00 28.45  ? 85  ARG A CA    1 
ATOM   631  C C     . ARG A 1 85  ? 9.924   7.925   -3.189  1.00 29.93  ? 85  ARG A C     1 
ATOM   632  O O     . ARG A 1 85  ? 9.981   8.658   -4.182  1.00 27.73  ? 85  ARG A O     1 
ATOM   633  C CB    . ARG A 1 85  ? 10.219  5.369   -3.689  1.00 23.54  ? 85  ARG A CB    1 
ATOM   634  C CG    . ARG A 1 85  ? 11.695  5.710   -3.635  1.00 46.21  ? 85  ARG A CG    1 
ATOM   635  C CD    . ARG A 1 85  ? 12.568  4.621   -3.046  1.00 28.23  ? 85  ARG A CD    1 
ATOM   636  N NE    . ARG A 1 85  ? 12.025  3.246   -2.991  1.00 23.92  ? 85  ARG A NE    1 
ATOM   637  C CZ    . ARG A 1 85  ? 12.555  2.294   -2.175  1.00 37.20  ? 85  ARG A CZ    1 
ATOM   638  N NH1   . ARG A 1 85  ? 13.612  2.490   -1.368  1.00 25.86  ? 85  ARG A NH1   1 
ATOM   639  N NH2   . ARG A 1 85  ? 12.039  1.076   -2.134  1.00 18.85  ? 85  ARG A NH2   1 
ATOM   640  N N     . GLU A 1 86  ? 10.375  8.315   -1.997  1.00 23.69  ? 86  GLU A N     1 
ATOM   641  C CA    . GLU A 1 86  ? 10.955  9.629   -1.803  1.00 21.73  ? 86  GLU A CA    1 
ATOM   642  C C     . GLU A 1 86  ? 12.256  9.795   -2.588  1.00 36.85  ? 86  GLU A C     1 
ATOM   643  O O     . GLU A 1 86  ? 13.058  8.870   -2.648  1.00 24.91  ? 86  GLU A O     1 
ATOM   644  C CB    . GLU A 1 86  ? 11.190  9.831   -0.302  1.00 32.13  ? 86  GLU A CB    1 
ATOM   645  C CG    . GLU A 1 86  ? 11.577  11.278  0.074   1.00 42.70  ? 86  GLU A CG    1 
ATOM   646  C CD    . GLU A 1 86  ? 12.010  11.414  1.508   1.00 55.07  ? 86  GLU A CD    1 
ATOM   647  O OE1   . GLU A 1 86  ? 12.183  10.465  2.269   1.00 32.20  ? 86  GLU A OE1   1 
ATOM   648  O OE2   . GLU A 1 86  ? 12.136  12.653  1.891   1.00 41.12  ? 86  GLU A OE2   1 
ATOM   649  N N     . THR A 1 87  ? 12.463  10.968  -3.199  1.00 27.77  ? 87  THR A N     1 
ATOM   650  C CA    . THR A 1 87  ? 13.664  11.253  -3.962  1.00 30.87  ? 87  THR A CA    1 
ATOM   651  C C     . THR A 1 87  ? 14.787  11.640  -3.007  1.00 38.39  ? 87  THR A C     1 
ATOM   652  O O     . THR A 1 87  ? 14.534  11.963  -1.844  1.00 30.90  ? 87  THR A O     1 
ATOM   653  C CB    . THR A 1 87  ? 13.492  12.461  -4.890  1.00 30.45  ? 87  THR A CB    1 
ATOM   654  O OG1   . THR A 1 87  ? 13.359  13.605  -4.077  1.00 33.72  ? 87  THR A OG1   1 
ATOM   655  C CG2   . THR A 1 87  ? 12.285  12.323  -5.796  1.00 28.34  ? 87  THR A CG2   1 
ATOM   656  N N     . GLY A 1 88  ? 16.019  11.627  -3.530  1.00 41.17  ? 88  GLY A N     1 
ATOM   657  C CA    . GLY A 1 88  ? 17.246  11.936  -2.797  1.00 30.68  ? 88  GLY A CA    1 
ATOM   658  C C     . GLY A 1 88  ? 17.411  13.390  -2.364  1.00 31.18  ? 88  GLY A C     1 
ATOM   659  O O     . GLY A 1 88  ? 18.023  13.656  -1.322  1.00 46.30  ? 88  GLY A O     1 
ATOM   660  N N     . SER A 1 89  ? 16.846  14.310  -3.155  1.00 32.37  ? 89  SER A N     1 
ATOM   661  C CA    . SER A 1 89  ? 16.844  15.742  -2.887  1.00 51.62  ? 89  SER A CA    1 
ATOM   662  C C     . SER A 1 89  ? 15.812  16.153  -1.800  1.00 59.61  ? 89  SER A C     1 
ATOM   663  O O     . SER A 1 89  ? 15.925  17.165  -1.104  1.00 53.95  ? 89  SER A O     1 
ATOM   664  C CB    . SER A 1 89  ? 16.607  16.500  -4.184  1.00 48.03  ? 89  SER A CB    1 
ATOM   665  O OG    . SER A 1 89  ? 16.097  15.637  -5.188  1.00 68.85  ? 89  SER A OG    1 
ATOM   666  N N     . SER A 1 90  ? 14.778  15.350  -1.647  1.00 54.04  ? 90  SER A N     1 
ATOM   667  C CA    . SER A 1 90  ? 13.727  15.565  -0.668  1.00 50.40  ? 90  SER A CA    1 
ATOM   668  C C     . SER A 1 90  ? 14.215  15.746  0.797   1.00 43.44  ? 90  SER A C     1 
ATOM   669  O O     . SER A 1 90  ? 15.032  14.971  1.326   1.00 80.55  ? 90  SER A O     1 
ATOM   670  C CB    . SER A 1 90  ? 12.713  14.438  -0.831  1.00 30.46  ? 90  SER A CB    1 
ATOM   671  O OG    . SER A 1 90  ? 11.653  14.564  0.091   1.00 40.10  ? 90  SER A OG    1 
ATOM   672  N N     . LYS A 1 91  ? 13.674  16.802  1.436   1.00 50.56  ? 91  LYS A N     1 
ATOM   673  C CA    . LYS A 1 91  ? 13.918  17.184  2.825   1.00 59.03  ? 91  LYS A CA    1 
ATOM   674  C C     . LYS A 1 91  ? 12.663  17.804  3.475   1.00 100.00 ? 91  LYS A C     1 
ATOM   675  O O     . LYS A 1 91  ? 12.060  18.754  2.972   1.00 36.78  ? 91  LYS A O     1 
ATOM   676  C CB    . LYS A 1 91  ? 15.164  18.035  3.014   1.00 81.35  ? 91  LYS A CB    1 
ATOM   677  C CG    . LYS A 1 91  ? 16.060  17.521  4.135   1.00 100.00 ? 91  LYS A CG    1 
ATOM   678  C CD    . LYS A 1 91  ? 17.301  18.392  4.327   1.00 100.00 ? 91  LYS A CD    1 
ATOM   679  C CE    . LYS A 1 91  ? 18.632  17.633  4.244   1.00 100.00 ? 91  LYS A CE    1 
ATOM   680  N NZ    . LYS A 1 91  ? 19.338  17.766  2.954   1.00 100.00 ? 91  LYS A NZ    1 
ATOM   681  N N     . TYR A 1 92  ? 12.249  17.231  4.601   1.00 34.18  ? 92  TYR A N     1 
ATOM   682  C CA    . TYR A 1 92  ? 11.073  17.712  5.323   1.00 46.02  ? 92  TYR A CA    1 
ATOM   683  C C     . TYR A 1 92  ? 11.174  19.193  5.637   1.00 72.22  ? 92  TYR A C     1 
ATOM   684  O O     . TYR A 1 92  ? 12.218  19.677  6.055   1.00 57.54  ? 92  TYR A O     1 
ATOM   685  C CB    . TYR A 1 92  ? 10.924  16.982  6.661   1.00 41.70  ? 92  TYR A CB    1 
ATOM   686  C CG    . TYR A 1 92  ? 9.703   17.441  7.425   1.00 85.80  ? 92  TYR A CG    1 
ATOM   687  C CD1   . TYR A 1 92  ? 8.426   17.014  7.062   1.00 71.31  ? 92  TYR A CD1   1 
ATOM   688  C CD2   . TYR A 1 92  ? 9.809   18.296  8.524   1.00 76.14  ? 92  TYR A CD2   1 
ATOM   689  C CE1   . TYR A 1 92  ? 7.291   17.406  7.773   1.00 67.60  ? 92  TYR A CE1   1 
ATOM   690  C CE2   . TYR A 1 92  ? 8.685   18.708  9.240   1.00 90.62  ? 92  TYR A CE2   1 
ATOM   691  C CZ    . TYR A 1 92  ? 7.419   18.258  8.872   1.00 61.97  ? 92  TYR A CZ    1 
ATOM   692  O OH    . TYR A 1 92  ? 6.326   18.671  9.580   1.00 88.05  ? 92  TYR A OH    1 
ATOM   693  N N     . PRO A 1 93  ? 10.103  19.947  5.451   1.00 46.72  ? 93  PRO A N     1 
ATOM   694  C CA    . PRO A 1 93  ? 8.789   19.521  5.038   1.00 37.58  ? 93  PRO A CA    1 
ATOM   695  C C     . PRO A 1 93  ? 8.541   19.608  3.572   1.00 59.39  ? 93  PRO A C     1 
ATOM   696  O O     . PRO A 1 93  ? 7.373   19.524  3.131   1.00 50.92  ? 93  PRO A O     1 
ATOM   697  C CB    . PRO A 1 93  ? 7.831   20.498  5.685   1.00 69.10  ? 93  PRO A CB    1 
ATOM   698  C CG    . PRO A 1 93  ? 8.658   21.740  5.935   1.00 61.85  ? 93  PRO A CG    1 
ATOM   699  C CD    . PRO A 1 93  ? 10.077  21.230  6.143   1.00 72.86  ? 93  PRO A CD    1 
ATOM   700  N N     . ASN A 1 94  ? 9.597   19.783  2.794   1.00 44.04  ? 94  ASN A N     1 
ATOM   701  C CA    . ASN A 1 94  ? 9.339   19.812  1.363   1.00 48.52  ? 94  ASN A CA    1 
ATOM   702  C C     . ASN A 1 94  ? 9.542   18.407  0.842   1.00 76.86  ? 94  ASN A C     1 
ATOM   703  O O     . ASN A 1 94  ? 10.649  18.085  0.424   1.00 69.81  ? 94  ASN A O     1 
ATOM   704  C CB    . ASN A 1 94  ? 10.205  20.819  0.613   1.00 97.14  ? 94  ASN A CB    1 
ATOM   705  C CG    . ASN A 1 94  ? 9.956   22.199  1.168   1.00 100.00 ? 94  ASN A CG    1 
ATOM   706  O OD1   . ASN A 1 94  ? 10.892  22.887  1.604   1.00 100.00 ? 94  ASN A OD1   1 
ATOM   707  N ND2   . ASN A 1 94  ? 8.682   22.587  1.200   1.00 95.42  ? 94  ASN A ND2   1 
ATOM   708  N N     . CYS A 1 95  ? 8.473   17.591  0.938   1.00 47.94  ? 95  CYS A N     1 
ATOM   709  C CA    . CYS A 1 95  ? 8.506   16.185  0.537   1.00 35.97  ? 95  CYS A CA    1 
ATOM   710  C C     . CYS A 1 95  ? 8.216   15.965  -0.941  1.00 40.10  ? 95  CYS A C     1 
ATOM   711  O O     . CYS A 1 95  ? 7.263   16.547  -1.442  1.00 64.04  ? 95  CYS A O     1 
ATOM   712  C CB    . CYS A 1 95  ? 7.628   15.255  1.401   1.00 25.44  ? 95  CYS A CB    1 
ATOM   713  S SG    . CYS A 1 95  ? 7.819   15.335  3.212   1.00 33.07  ? 95  CYS A SG    1 
ATOM   714  N N     . ALA A 1 96  ? 9.033   15.123  -1.618  1.00 32.58  ? 96  ALA A N     1 
ATOM   715  C CA    . ALA A 1 96  ? 8.897   14.811  -3.047  1.00 34.49  ? 96  ALA A CA    1 
ATOM   716  C C     . ALA A 1 96  ? 9.048   13.327  -3.337  1.00 31.80  ? 96  ALA A C     1 
ATOM   717  O O     . ALA A 1 96  ? 9.937   12.655  -2.783  1.00 33.91  ? 96  ALA A O     1 
ATOM   718  C CB    . ALA A 1 96  ? 9.950   15.568  -3.841  1.00 45.50  ? 96  ALA A CB    1 
ATOM   719  N N     . TYR A 1 97  ? 8.209   12.838  -4.254  1.00 24.17  ? 97  TYR A N     1 
ATOM   720  C CA    . TYR A 1 97  ? 8.185   11.414  -4.610  1.00 26.38  ? 97  TYR A CA    1 
ATOM   721  C C     . TYR A 1 97  ? 8.211   11.078  -6.085  1.00 35.31  ? 97  TYR A C     1 
ATOM   722  O O     . TYR A 1 97  ? 7.737   11.817  -6.926  1.00 27.90  ? 97  TYR A O     1 
ATOM   723  C CB    . TYR A 1 97  ? 6.865   10.792  -4.084  1.00 19.98  ? 97  TYR A CB    1 
ATOM   724  C CG    . TYR A 1 97  ? 6.783   10.939  -2.590  1.00 30.32  ? 97  TYR A CG    1 
ATOM   725  C CD1   . TYR A 1 97  ? 6.347   12.118  -1.978  1.00 25.93  ? 97  TYR A CD1   1 
ATOM   726  C CD2   . TYR A 1 97  ? 7.195   9.876   -1.787  1.00 20.74  ? 97  TYR A CD2   1 
ATOM   727  C CE1   . TYR A 1 97  ? 6.310   12.235  -0.584  1.00 27.42  ? 97  TYR A CE1   1 
ATOM   728  C CE2   . TYR A 1 97  ? 7.148   9.974   -0.395  1.00 23.87  ? 97  TYR A CE2   1 
ATOM   729  C CZ    . TYR A 1 97  ? 6.705   11.153  0.206   1.00 25.86  ? 97  TYR A CZ    1 
ATOM   730  O OH    . TYR A 1 97  ? 6.682   11.224  1.581   1.00 28.18  ? 97  TYR A OH    1 
ATOM   731  N N     . LYS A 1 98  ? 8.727   9.900   -6.369  1.00 22.23  ? 98  LYS A N     1 
ATOM   732  C CA    . LYS A 1 98  ? 8.746   9.380   -7.700  1.00 26.69  ? 98  LYS A CA    1 
ATOM   733  C C     . LYS A 1 98  ? 7.557   8.431   -7.768  1.00 29.19  ? 98  LYS A C     1 
ATOM   734  O O     . LYS A 1 98  ? 7.423   7.597   -6.870  1.00 26.12  ? 98  LYS A O     1 
ATOM   735  C CB    . LYS A 1 98  ? 10.029  8.608   -7.910  1.00 26.27  ? 98  LYS A CB    1 
ATOM   736  C CG    . LYS A 1 98  ? 9.931   7.564   -9.009  1.00 62.08  ? 98  LYS A CG    1 
ATOM   737  C CD    . LYS A 1 98  ? 10.976  7.771   -10.094 1.00 61.11  ? 98  LYS A CD    1 
ATOM   738  C CE    . LYS A 1 98  ? 10.860  6.783   -11.244 1.00 99.60  ? 98  LYS A CE    1 
ATOM   739  N NZ    . LYS A 1 98  ? 12.029  6.814   -12.138 1.00 100.00 ? 98  LYS A NZ    1 
ATOM   740  N N     . THR A 1 99  ? 6.746   8.557   -8.830  1.00 25.80  ? 99  THR A N     1 
ATOM   741  C CA    . THR A 1 99  ? 5.545   7.759   -9.096  1.00 19.94  ? 99  THR A CA    1 
ATOM   742  C C     . THR A 1 99  ? 5.773   6.656   -10.136 1.00 26.66  ? 99  THR A C     1 
ATOM   743  O O     . THR A 1 99  ? 6.233   6.953   -11.228 1.00 29.80  ? 99  THR A O     1 
ATOM   744  C CB    . THR A 1 99  ? 4.408   8.682   -9.613  1.00 25.53  ? 99  THR A CB    1 
ATOM   745  O OG1   . THR A 1 99  ? 3.945   9.588   -8.619  1.00 22.18  ? 99  THR A OG1   1 
ATOM   746  C CG2   . THR A 1 99  ? 3.248   7.865   -10.176 1.00 24.31  ? 99  THR A CG2   1 
ATOM   747  N N     . THR A 1 100 ? 5.439   5.390   -9.815  1.00 31.66  ? 100 THR A N     1 
ATOM   748  C CA    . THR A 1 100 ? 5.589   4.226   -10.714 1.00 21.17  ? 100 THR A CA    1 
ATOM   749  C C     . THR A 1 100 ? 4.340   3.360   -10.736 1.00 30.68  ? 100 THR A C     1 
ATOM   750  O O     . THR A 1 100 ? 4.022   2.686   -9.767  1.00 25.67  ? 100 THR A O     1 
ATOM   751  C CB    . THR A 1 100 ? 6.798   3.340   -10.352 1.00 30.80  ? 100 THR A CB    1 
ATOM   752  O OG1   . THR A 1 100 ? 7.995   4.094   -10.466 1.00 34.64  ? 100 THR A OG1   1 
ATOM   753  C CG2   . THR A 1 100 ? 6.867   2.169   -11.311 1.00 25.13  ? 100 THR A CG2   1 
ATOM   754  N N     . GLN A 1 101 ? 3.617   3.427   -11.856 1.00 29.32  ? 101 GLN A N     1 
ATOM   755  C CA    . GLN A 1 101 ? 2.371   2.686   -12.066 1.00 24.89  ? 101 GLN A CA    1 
ATOM   756  C C     . GLN A 1 101 ? 2.677   1.330   -12.662 1.00 36.20  ? 101 GLN A C     1 
ATOM   757  O O     . GLN A 1 101 ? 3.559   1.227   -13.494 1.00 36.64  ? 101 GLN A O     1 
ATOM   758  C CB    . GLN A 1 101 ? 1.407   3.470   -12.980 1.00 30.47  ? 101 GLN A CB    1 
ATOM   759  C CG    . GLN A 1 101 ? 0.144   2.692   -13.393 1.00 31.76  ? 101 GLN A CG    1 
ATOM   760  C CD    . GLN A 1 101 ? -0.783  2.331   -12.241 1.00 38.88  ? 101 GLN A CD    1 
ATOM   761  O OE1   . GLN A 1 101 ? -1.006  3.123   -11.311 1.00 27.06  ? 101 GLN A OE1   1 
ATOM   762  N NE2   . GLN A 1 101 ? -1.344  1.125   -12.325 1.00 28.56  ? 101 GLN A NE2   1 
ATOM   763  N N     . ALA A 1 102 ? 1.970   0.289   -12.249 1.00 24.96  ? 102 ALA A N     1 
ATOM   764  C CA    . ALA A 1 102 ? 2.251   -1.043  -12.766 1.00 25.75  ? 102 ALA A CA    1 
ATOM   765  C C     . ALA A 1 102 ? 1.159   -2.046  -12.401 1.00 27.41  ? 102 ALA A C     1 
ATOM   766  O O     . ALA A 1 102 ? 0.205   -1.714  -11.670 1.00 27.89  ? 102 ALA A O     1 
ATOM   767  C CB    . ALA A 1 102 ? 3.567   -1.500  -12.141 1.00 17.70  ? 102 ALA A CB    1 
ATOM   768  N N     . ASN A 1 103 ? 1.323   -3.272  -12.926 1.00 25.08  ? 103 ASN A N     1 
ATOM   769  C CA    . ASN A 1 103 ? 0.414   -4.388  -12.667 1.00 25.30  ? 103 ASN A CA    1 
ATOM   770  C C     . ASN A 1 103 ? 1.229   -5.487  -12.036 1.00 30.35  ? 103 ASN A C     1 
ATOM   771  O O     . ASN A 1 103 ? 1.974   -6.108  -12.774 1.00 28.41  ? 103 ASN A O     1 
ATOM   772  C CB    . ASN A 1 103 ? -0.292  -4.892  -13.939 1.00 25.46  ? 103 ASN A CB    1 
ATOM   773  C CG    . ASN A 1 103 ? -1.163  -3.787  -14.554 1.00 31.58  ? 103 ASN A CG    1 
ATOM   774  O OD1   . ASN A 1 103 ? -2.310  -3.534  -14.138 1.00 44.98  ? 103 ASN A OD1   1 
ATOM   775  N ND2   . ASN A 1 103 ? -0.605  -3.090  -15.533 1.00 100.00 ? 103 ASN A ND2   1 
ATOM   776  N N     . LYS A 1 104 ? 1.103   -5.704  -10.721 1.00 24.13  ? 104 LYS A N     1 
ATOM   777  C CA    . LYS A 1 104 ? 1.863   -6.737  -10.019 1.00 26.78  ? 104 LYS A CA    1 
ATOM   778  C C     . LYS A 1 104 ? 1.048   -7.468  -8.984  1.00 22.18  ? 104 LYS A C     1 
ATOM   779  O O     . LYS A 1 104 ? -0.062  -7.041  -8.680  1.00 26.39  ? 104 LYS A O     1 
ATOM   780  C CB    . LYS A 1 104 ? 3.009   -6.106  -9.256  1.00 22.52  ? 104 LYS A CB    1 
ATOM   781  C CG    . LYS A 1 104 ? 3.910   -5.273  -10.145 1.00 27.39  ? 104 LYS A CG    1 
ATOM   782  C CD    . LYS A 1 104 ? 5.352   -5.194  -9.658  1.00 30.83  ? 104 LYS A CD    1 
ATOM   783  C CE    . LYS A 1 104 ? 5.668   -3.890  -8.941  1.00 53.30  ? 104 LYS A CE    1 
ATOM   784  N NZ    . LYS A 1 104 ? 7.089   -3.765  -8.591  1.00 64.09  ? 104 LYS A NZ    1 
ATOM   785  N N     . HIS A 1 105 ? 1.622   -8.550  -8.436  1.00 17.20  ? 105 HIS A N     1 
ATOM   786  C CA    . HIS A 1 105 ? 0.942   -9.306  -7.373  1.00 17.10  ? 105 HIS A CA    1 
ATOM   787  C C     . HIS A 1 105 ? 1.283   -8.610  -6.075  1.00 29.15  ? 105 HIS A C     1 
ATOM   788  O O     . HIS A 1 105 ? 2.366   -8.034  -5.973  1.00 22.75  ? 105 HIS A O     1 
ATOM   789  C CB    . HIS A 1 105 ? 1.501   -10.717 -7.235  1.00 19.76  ? 105 HIS A CB    1 
ATOM   790  C CG    . HIS A 1 105 ? 1.347   -11.545 -8.470  1.00 27.31  ? 105 HIS A CG    1 
ATOM   791  N ND1   . HIS A 1 105 ? 0.336   -12.481 -8.569  1.00 29.91  ? 105 HIS A ND1   1 
ATOM   792  C CD2   . HIS A 1 105 ? 2.061   -11.575 -9.631  1.00 26.02  ? 105 HIS A CD2   1 
ATOM   793  C CE1   . HIS A 1 105 ? 0.444   -13.046 -9.785  1.00 29.61  ? 105 HIS A CE1   1 
ATOM   794  N NE2   . HIS A 1 105 ? 1.470   -12.531 -10.448 1.00 24.35  ? 105 HIS A NE2   1 
ATOM   795  N N     . ILE A 1 106 ? 0.385   -8.637  -5.088  1.00 17.31  ? 106 ILE A N     1 
ATOM   796  C CA    . ILE A 1 106 ? 0.676   -7.996  -3.810  1.00 17.27  ? 106 ILE A CA    1 
ATOM   797  C C     . ILE A 1 106 ? 0.851   -9.060  -2.724  1.00 22.49  ? 106 ILE A C     1 
ATOM   798  O O     . ILE A 1 106 ? 0.301   -10.149 -2.874  1.00 28.31  ? 106 ILE A O     1 
ATOM   799  C CB    . ILE A 1 106 ? -0.383  -6.978  -3.378  1.00 14.94  ? 106 ILE A CB    1 
ATOM   800  C CG1   . ILE A 1 106 ? -1.696  -7.698  -3.075  1.00 23.80  ? 106 ILE A CG1   1 
ATOM   801  C CG2   . ILE A 1 106 ? -0.594  -5.879  -4.428  1.00 16.04  ? 106 ILE A CG2   1 
ATOM   802  C CD1   . ILE A 1 106 ? -2.761  -6.791  -2.494  1.00 23.15  ? 106 ILE A CD1   1 
ATOM   803  N N     . ILE A 1 107 ? 1.576   -8.738  -1.629  1.00 18.14  ? 107 ILE A N     1 
ATOM   804  C CA    . ILE A 1 107 ? 1.818   -9.619  -0.468  1.00 16.71  ? 107 ILE A CA    1 
ATOM   805  C C     . ILE A 1 107 ? 1.438   -8.863  0.811   1.00 23.80  ? 107 ILE A C     1 
ATOM   806  O O     . ILE A 1 107 ? 1.999   -7.812  1.088   1.00 19.37  ? 107 ILE A O     1 
ATOM   807  C CB    . ILE A 1 107 ? 3.288   -10.051 -0.376  1.00 25.10  ? 107 ILE A CB    1 
ATOM   808  C CG1   . ILE A 1 107 ? 3.761   -10.657 -1.693  1.00 23.74  ? 107 ILE A CG1   1 
ATOM   809  C CG2   . ILE A 1 107 ? 3.521   -11.020 0.802   1.00 20.55  ? 107 ILE A CG2   1 
ATOM   810  C CD1   . ILE A 1 107 ? 5.142   -11.314 -1.618  1.00 26.19  ? 107 ILE A CD1   1 
ATOM   811  N N     . VAL A 1 108 ? 0.473   -9.357  1.586   1.00 20.87  ? 108 VAL A N     1 
ATOM   812  C CA    . VAL A 1 108 ? 0.068   -8.629  2.796   1.00 25.95  ? 108 VAL A CA    1 
ATOM   813  C C     . VAL A 1 108 ? 0.080   -9.538  4.018   1.00 27.91  ? 108 VAL A C     1 
ATOM   814  O O     . VAL A 1 108 ? 0.001   -10.767 3.883   1.00 26.31  ? 108 VAL A O     1 
ATOM   815  C CB    . VAL A 1 108 ? -1.332  -7.973  2.658   1.00 25.40  ? 108 VAL A CB    1 
ATOM   816  C CG1   . VAL A 1 108 ? -1.352  -6.899  1.592   1.00 24.04  ? 108 VAL A CG1   1 
ATOM   817  C CG2   . VAL A 1 108 ? -2.431  -8.984  2.313   1.00 24.10  ? 108 VAL A CG2   1 
ATOM   818  N N     . ALA A 1 109 ? 0.181   -8.949  5.215   1.00 19.79  ? 109 ALA A N     1 
ATOM   819  C CA    . ALA A 1 109 ? 0.127   -9.739  6.448   1.00 22.63  ? 109 ALA A CA    1 
ATOM   820  C C     . ALA A 1 109 ? -1.311  -9.622  6.969   1.00 27.57  ? 109 ALA A C     1 
ATOM   821  O O     . ALA A 1 109 ? -1.853  -8.507  6.968   1.00 27.93  ? 109 ALA A O     1 
ATOM   822  C CB    . ALA A 1 109 ? 1.082   -9.202  7.530   1.00 17.61  ? 109 ALA A CB    1 
ATOM   823  N N     . CYS A 1 110 ? -1.924  -10.746 7.421   1.00 25.99  ? 110 CYS A N     1 
ATOM   824  C CA    . CYS A 1 110 ? -3.322  -10.723 7.922   1.00 27.03  ? 110 CYS A CA    1 
ATOM   825  C C     . CYS A 1 110 ? -3.491  -11.129 9.374   1.00 35.11  ? 110 CYS A C     1 
ATOM   826  O O     . CYS A 1 110 ? -2.762  -11.975 9.919   1.00 24.04  ? 110 CYS A O     1 
ATOM   827  C CB    . CYS A 1 110 ? -4.242  -11.671 7.103   1.00 28.90  ? 110 CYS A CB    1 
ATOM   828  S SG    . CYS A 1 110 ? -4.216  -11.322 5.326   1.00 26.45  ? 110 CYS A SG    1 
ATOM   829  N N     . GLU A 1 111 ? -4.524  -10.572 9.984   1.00 33.95  ? 111 GLU A N     1 
ATOM   830  C CA    . GLU A 1 111 ? -4.784  -10.893 11.369  1.00 38.35  ? 111 GLU A CA    1 
ATOM   831  C C     . GLU A 1 111 ? -6.199  -10.587 11.819  1.00 34.94  ? 111 GLU A C     1 
ATOM   832  O O     . GLU A 1 111 ? -6.928  -9.805  11.235  1.00 28.76  ? 111 GLU A O     1 
ATOM   833  C CB    . GLU A 1 111 ? -3.964  -9.854  12.149  1.00 38.71  ? 111 GLU A CB    1 
ATOM   834  C CG    . GLU A 1 111 ? -3.203  -10.320 13.389  1.00 100.00 ? 111 GLU A CG    1 
ATOM   835  C CD    . GLU A 1 111 ? -2.234  -9.231  13.761  1.00 100.00 ? 111 GLU A CD    1 
ATOM   836  O OE1   . GLU A 1 111 ? -2.825  -8.117  14.130  1.00 73.61  ? 111 GLU A OE1   1 
ATOM   837  O OE2   . GLU A 1 111 ? -1.024  -9.346  13.637  1.00 79.49  ? 111 GLU A OE2   1 
ATOM   838  N N     . GLY A 1 112 ? -6.556  -11.174 12.945  1.00 37.62  ? 112 GLY A N     1 
ATOM   839  C CA    . GLY A 1 112 ? -7.828  -10.906 13.575  1.00 37.43  ? 112 GLY A CA    1 
ATOM   840  C C     . GLY A 1 112 ? -9.061  -11.689 13.173  1.00 42.96  ? 112 GLY A C     1 
ATOM   841  O O     . GLY A 1 112 ? -9.036  -12.670 12.428  1.00 40.82  ? 112 GLY A O     1 
ATOM   842  N N     . ASN A 1 113 ? -10.160 -11.212 13.738  1.00 49.00  ? 113 ASN A N     1 
ATOM   843  C CA    . ASN A 1 113 ? -11.451 -11.803 13.502  1.00 50.97  ? 113 ASN A CA    1 
ATOM   844  C C     . ASN A 1 113 ? -12.514 -10.737 13.400  1.00 55.50  ? 113 ASN A C     1 
ATOM   845  O O     . ASN A 1 113 ? -12.902 -10.113 14.380  1.00 76.93  ? 113 ASN A O     1 
ATOM   846  C CB    . ASN A 1 113 ? -11.786 -12.858 14.560  1.00 61.05  ? 113 ASN A CB    1 
ATOM   847  C CG    . ASN A 1 113 ? -13.114 -13.532 14.294  1.00 66.21  ? 113 ASN A CG    1 
ATOM   848  O OD1   . ASN A 1 113 ? -13.691 -13.406 13.207  1.00 83.58  ? 113 ASN A OD1   1 
ATOM   849  N ND2   . ASN A 1 113 ? -13.612 -14.238 15.305  1.00 100.00 ? 113 ASN A ND2   1 
ATOM   850  N N     . PRO A 1 114 ? -12.937 -10.488 12.171  1.00 55.87  ? 114 PRO A N     1 
ATOM   851  C CA    . PRO A 1 114 ? -12.483 -11.230 11.008  1.00 59.40  ? 114 PRO A CA    1 
ATOM   852  C C     . PRO A 1 114 ? -11.026 -10.994 10.572  1.00 39.11  ? 114 PRO A C     1 
ATOM   853  O O     . PRO A 1 114 ? -10.415 -9.968  10.836  1.00 31.95  ? 114 PRO A O     1 
ATOM   854  C CB    . PRO A 1 114 ? -13.410 -10.744 9.909   1.00 37.94  ? 114 PRO A CB    1 
ATOM   855  C CG    . PRO A 1 114 ? -13.827 -9.329  10.301  1.00 44.29  ? 114 PRO A CG    1 
ATOM   856  C CD    . PRO A 1 114 ? -13.500 -9.168  11.780  1.00 46.59  ? 114 PRO A CD    1 
ATOM   857  N N     . TYR A 1 115 ? -10.495 -11.985 9.876   1.00 27.03  ? 115 TYR A N     1 
ATOM   858  C CA    . TYR A 1 115 ? -9.141  -11.992 9.378   1.00 47.30  ? 115 TYR A CA    1 
ATOM   859  C C     . TYR A 1 115 ? -8.989  -11.107 8.140   1.00 37.28  ? 115 TYR A C     1 
ATOM   860  O O     . TYR A 1 115 ? -9.365  -11.471 7.018   1.00 39.30  ? 115 TYR A O     1 
ATOM   861  C CB    . TYR A 1 115 ? -8.899  -13.454 9.024   1.00 29.74  ? 115 TYR A CB    1 
ATOM   862  C CG    . TYR A 1 115 ? -7.478  -13.955 8.936   1.00 37.46  ? 115 TYR A CG    1 
ATOM   863  C CD1   . TYR A 1 115 ? -6.619  -13.769 10.019  1.00 28.87  ? 115 TYR A CD1   1 
ATOM   864  C CD2   . TYR A 1 115 ? -7.014  -14.657 7.819   1.00 34.93  ? 115 TYR A CD2   1 
ATOM   865  C CE1   . TYR A 1 115 ? -5.316  -14.260 9.969   1.00 30.08  ? 115 TYR A CE1   1 
ATOM   866  C CE2   . TYR A 1 115 ? -5.726  -15.193 7.753   1.00 29.93  ? 115 TYR A CE2   1 
ATOM   867  C CZ    . TYR A 1 115 ? -4.885  -14.973 8.846   1.00 38.41  ? 115 TYR A CZ    1 
ATOM   868  O OH    . TYR A 1 115 ? -3.608  -15.461 8.839   1.00 35.29  ? 115 TYR A OH    1 
ATOM   869  N N     . VAL A 1 116 ? -8.413  -9.932  8.361   1.00 33.86  ? 116 VAL A N     1 
ATOM   870  C CA    . VAL A 1 116 ? -8.190  -8.950  7.308   1.00 26.99  ? 116 VAL A CA    1 
ATOM   871  C C     . VAL A 1 116 ? -6.728  -8.487  7.273   1.00 33.79  ? 116 VAL A C     1 
ATOM   872  O O     . VAL A 1 116 ? -5.944  -8.822  8.176   1.00 26.68  ? 116 VAL A O     1 
ATOM   873  C CB    . VAL A 1 116 ? -9.183  -7.836  7.540   1.00 26.28  ? 116 VAL A CB    1 
ATOM   874  C CG1   . VAL A 1 116 ? -10.528 -8.538  7.670   1.00 25.94  ? 116 VAL A CG1   1 
ATOM   875  C CG2   . VAL A 1 116 ? -8.885  -7.203  8.905   1.00 27.59  ? 116 VAL A CG2   1 
ATOM   876  N N     . PRO A 1 117 ? -6.352  -7.745  6.227   1.00 27.27  ? 117 PRO A N     1 
ATOM   877  C CA    . PRO A 1 117 ? -4.972  -7.265  6.059   1.00 28.19  ? 117 PRO A CA    1 
ATOM   878  C C     . PRO A 1 117 ? -4.572  -6.201  7.074   1.00 36.62  ? 117 PRO A C     1 
ATOM   879  O O     . PRO A 1 117 ? -5.325  -5.256  7.293   1.00 22.28  ? 117 PRO A O     1 
ATOM   880  C CB    . PRO A 1 117 ? -4.921  -6.639  4.650   1.00 26.06  ? 117 PRO A CB    1 
ATOM   881  C CG    . PRO A 1 117 ? -6.217  -7.013  3.928   1.00 23.34  ? 117 PRO A CG    1 
ATOM   882  C CD    . PRO A 1 117 ? -7.184  -7.475  5.019   1.00 28.96  ? 117 PRO A CD    1 
ATOM   883  N N     . VAL A 1 118 ? -3.381  -6.315  7.679   1.00 25.96  ? 118 VAL A N     1 
ATOM   884  C CA    . VAL A 1 118 ? -2.935  -5.302  8.646   1.00 23.62  ? 118 VAL A CA    1 
ATOM   885  C C     . VAL A 1 118 ? -1.578  -4.692  8.295   1.00 42.97  ? 118 VAL A C     1 
ATOM   886  O O     . VAL A 1 118 ? -1.150  -3.723  8.928   1.00 25.88  ? 118 VAL A O     1 
ATOM   887  C CB    . VAL A 1 118 ? -2.909  -5.797  10.082  1.00 28.09  ? 118 VAL A CB    1 
ATOM   888  C CG1   . VAL A 1 118 ? -4.334  -6.097  10.493  1.00 31.40  ? 118 VAL A CG1   1 
ATOM   889  C CG2   . VAL A 1 118 ? -2.097  -7.096  10.154  1.00 21.16  ? 118 VAL A CG2   1 
ATOM   890  N N     . HIS A 1 119 ? -0.888  -5.259  7.300   1.00 19.58  ? 119 HIS A N     1 
ATOM   891  C CA    . HIS A 1 119 ? 0.408   -4.728  6.860   1.00 23.81  ? 119 HIS A CA    1 
ATOM   892  C C     . HIS A 1 119 ? 0.644   -5.027  5.377   1.00 20.87  ? 119 HIS A C     1 
ATOM   893  O O     . HIS A 1 119 ? 0.158   -6.047  4.922   1.00 26.14  ? 119 HIS A O     1 
ATOM   894  C CB    . HIS A 1 119 ? 1.605   -5.300  7.675   1.00 25.99  ? 119 HIS A CB    1 
ATOM   895  C CG    . HIS A 1 119 ? 1.588   -4.932  9.128   1.00 46.99  ? 119 HIS A CG    1 
ATOM   896  N ND1   . HIS A 1 119 ? 1.770   -3.624  9.551   1.00 41.31  ? 119 HIS A ND1   1 
ATOM   897  C CD2   . HIS A 1 119 ? 1.422   -5.704  10.239  1.00 42.08  ? 119 HIS A CD2   1 
ATOM   898  C CE1   . HIS A 1 119 ? 1.698   -3.622  10.878  1.00 44.64  ? 119 HIS A CE1   1 
ATOM   899  N NE2   . HIS A 1 119 ? 1.482   -4.851  11.325  1.00 39.83  ? 119 HIS A NE2   1 
ATOM   900  N N     . PHE A 1 120 ? 1.390   -4.169  4.675   1.00 21.13  ? 120 PHE A N     1 
ATOM   901  C CA    . PHE A 1 120 ? 1.765   -4.308  3.245   1.00 20.72  ? 120 PHE A CA    1 
ATOM   902  C C     . PHE A 1 120 ? 3.235   -4.715  3.189   1.00 29.01  ? 120 PHE A C     1 
ATOM   903  O O     . PHE A 1 120 ? 4.106   -3.900  3.429   1.00 24.44  ? 120 PHE A O     1 
ATOM   904  C CB    . PHE A 1 120 ? 1.521   -3.021  2.393   1.00 16.94  ? 120 PHE A CB    1 
ATOM   905  C CG    . PHE A 1 120 ? 1.524   -3.278  0.883   1.00 28.76  ? 120 PHE A CG    1 
ATOM   906  C CD1   . PHE A 1 120 ? 2.748   -3.369  0.213   1.00 28.15  ? 120 PHE A CD1   1 
ATOM   907  C CD2   . PHE A 1 120 ? 0.348   -3.410  0.137   1.00 23.03  ? 120 PHE A CD2   1 
ATOM   908  C CE1   . PHE A 1 120 ? 2.820   -3.621  -1.156  1.00 27.36  ? 120 PHE A CE1   1 
ATOM   909  C CE2   . PHE A 1 120 ? 0.385   -3.676  -1.234  1.00 23.94  ? 120 PHE A CE2   1 
ATOM   910  C CZ    . PHE A 1 120 ? 1.626   -3.794  -1.861  1.00 29.57  ? 120 PHE A CZ    1 
ATOM   911  N N     . ASP A 1 121 ? 3.518   -5.972  2.900   1.00 21.22  ? 121 ASP A N     1 
ATOM   912  C CA    . ASP A 1 121 ? 4.872   -6.501  2.882   1.00 26.74  ? 121 ASP A CA    1 
ATOM   913  C C     . ASP A 1 121 ? 5.714   -6.178  1.645   1.00 45.04  ? 121 ASP A C     1 
ATOM   914  O O     . ASP A 1 121 ? 6.878   -5.806  1.766   1.00 25.84  ? 121 ASP A O     1 
ATOM   915  C CB    . ASP A 1 121 ? 4.872   -8.033  3.170   1.00 21.47  ? 121 ASP A CB    1 
ATOM   916  C CG    . ASP A 1 121 ? 6.158   -8.602  3.755   1.00 35.62  ? 121 ASP A CG    1 
ATOM   917  O OD1   . ASP A 1 121 ? 6.479   -8.082  4.897   1.00 28.09  ? 121 ASP A OD1   1 
ATOM   918  O OD2   . ASP A 1 121 ? 6.840   -9.465  3.251   1.00 29.56  ? 121 ASP A OD2   1 
ATOM   919  N N     . ALA A 1 122 ? 5.150   -6.338  0.449   1.00 22.48  ? 122 ALA A N     1 
ATOM   920  C CA    . ALA A 1 122 ? 5.879   -6.101  -0.778  1.00 27.37  ? 122 ALA A CA    1 
ATOM   921  C C     . ALA A 1 122 ? 4.987   -6.365  -1.982  1.00 35.78  ? 122 ALA A C     1 
ATOM   922  O O     . ALA A 1 122 ? 3.866   -6.816  -1.819  1.00 20.79  ? 122 ALA A O     1 
ATOM   923  C CB    . ALA A 1 122 ? 6.981   -7.157  -0.815  1.00 21.44  ? 122 ALA A CB    1 
ATOM   924  N N     . SER A 1 123 ? 5.500   -6.102  -3.184  1.00 20.03  ? 123 SER A N     1 
ATOM   925  C CA    . SER A 1 123 ? 4.794   -6.372  -4.438  1.00 23.35  ? 123 SER A CA    1 
ATOM   926  C C     . SER A 1 123 ? 5.709   -7.250  -5.275  1.00 32.94  ? 123 SER A C     1 
ATOM   927  O O     . SER A 1 123 ? 6.917   -7.203  -5.070  1.00 29.13  ? 123 SER A O     1 
ATOM   928  C CB    . SER A 1 123 ? 4.351   -5.120  -5.175  1.00 22.83  ? 123 SER A CB    1 
ATOM   929  O OG    . SER A 1 123 ? 5.438   -4.475  -5.823  1.00 31.15  ? 123 SER A OG    1 
ATOM   930  N N     . VAL A 1 124 ? 5.170   -8.091  -6.163  1.00 27.99  ? 124 VAL A N     1 
ATOM   931  C CA    . VAL A 1 124 ? 6.006   -8.969  -6.989  1.00 31.21  ? 124 VAL A CA    1 
ATOM   932  C C     . VAL A 1 124 ? 5.632   -8.957  -8.446  1.00 42.30  ? 124 VAL A C     1 
ATOM   933  O O     . VAL A 1 124 ? 4.459   -9.297  -8.700  1.00 35.60  ? 124 VAL A O     1 
ATOM   934  C CB    . VAL A 1 124 ? 6.050   -10.454 -6.634  1.00 37.82  ? 124 VAL A CB    1 
ATOM   935  C CG1   . VAL A 1 124 ? 7.478   -10.937 -6.883  1.00 48.21  ? 124 VAL A CG1   1 
ATOM   936  C CG2   . VAL A 1 124 ? 5.669   -10.673 -5.195  1.00 57.66  ? 124 VAL A CG2   1 
ATOM   937  O OXT   . VAL A 1 124 ? 6.558   -8.687  -9.254  1.00 39.10  ? 124 VAL A OXT   1 
HETATM 938  N N1    . U3P B 2 .   ? 5.532   -0.220  2.400   1.00 36.00  ? 125 U3P A N1    1 
HETATM 939  C C2    . U3P B 2 .   ? 4.760   -0.067  1.267   1.00 22.79  ? 125 U3P A C2    1 
HETATM 940  N N3    . U3P B 2 .   ? 5.152   -0.809  0.181   1.00 27.82  ? 125 U3P A N3    1 
HETATM 941  C C4    . U3P B 2 .   ? 6.202   -1.710  0.129   1.00 42.47  ? 125 U3P A C4    1 
HETATM 942  C C5    . U3P B 2 .   ? 6.972   -1.798  1.351   1.00 37.30  ? 125 U3P A C5    1 
HETATM 943  C C6    . U3P B 2 .   ? 6.621   -1.061  2.423   1.00 34.60  ? 125 U3P A C6    1 
HETATM 944  O O2    . U3P B 2 .   ? 3.809   0.681   1.206   1.00 27.75  ? 125 U3P A O2    1 
HETATM 945  O O4    . U3P B 2 .   ? 6.413   -2.353  -0.906  1.00 37.90  ? 125 U3P A O4    1 
HETATM 946  P P     . U3P B 2 .   ? 2.774   -1.225  7.013   1.00 52.71  ? 125 U3P A P     1 
HETATM 947  O O1P   . U3P B 2 .   ? 2.857   -2.559  6.368   1.00 48.89  ? 125 U3P A O1P   1 
HETATM 948  O O2P   . U3P B 2 .   ? 1.765   -0.412  6.301   1.00 30.57  ? 125 U3P A O2P   1 
HETATM 949  O O3P   . U3P B 2 .   ? 2.582   -1.267  8.485   1.00 39.16  ? 125 U3P A O3P   1 
HETATM 950  O "O5'" . U3P B 2 .   ? 8.633   0.041   6.220   1.00 79.49  ? 125 U3P A "O5'" 1 
HETATM 951  C "C5'" . U3P B 2 .   ? 7.389   -0.660  6.221   1.00 45.04  ? 125 U3P A "C5'" 1 
HETATM 952  C "C4'" . U3P B 2 .   ? 6.212   0.186   5.717   1.00 41.09  ? 125 U3P A "C4'" 1 
HETATM 953  O "O4'" . U3P B 2 .   ? 6.452   0.685   4.365   1.00 41.63  ? 125 U3P A "O4'" 1 
HETATM 954  C "C3'" . U3P B 2 .   ? 4.911   -0.614  5.603   1.00 48.12  ? 125 U3P A "C3'" 1 
HETATM 955  O "O3'" . U3P B 2 .   ? 4.202   -0.528  6.840   1.00 47.57  ? 125 U3P A "O3'" 1 
HETATM 956  C "C2'" . U3P B 2 .   ? 4.142   0.074   4.467   1.00 34.69  ? 125 U3P A "C2'" 1 
HETATM 957  O "O2'" . U3P B 2 .   ? 3.397   1.207   4.905   1.00 37.87  ? 125 U3P A "O2'" 1 
HETATM 958  C "C1'" . U3P B 2 .   ? 5.265   0.592   3.586   1.00 32.14  ? 125 U3P A "C1'" 1 
HETATM 959  O O     . HOH C 3 .   ? -5.878  -12.519 -6.735  1.00 33.98  ? 201 HOH A O     1 
HETATM 960  O O     . HOH C 3 .   ? -10.594 3.857   -1.755  1.00 32.58  ? 202 HOH A O     1 
HETATM 961  O O     . HOH C 3 .   ? -6.803  11.072  -0.091  1.00 34.95  ? 203 HOH A O     1 
HETATM 962  O O     . HOH C 3 .   ? -1.816  -1.548  10.112  1.00 37.99  ? 204 HOH A O     1 
HETATM 963  O O     . HOH C 3 .   ? -10.661 6.570   -3.016  1.00 47.00  ? 205 HOH A O     1 
HETATM 964  O O     . HOH C 3 .   ? 5.670   -2.472  -3.742  1.00 45.10  ? 206 HOH A O     1 
HETATM 965  O O     . HOH C 3 .   ? 9.721   2.025   4.752   1.00 38.61  ? 207 HOH A O     1 
HETATM 966  O O     . HOH C 3 .   ? -6.672  9.250   -6.241  1.00 49.64  ? 208 HOH A O     1 
HETATM 967  O O     . HOH C 3 .   ? 4.060   -8.948  -12.355 1.00 60.84  ? 209 HOH A O     1 
HETATM 968  O O     . HOH C 3 .   ? -9.670  3.846   7.928   1.00 62.31  ? 210 HOH A O     1 
HETATM 969  O O     . HOH C 3 .   ? -6.883  15.382  3.482   1.00 42.04  ? 211 HOH A O     1 
HETATM 970  O O     . HOH C 3 .   ? 0.590   -23.225 3.533   1.00 60.42  ? 212 HOH A O     1 
HETATM 971  O O     . HOH C 3 .   ? 8.299   4.902   -7.371  1.00 37.13  ? 213 HOH A O     1 
HETATM 972  O O     . HOH C 3 .   ? -15.729 -3.626  -1.757  1.00 44.72  ? 214 HOH A O     1 
HETATM 973  O O     . HOH C 3 .   ? -10.513 -4.072  6.232   1.00 30.54  ? 215 HOH A O     1 
HETATM 974  O O     . HOH C 3 .   ? 4.947   -4.157  6.934   1.00 45.41  ? 216 HOH A O     1 
HETATM 975  O O     . HOH C 3 .   ? 7.921   3.788   4.422   1.00 36.51  ? 217 HOH A O     1 
HETATM 976  O O     . HOH C 3 .   ? -8.491  -7.684  -8.310  1.00 37.64  ? 218 HOH A O     1 
HETATM 977  O O     . HOH C 3 .   ? 4.532   -6.822  6.722   1.00 35.19  ? 219 HOH A O     1 
HETATM 978  O O     . HOH C 3 .   ? -9.873  10.320  -6.992  1.00 48.26  ? 220 HOH A O     1 
HETATM 979  O O     . HOH C 3 .   ? 8.056   -4.432  -3.269  1.00 46.60  ? 221 HOH A O     1 
HETATM 980  O O     . HOH C 3 .   ? -4.125  -6.102  -13.398 1.00 59.82  ? 222 HOH A O     1 
HETATM 981  O O     . HOH C 3 .   ? -6.701  -18.264 5.137   1.00 57.41  ? 223 HOH A O     1 
HETATM 982  O O     . HOH C 3 .   ? 6.935   8.907   -12.964 1.00 48.43  ? 224 HOH A O     1 
HETATM 983  O O     . HOH C 3 .   ? 0.092   14.900  4.890   1.00 57.90  ? 225 HOH A O     1 
HETATM 984  O O     . HOH C 3 .   ? -9.371  6.088   -13.108 1.00 57.34  ? 226 HOH A O     1 
HETATM 985  O O     . HOH C 3 .   ? 7.179   -14.386 -4.181  1.00 46.57  ? 227 HOH A O     1 
HETATM 986  O O     . HOH C 3 .   ? 3.926   15.523  -1.054  1.00 50.84  ? 228 HOH A O     1 
HETATM 987  O O     . HOH C 3 .   ? 1.032   0.738   9.962   1.00 85.76  ? 229 HOH A O     1 
HETATM 988  O O     . HOH C 3 .   ? 1.343   -9.389  11.622  1.00 46.82  ? 230 HOH A O     1 
HETATM 989  O O     . HOH C 3 .   ? 2.107   13.653  -16.451 1.00 67.15  ? 231 HOH A O     1 
HETATM 990  O O     . HOH C 3 .   ? 9.883   -8.137  1.528   1.00 59.77  ? 232 HOH A O     1 
HETATM 991  O O     . HOH C 3 .   ? -10.492 -8.028  12.328  1.00 44.02  ? 233 HOH A O     1 
HETATM 992  O O     . HOH C 3 .   ? -2.204  -21.544 1.014   1.00 58.93  ? 234 HOH A O     1 
HETATM 993  O O     . HOH C 3 .   ? -8.591  8.521   -2.710  1.00 51.28  ? 235 HOH A O     1 
HETATM 994  O O     . HOH C 3 .   ? 9.576   -8.371  -4.538  1.00 56.57  ? 236 HOH A O     1 
HETATM 995  O O     . HOH C 3 .   ? -1.051  -0.369  -14.910 1.00 56.06  ? 237 HOH A O     1 
HETATM 996  O O     . HOH C 3 .   ? 3.803   2.208   7.937   1.00 73.92  ? 238 HOH A O     1 
HETATM 997  O O     . HOH C 3 .   ? -8.597  -11.143 -4.883  1.00 29.60  ? 239 HOH A O     1 
HETATM 998  O O     . HOH C 3 .   ? -10.115 -6.170  -11.253 1.00 63.48  ? 240 HOH A O     1 
HETATM 999  O O     . HOH C 3 .   ? -5.483  -13.062 14.287  1.00 72.53  ? 241 HOH A O     1 
HETATM 1000 O O     . HOH C 3 .   ? -0.545  -0.695  6.987   1.00 57.19  ? 242 HOH A O     1 
HETATM 1001 O O     . HOH C 3 .   ? -14.469 -0.803  -2.742  1.00 56.44  ? 243 HOH A O     1 
HETATM 1002 O O     . HOH C 3 .   ? -7.003  -20.934 -1.789  1.00 61.97  ? 244 HOH A O     1 
HETATM 1003 O O     . HOH C 3 .   ? -8.095  -10.622 -7.661  1.00 30.31  ? 245 HOH A O     1 
HETATM 1004 O O     . HOH C 3 .   ? -13.770 -10.612 0.727   1.00 53.03  ? 246 HOH A O     1 
HETATM 1005 O O     . HOH C 3 .   ? -5.739  11.691  8.742   1.00 52.50  ? 247 HOH A O     1 
HETATM 1006 O O     . HOH C 3 .   ? -15.659 -5.586  2.486   1.00 79.15  ? 248 HOH A O     1 
HETATM 1007 O O     . HOH C 3 .   ? -0.138  -5.174  14.032  1.00 79.47  ? 249 HOH A O     1 
HETATM 1008 O O     . HOH C 3 .   ? -10.090 2.136   19.127  1.00 74.30  ? 250 HOH A O     1 
HETATM 1009 O O     . HOH C 3 .   ? 4.249   5.604   -14.220 1.00 56.25  ? 251 HOH A O     1 
HETATM 1010 O O     . HOH C 3 .   ? 8.754   -5.734  4.916   1.00 75.78  ? 252 HOH A O     1 
HETATM 1011 O O     . HOH C 3 .   ? 9.342   -12.110 -3.043  1.00 44.52  ? 253 HOH A O     1 
HETATM 1012 O O     . HOH C 3 .   ? 7.385   10.893  -10.925 1.00 47.96  ? 254 HOH A O     1 
HETATM 1013 O O     . HOH C 3 .   ? -6.646  -4.796  -12.378 1.00 66.34  ? 255 HOH A O     1 
HETATM 1014 O O     . HOH C 3 .   ? 3.551   -3.869  -15.218 1.00 65.02  ? 256 HOH A O     1 
HETATM 1015 O O     . HOH C 3 .   ? -17.134 -4.280  0.784   1.00 55.13  ? 257 HOH A O     1 
HETATM 1016 O O     . HOH C 3 .   ? 14.347  -11.799 8.639   1.00 57.77  ? 258 HOH A O     1 
HETATM 1017 O O     . HOH C 3 .   ? 11.524  13.429  6.981   1.00 59.24  ? 259 HOH A O     1 
HETATM 1018 O O     . HOH C 3 .   ? -10.298 2.315   14.297  1.00 52.77  ? 260 HOH A O     1 
HETATM 1019 O O     . HOH C 3 .   ? 13.488  10.647  5.047   1.00 67.34  ? 261 HOH A O     1 
HETATM 1020 O O     . HOH C 3 .   ? -7.761  -3.970  6.511   1.00 33.98  ? 262 HOH A O     1 
HETATM 1021 O O     . HOH C 3 .   ? -8.294  -7.147  -14.532 1.00 65.43  ? 263 HOH A O     1 
HETATM 1022 O O     . HOH C 3 .   ? 10.315  -4.793  -0.815  0.50 71.87  ? 264 HOH A O     1 
HETATM 1023 O O     . HOH C 3 .   ? 1.792   7.048   -15.352 1.00 68.48  ? 265 HOH A O     1 
HETATM 1024 O O     . HOH C 3 .   ? 10.141  -2.143  3.742   1.00 64.16  ? 266 HOH A O     1 
HETATM 1025 O O     . HOH C 3 .   ? -5.982  8.920   -11.593 1.00 76.85  ? 267 HOH A O     1 
HETATM 1026 O O     . HOH C 3 .   ? 7.525   4.047   7.526   1.00 61.33  ? 268 HOH A O     1 
HETATM 1027 O O     . HOH C 3 .   ? -18.120 -5.276  -3.741  1.00 93.67  ? 269 HOH A O     1 
HETATM 1028 O O     . HOH C 3 .   ? -7.247  -4.624  13.700  1.00 55.25  ? 270 HOH A O     1 
HETATM 1029 O O     . HOH C 3 .   ? 4.751   -5.794  12.066  1.00 100.00 ? 271 HOH A O     1 
HETATM 1030 O O     . HOH C 3 .   ? -4.727  9.000   7.398   1.00 66.27  ? 272 HOH A O     1 
HETATM 1031 O O     . HOH C 3 .   ? -5.884  11.170  -8.724  1.00 68.75  ? 273 HOH A O     1 
HETATM 1032 O O     . HOH C 3 .   ? -19.243 -6.504  0.630   1.00 100.00 ? 274 HOH A O     1 
HETATM 1033 O O     . HOH C 3 .   ? 8.651   -5.383  -7.006  0.50 61.75  ? 275 HOH A O     1 
HETATM 1034 O O     . HOH C 3 .   ? 16.723  12.566  -6.541  1.00 79.67  ? 276 HOH A O     1 
HETATM 1035 O O     . HOH C 3 .   ? -11.366 -4.882  -8.102  1.00 33.31  ? 277 HOH A O     1 
HETATM 1036 O O     . HOH C 3 .   ? 4.476   10.405  8.381   1.00 83.00  ? 278 HOH A O     1 
HETATM 1037 O O     . HOH C 3 .   ? 4.970   12.222  -7.520  1.00 34.90  ? 279 HOH A O     1 
HETATM 1038 O O     . HOH C 3 .   ? 3.851   -10.610 10.375  1.00 46.57  ? 280 HOH A O     1 
HETATM 1039 O O     . HOH C 3 .   ? -6.448  -3.462  16.381  1.00 74.41  ? 281 HOH A O     1 
HETATM 1040 O O     . HOH C 3 .   ? -15.744 -8.584  1.601   1.00 76.68  ? 282 HOH A O     1 
HETATM 1041 O O     . HOH C 3 .   ? 4.785   -8.518  8.970   1.00 34.67  ? 283 HOH A O     1 
HETATM 1042 O O     . HOH C 3 .   ? 7.721   -8.614  7.834   1.00 33.39  ? 284 HOH A O     1 
HETATM 1043 O O     . HOH C 3 .   ? -13.688 -10.767 -4.588  1.00 84.78  ? 285 HOH A O     1 
HETATM 1044 O O     . HOH C 3 .   ? -7.599  -7.499  12.632  1.00 53.72  ? 286 HOH A O     1 
HETATM 1045 O O     . HOH C 3 .   ? -8.553  10.910  -2.585  1.00 46.37  ? 287 HOH A O     1 
HETATM 1046 O O     . HOH C 3 .   ? -10.533 -13.822 2.855   1.00 57.01  ? 288 HOH A O     1 
HETATM 1047 O O     . HOH C 3 .   ? -4.161  -6.160  15.078  1.00 78.15  ? 289 HOH A O     1 
HETATM 1048 O O     . HOH C 3 .   ? -7.261  6.850   -14.858 1.00 77.97  ? 290 HOH A O     1 
HETATM 1049 O O     . HOH C 3 .   ? 1.817   18.511  -3.487  1.00 70.37  ? 291 HOH A O     1 
HETATM 1050 O O     . HOH C 3 .   ? 4.740   0.006   -9.165  1.00 79.79  ? 292 HOH A O     1 
HETATM 1051 O O     . HOH C 3 .   ? 10.485  -9.528  -2.378  1.00 72.64  ? 293 HOH A O     1 
HETATM 1052 O O     . HOH C 3 .   ? -11.907 -5.285  11.182  1.00 69.87  ? 294 HOH A O     1 
# 
